data_7IBI
# 
_entry.id   7IBI 
# 
_audit_conform.dict_name       mmcif_pdbx.dic 
_audit_conform.dict_version    5.408 
_audit_conform.dict_location   http://mmcif.pdb.org/dictionaries/ascii/mmcif_pdbx.dic 
# 
loop_
_database_2.database_id 
_database_2.database_code 
_database_2.pdbx_database_accession 
_database_2.pdbx_DOI 
PDB   7IBI         pdb_00007ibi 10.2210/pdb7ibi/pdb 
WWPDB D_1001408557 ?            ?                   
# 
loop_
_pdbx_audit_revision_history.ordinal 
_pdbx_audit_revision_history.data_content_type 
_pdbx_audit_revision_history.major_revision 
_pdbx_audit_revision_history.minor_revision 
_pdbx_audit_revision_history.revision_date 
_pdbx_audit_revision_history.part_number 
1 'Structure model' 1 0 2025-10-22 ? 
2 'Structure model' 1 1 2025-12-10 ? 
# 
_pdbx_audit_revision_details.ordinal             1 
_pdbx_audit_revision_details.revision_ordinal    1 
_pdbx_audit_revision_details.data_content_type   'Structure model' 
_pdbx_audit_revision_details.provider            repository 
_pdbx_audit_revision_details.type                'Initial release' 
_pdbx_audit_revision_details.description         ? 
_pdbx_audit_revision_details.details             ? 
# 
_pdbx_audit_revision_group.ordinal             1 
_pdbx_audit_revision_group.revision_ordinal    2 
_pdbx_audit_revision_group.data_content_type   'Structure model' 
_pdbx_audit_revision_group.group               'Database references' 
# 
_pdbx_audit_revision_category.ordinal             1 
_pdbx_audit_revision_category.revision_ordinal    2 
_pdbx_audit_revision_category.data_content_type   'Structure model' 
_pdbx_audit_revision_category.category            citation 
# 
loop_
_pdbx_audit_revision_item.ordinal 
_pdbx_audit_revision_item.revision_ordinal 
_pdbx_audit_revision_item.data_content_type 
_pdbx_audit_revision_item.item 
1 2 'Structure model' '_citation.journal_volume' 
2 2 'Structure model' '_citation.page_first'     
3 2 'Structure model' '_citation.page_last'      
# 
loop_
_database_PDB_caveat.id 
_database_PDB_caveat.text 
1 
'Residues LEU A 46 and LYS A 47 that are next to each other in the sample sequence are not properly linked in conformers C and D.' 
2 
'Residues LYS A 47 and ASP A 48 that are next to each other in the sample sequence are not properly linked in conformers C and D.' 
# 
_pdbx_database_status.entry_id                        7IBI 
_pdbx_database_status.status_code                     REL 
_pdbx_database_status.status_code_sf                  REL 
_pdbx_database_status.status_code_mr                  ? 
_pdbx_database_status.status_code_cs                  ? 
_pdbx_database_status.recvd_initial_deposition_date   2025-05-27 
_pdbx_database_status.status_code_nmr_data            ? 
_pdbx_database_status.deposit_site                    RCSB 
_pdbx_database_status.process_site                    RCSB 
_pdbx_database_status.SG_entry                        ? 
_pdbx_database_status.pdb_format_compatible           N 
_pdbx_database_status.methods_development_category    ? 
# 
_pdbx_contact_author.id                 2 
_pdbx_contact_author.name_last          Weiss 
_pdbx_contact_author.name_first         Manfred 
_pdbx_contact_author.name_mi            S. 
_pdbx_contact_author.email              manfred.weiss@helmholtz-berlin.de 
_pdbx_contact_author.identifier_ORCID   0000-0002-2362-7047 
_pdbx_contact_author.role               'principal investigator/group leader' 
# 
loop_
_audit_author.pdbx_ordinal 
_audit_author.name 
_audit_author.identifier_ORCID 
1 'Lennartz, F.' 0000-0001-5617-5502 
2 'Weiss, M.S.'  0000-0002-2362-7047 
# 
_citation.id                        primary 
_citation.title                     
;Crystallographic fragment screening against SARS-CoV-2 nonstructural protein 1 using the F2X-Entry Screen and a newly developed fragment library.
;
_citation.journal_abbrev            'Acta Crystallogr D Struct Biol' 
_citation.journal_volume            81 
_citation.page_first                630 
_citation.page_last                 645 
_citation.year                      2025 
_citation.journal_id_ASTM           ? 
_citation.country                   ? 
_citation.journal_id_ISSN           2059-7983 
_citation.journal_id_CSD            ? 
_citation.book_publisher            ? 
_citation.pdbx_database_id_PubMed   41081353 
_citation.pdbx_database_id_DOI      10.1107/S2059798325008563 
# 
loop_
_citation_author.ordinal 
_citation_author.citation_id 
_citation_author.name 
_citation_author.identifier_ORCID 
1  primary 'Lennartz, F.'    ?                   
2  primary 'Wollenhaupt, J.' 0000-0002-3418-5213 
3  primary 'Oelker, M.'      0000-0001-7301-8445 
4  primary 'Froling, P.'     ?                   
5  primary 'Mueller, U.'     0000-0002-7139-0718 
6  primary 'Deckers, A.'     ?                   
7  primary 'Grathwol, C.'    ?                   
8  primary 'Brase, S.'       ?                   
9  primary 'Jung, N.'        0000-0001-9513-2468 
10 primary 'Weiss, M.S.'     0000-0002-2362-7047 
# 
loop_
_entity.id 
_entity.type 
_entity.src_method 
_entity.pdbx_description 
_entity.formula_weight 
_entity.pdbx_number_of_molecules 
_entity.pdbx_ec 
_entity.pdbx_mutation 
_entity.pdbx_fragment 
_entity.details 
1 polymer     man 'Host translation inhibitor nsp1'     12863.854 1  ? ? ? ? 
2 non-polymer syn "N,N'-(pyridine-2,6-diyl)diacetamide" 193.203   1  ? ? ? ? 
3 water       nat water                                 18.015    81 ? ? ? ? 
# 
_entity_name_com.entity_id   1 
_entity_name_com.name        'Leader protein,Non-structural protein 1,nsp1' 
# 
_entity_poly.entity_id                      1 
_entity_poly.type                           'polypeptide(L)' 
_entity_poly.nstd_linkage                   no 
_entity_poly.nstd_monomer                   no 
_entity_poly.pdbx_seq_one_letter_code       
;EKTHVQLSLPVLQVRDVLVRGFGDSVEEVLSEARQHLKDGTCGLVEVEKGVLPQLEQPYVFIKRSDARTAPHGHVMVELV
AELEGIQYGRSGETLGVLVPHVGEIPVAYRKVLLRK
;
_entity_poly.pdbx_seq_one_letter_code_can   
;EKTHVQLSLPVLQVRDVLVRGFGDSVEEVLSEARQHLKDGTCGLVEVEKGVLPQLEQPYVFIKRSDARTAPHGHVMVELV
AELEGIQYGRSGETLGVLVPHVGEIPVAYRKVLLRK
;
_entity_poly.pdbx_strand_id                 A 
_entity_poly.pdbx_target_identifier         ? 
# 
loop_
_pdbx_entity_nonpoly.entity_id 
_pdbx_entity_nonpoly.name 
_pdbx_entity_nonpoly.comp_id 
2 "N,N'-(pyridine-2,6-diyl)diacetamide" A1CS5 
3 water                                 HOH   
# 
loop_
_entity_poly_seq.entity_id 
_entity_poly_seq.num 
_entity_poly_seq.mon_id 
_entity_poly_seq.hetero 
1 1   GLU n 
1 2   LYS n 
1 3   THR n 
1 4   HIS n 
1 5   VAL n 
1 6   GLN n 
1 7   LEU n 
1 8   SER n 
1 9   LEU n 
1 10  PRO n 
1 11  VAL n 
1 12  LEU n 
1 13  GLN n 
1 14  VAL n 
1 15  ARG n 
1 16  ASP n 
1 17  VAL n 
1 18  LEU n 
1 19  VAL n 
1 20  ARG n 
1 21  GLY n 
1 22  PHE n 
1 23  GLY n 
1 24  ASP n 
1 25  SER n 
1 26  VAL n 
1 27  GLU n 
1 28  GLU n 
1 29  VAL n 
1 30  LEU n 
1 31  SER n 
1 32  GLU n 
1 33  ALA n 
1 34  ARG n 
1 35  GLN n 
1 36  HIS n 
1 37  LEU n 
1 38  LYS n 
1 39  ASP n 
1 40  GLY n 
1 41  THR n 
1 42  CYS n 
1 43  GLY n 
1 44  LEU n 
1 45  VAL n 
1 46  GLU n 
1 47  VAL n 
1 48  GLU n 
1 49  LYS n 
1 50  GLY n 
1 51  VAL n 
1 52  LEU n 
1 53  PRO n 
1 54  GLN n 
1 55  LEU n 
1 56  GLU n 
1 57  GLN n 
1 58  PRO n 
1 59  TYR n 
1 60  VAL n 
1 61  PHE n 
1 62  ILE n 
1 63  LYS n 
1 64  ARG n 
1 65  SER n 
1 66  ASP n 
1 67  ALA n 
1 68  ARG n 
1 69  THR n 
1 70  ALA n 
1 71  PRO n 
1 72  HIS n 
1 73  GLY n 
1 74  HIS n 
1 75  VAL n 
1 76  MET n 
1 77  VAL n 
1 78  GLU n 
1 79  LEU n 
1 80  VAL n 
1 81  ALA n 
1 82  GLU n 
1 83  LEU n 
1 84  GLU n 
1 85  GLY n 
1 86  ILE n 
1 87  GLN n 
1 88  TYR n 
1 89  GLY n 
1 90  ARG n 
1 91  SER n 
1 92  GLY n 
1 93  GLU n 
1 94  THR n 
1 95  LEU n 
1 96  GLY n 
1 97  VAL n 
1 98  LEU n 
1 99  VAL n 
1 100 PRO n 
1 101 HIS n 
1 102 VAL n 
1 103 GLY n 
1 104 GLU n 
1 105 ILE n 
1 106 PRO n 
1 107 VAL n 
1 108 ALA n 
1 109 TYR n 
1 110 ARG n 
1 111 LYS n 
1 112 VAL n 
1 113 LEU n 
1 114 LEU n 
1 115 ARG n 
1 116 LYS n 
# 
_entity_src_gen.entity_id                          1 
_entity_src_gen.pdbx_src_id                        1 
_entity_src_gen.pdbx_alt_source_flag               sample 
_entity_src_gen.pdbx_seq_type                      'Biological sequence' 
_entity_src_gen.pdbx_beg_seq_num                   1 
_entity_src_gen.pdbx_end_seq_num                   116 
_entity_src_gen.gene_src_common_name               ? 
_entity_src_gen.gene_src_genus                     ? 
_entity_src_gen.pdbx_gene_src_gene                 'rep, 1a-1b' 
_entity_src_gen.gene_src_species                   ? 
_entity_src_gen.gene_src_strain                    ? 
_entity_src_gen.gene_src_tissue                    ? 
_entity_src_gen.gene_src_tissue_fraction           ? 
_entity_src_gen.gene_src_details                   ? 
_entity_src_gen.pdbx_gene_src_fragment             ? 
_entity_src_gen.pdbx_gene_src_scientific_name      'Severe acute respiratory syndrome coronavirus 2' 
_entity_src_gen.pdbx_gene_src_ncbi_taxonomy_id     2697049 
_entity_src_gen.pdbx_gene_src_variant              ? 
_entity_src_gen.pdbx_gene_src_cell_line            ? 
_entity_src_gen.pdbx_gene_src_atcc                 ? 
_entity_src_gen.pdbx_gene_src_organ                ? 
_entity_src_gen.pdbx_gene_src_organelle            ? 
_entity_src_gen.pdbx_gene_src_cell                 ? 
_entity_src_gen.pdbx_gene_src_cellular_location    ? 
_entity_src_gen.host_org_common_name               ? 
_entity_src_gen.pdbx_host_org_scientific_name      'Escherichia coli BL21(DE3)' 
_entity_src_gen.pdbx_host_org_ncbi_taxonomy_id     469008 
_entity_src_gen.host_org_genus                     ? 
_entity_src_gen.pdbx_host_org_gene                 ? 
_entity_src_gen.pdbx_host_org_organ                ? 
_entity_src_gen.host_org_species                   ? 
_entity_src_gen.pdbx_host_org_tissue               ? 
_entity_src_gen.pdbx_host_org_tissue_fraction      ? 
_entity_src_gen.pdbx_host_org_strain               ? 
_entity_src_gen.pdbx_host_org_variant              ? 
_entity_src_gen.pdbx_host_org_cell_line            ? 
_entity_src_gen.pdbx_host_org_atcc                 ? 
_entity_src_gen.pdbx_host_org_culture_collection   ? 
_entity_src_gen.pdbx_host_org_cell                 ? 
_entity_src_gen.pdbx_host_org_organelle            ? 
_entity_src_gen.pdbx_host_org_cellular_location    ? 
_entity_src_gen.pdbx_host_org_vector_type          plasmid 
_entity_src_gen.pdbx_host_org_vector               ? 
_entity_src_gen.host_org_details                   ? 
_entity_src_gen.expression_system_id               ? 
_entity_src_gen.plasmid_name                       pET15b 
_entity_src_gen.plasmid_details                    ? 
_entity_src_gen.pdbx_description                   ? 
# 
loop_
_chem_comp.id 
_chem_comp.type 
_chem_comp.mon_nstd_flag 
_chem_comp.name 
_chem_comp.pdbx_synonyms 
_chem_comp.formula 
_chem_comp.formula_weight 
A1CS5 non-polymer         . "N,N'-(pyridine-2,6-diyl)diacetamide" ? 'C9 H11 N3 O2'   193.203 
ALA   'L-peptide linking' y ALANINE                               ? 'C3 H7 N O2'     89.093  
ARG   'L-peptide linking' y ARGININE                              ? 'C6 H15 N4 O2 1' 175.209 
ASP   'L-peptide linking' y 'ASPARTIC ACID'                       ? 'C4 H7 N O4'     133.103 
CYS   'L-peptide linking' y CYSTEINE                              ? 'C3 H7 N O2 S'   121.158 
GLN   'L-peptide linking' y GLUTAMINE                             ? 'C5 H10 N2 O3'   146.144 
GLU   'L-peptide linking' y 'GLUTAMIC ACID'                       ? 'C5 H9 N O4'     147.129 
GLY   'peptide linking'   y GLYCINE                               ? 'C2 H5 N O2'     75.067  
HIS   'L-peptide linking' y HISTIDINE                             ? 'C6 H10 N3 O2 1' 156.162 
HOH   non-polymer         . WATER                                 ? 'H2 O'           18.015  
ILE   'L-peptide linking' y ISOLEUCINE                            ? 'C6 H13 N O2'    131.173 
LEU   'L-peptide linking' y LEUCINE                               ? 'C6 H13 N O2'    131.173 
LYS   'L-peptide linking' y LYSINE                                ? 'C6 H15 N2 O2 1' 147.195 
MET   'L-peptide linking' y METHIONINE                            ? 'C5 H11 N O2 S'  149.211 
PHE   'L-peptide linking' y PHENYLALANINE                         ? 'C9 H11 N O2'    165.189 
PRO   'L-peptide linking' y PROLINE                               ? 'C5 H9 N O2'     115.130 
SER   'L-peptide linking' y SERINE                                ? 'C3 H7 N O3'     105.093 
THR   'L-peptide linking' y THREONINE                             ? 'C4 H9 N O3'     119.119 
TYR   'L-peptide linking' y TYROSINE                              ? 'C9 H11 N O3'    181.189 
VAL   'L-peptide linking' y VALINE                                ? 'C5 H11 N O2'    117.146 
# 
loop_
_pdbx_poly_seq_scheme.asym_id 
_pdbx_poly_seq_scheme.entity_id 
_pdbx_poly_seq_scheme.seq_id 
_pdbx_poly_seq_scheme.mon_id 
_pdbx_poly_seq_scheme.ndb_seq_num 
_pdbx_poly_seq_scheme.pdb_seq_num 
_pdbx_poly_seq_scheme.auth_seq_num 
_pdbx_poly_seq_scheme.pdb_mon_id 
_pdbx_poly_seq_scheme.auth_mon_id 
_pdbx_poly_seq_scheme.pdb_strand_id 
_pdbx_poly_seq_scheme.pdb_ins_code 
_pdbx_poly_seq_scheme.hetero 
A 1 1   GLU 1   10  ?   ?   ?   A . n 
A 1 2   LYS 2   11  11  LYS LYS A . n 
A 1 3   THR 3   12  12  THR THR A . n 
A 1 4   HIS 4   13  13  HIS HIS A . n 
A 1 5   VAL 5   14  14  VAL VAL A . n 
A 1 6   GLN 6   15  15  GLN GLN A . n 
A 1 7   LEU 7   16  16  LEU LEU A . n 
A 1 8   SER 8   17  17  SER SER A . n 
A 1 9   LEU 9   18  18  LEU LEU A . n 
A 1 10  PRO 10  19  19  PRO PRO A . n 
A 1 11  VAL 11  20  20  VAL VAL A . n 
A 1 12  LEU 12  21  21  LEU LEU A . n 
A 1 13  GLN 13  22  22  GLN GLN A . n 
A 1 14  VAL 14  23  23  VAL VAL A . n 
A 1 15  ARG 15  24  24  ARG ARG A . n 
A 1 16  ASP 16  25  25  ASP ASP A . n 
A 1 17  VAL 17  26  26  VAL VAL A . n 
A 1 18  LEU 18  27  27  LEU LEU A . n 
A 1 19  VAL 19  28  28  VAL VAL A . n 
A 1 20  ARG 20  29  29  ARG ARG A . n 
A 1 21  GLY 21  30  30  GLY GLY A . n 
A 1 22  PHE 22  31  31  PHE PHE A . n 
A 1 23  GLY 23  32  32  GLY GLY A . n 
A 1 24  ASP 24  33  33  ASP ASP A . n 
A 1 25  SER 25  34  34  SER SER A . n 
A 1 26  VAL 26  35  35  VAL VAL A . n 
A 1 27  GLU 27  36  36  GLU GLU A . n 
A 1 28  GLU 28  37  37  GLU GLU A . n 
A 1 29  VAL 29  38  38  VAL VAL A . n 
A 1 30  LEU 30  39  39  LEU LEU A . n 
A 1 31  SER 31  40  40  SER SER A . n 
A 1 32  GLU 32  41  41  GLU GLU A . n 
A 1 33  ALA 33  42  42  ALA ALA A . n 
A 1 34  ARG 34  43  43  ARG ARG A . n 
A 1 35  GLN 35  44  44  GLN GLN A . n 
A 1 36  HIS 36  45  45  HIS HIS A . n 
A 1 37  LEU 37  46  46  LEU LEU A . n 
A 1 38  LYS 38  47  47  LYS LYS A . n 
A 1 39  ASP 39  48  48  ASP ASP A . n 
A 1 40  GLY 40  49  49  GLY GLY A . n 
A 1 41  THR 41  50  50  THR THR A . n 
A 1 42  CYS 42  51  51  CYS CYS A . n 
A 1 43  GLY 43  52  52  GLY GLY A . n 
A 1 44  LEU 44  53  53  LEU LEU A . n 
A 1 45  VAL 45  54  54  VAL VAL A . n 
A 1 46  GLU 46  55  55  GLU GLU A . n 
A 1 47  VAL 47  56  56  VAL VAL A . n 
A 1 48  GLU 48  57  57  GLU GLU A . n 
A 1 49  LYS 49  58  58  LYS LYS A . n 
A 1 50  GLY 50  59  59  GLY GLY A . n 
A 1 51  VAL 51  60  60  VAL VAL A . n 
A 1 52  LEU 52  61  61  LEU LEU A . n 
A 1 53  PRO 53  62  62  PRO PRO A . n 
A 1 54  GLN 54  63  63  GLN GLN A . n 
A 1 55  LEU 55  64  64  LEU LEU A . n 
A 1 56  GLU 56  65  65  GLU GLU A . n 
A 1 57  GLN 57  66  66  GLN GLN A . n 
A 1 58  PRO 58  67  67  PRO PRO A . n 
A 1 59  TYR 59  68  68  TYR TYR A . n 
A 1 60  VAL 60  69  69  VAL VAL A . n 
A 1 61  PHE 61  70  70  PHE PHE A . n 
A 1 62  ILE 62  71  71  ILE ILE A . n 
A 1 63  LYS 63  72  72  LYS LYS A . n 
A 1 64  ARG 64  73  73  ARG ARG A . n 
A 1 65  SER 65  74  74  SER SER A . n 
A 1 66  ASP 66  75  75  ASP ASP A . n 
A 1 67  ALA 67  76  76  ALA ALA A . n 
A 1 68  ARG 68  77  ?   ?   ?   A . n 
A 1 69  THR 69  78  ?   ?   ?   A . n 
A 1 70  ALA 70  79  79  ALA ALA A . n 
A 1 71  PRO 71  80  80  PRO PRO A . n 
A 1 72  HIS 72  81  81  HIS HIS A . n 
A 1 73  GLY 73  82  82  GLY GLY A . n 
A 1 74  HIS 74  83  83  HIS HIS A . n 
A 1 75  VAL 75  84  84  VAL VAL A . n 
A 1 76  MET 76  85  85  MET MET A . n 
A 1 77  VAL 77  86  86  VAL VAL A . n 
A 1 78  GLU 78  87  87  GLU GLU A . n 
A 1 79  LEU 79  88  88  LEU LEU A . n 
A 1 80  VAL 80  89  89  VAL VAL A . n 
A 1 81  ALA 81  90  90  ALA ALA A . n 
A 1 82  GLU 82  91  91  GLU GLU A . n 
A 1 83  LEU 83  92  92  LEU LEU A . n 
A 1 84  GLU 84  93  93  GLU GLU A . n 
A 1 85  GLY 85  94  94  GLY GLY A . n 
A 1 86  ILE 86  95  95  ILE ILE A . n 
A 1 87  GLN 87  96  96  GLN GLN A . n 
A 1 88  TYR 88  97  97  TYR TYR A . n 
A 1 89  GLY 89  98  98  GLY GLY A . n 
A 1 90  ARG 90  99  99  ARG ARG A . n 
A 1 91  SER 91  100 100 SER SER A . n 
A 1 92  GLY 92  101 101 GLY GLY A . n 
A 1 93  GLU 93  102 102 GLU GLU A . n 
A 1 94  THR 94  103 103 THR THR A . n 
A 1 95  LEU 95  104 104 LEU LEU A . n 
A 1 96  GLY 96  105 105 GLY GLY A . n 
A 1 97  VAL 97  106 106 VAL VAL A . n 
A 1 98  LEU 98  107 107 LEU LEU A . n 
A 1 99  VAL 99  108 108 VAL VAL A . n 
A 1 100 PRO 100 109 109 PRO PRO A . n 
A 1 101 HIS 101 110 110 HIS HIS A . n 
A 1 102 VAL 102 111 111 VAL VAL A . n 
A 1 103 GLY 103 112 112 GLY GLY A . n 
A 1 104 GLU 104 113 113 GLU GLU A . n 
A 1 105 ILE 105 114 114 ILE ILE A . n 
A 1 106 PRO 106 115 115 PRO PRO A . n 
A 1 107 VAL 107 116 116 VAL VAL A . n 
A 1 108 ALA 108 117 117 ALA ALA A . n 
A 1 109 TYR 109 118 118 TYR TYR A . n 
A 1 110 ARG 110 119 119 ARG ARG A . n 
A 1 111 LYS 111 120 120 LYS LYS A . n 
A 1 112 VAL 112 121 121 VAL VAL A . n 
A 1 113 LEU 113 122 122 LEU LEU A . n 
A 1 114 LEU 114 123 123 LEU LEU A . n 
A 1 115 ARG 115 124 124 ARG ARG A . n 
A 1 116 LYS 116 125 125 LYS LYS A . n 
# 
loop_
_pdbx_nonpoly_scheme.asym_id 
_pdbx_nonpoly_scheme.entity_id 
_pdbx_nonpoly_scheme.mon_id 
_pdbx_nonpoly_scheme.ndb_seq_num 
_pdbx_nonpoly_scheme.pdb_seq_num 
_pdbx_nonpoly_scheme.auth_seq_num 
_pdbx_nonpoly_scheme.pdb_mon_id 
_pdbx_nonpoly_scheme.auth_mon_id 
_pdbx_nonpoly_scheme.pdb_strand_id 
_pdbx_nonpoly_scheme.pdb_ins_code 
B 2 A1CS5 1  201 210 A1CS5 LIG A . 
C 3 HOH   1  301 80  HOH   HOH A . 
C 3 HOH   2  302 42  HOH   HOH A . 
C 3 HOH   3  303 26  HOH   HOH A . 
C 3 HOH   4  304 44  HOH   HOH A . 
C 3 HOH   5  305 66  HOH   HOH A . 
C 3 HOH   6  306 40  HOH   HOH A . 
C 3 HOH   7  307 35  HOH   HOH A . 
C 3 HOH   8  308 72  HOH   HOH A . 
C 3 HOH   9  309 56  HOH   HOH A . 
C 3 HOH   10 310 68  HOH   HOH A . 
C 3 HOH   11 311 37  HOH   HOH A . 
C 3 HOH   12 312 19  HOH   HOH A . 
C 3 HOH   13 313 46  HOH   HOH A . 
C 3 HOH   14 314 36  HOH   HOH A . 
C 3 HOH   15 315 22  HOH   HOH A . 
C 3 HOH   16 316 6   HOH   HOH A . 
C 3 HOH   17 317 21  HOH   HOH A . 
C 3 HOH   18 318 71  HOH   HOH A . 
C 3 HOH   19 319 28  HOH   HOH A . 
C 3 HOH   20 320 2   HOH   HOH A . 
C 3 HOH   21 321 30  HOH   HOH A . 
C 3 HOH   22 322 64  HOH   HOH A . 
C 3 HOH   23 323 69  HOH   HOH A . 
C 3 HOH   24 324 4   HOH   HOH A . 
C 3 HOH   25 325 25  HOH   HOH A . 
C 3 HOH   26 326 43  HOH   HOH A . 
C 3 HOH   27 327 12  HOH   HOH A . 
C 3 HOH   28 328 48  HOH   HOH A . 
C 3 HOH   29 329 20  HOH   HOH A . 
C 3 HOH   30 330 76  HOH   HOH A . 
C 3 HOH   31 331 15  HOH   HOH A . 
C 3 HOH   32 332 51  HOH   HOH A . 
C 3 HOH   33 333 10  HOH   HOH A . 
C 3 HOH   34 334 24  HOH   HOH A . 
C 3 HOH   35 335 74  HOH   HOH A . 
C 3 HOH   36 336 3   HOH   HOH A . 
C 3 HOH   37 337 55  HOH   HOH A . 
C 3 HOH   38 338 23  HOH   HOH A . 
C 3 HOH   39 339 8   HOH   HOH A . 
C 3 HOH   40 340 9   HOH   HOH A . 
C 3 HOH   41 341 14  HOH   HOH A . 
C 3 HOH   42 342 18  HOH   HOH A . 
C 3 HOH   43 343 38  HOH   HOH A . 
C 3 HOH   44 344 60  HOH   HOH A . 
C 3 HOH   45 345 39  HOH   HOH A . 
C 3 HOH   46 346 7   HOH   HOH A . 
C 3 HOH   47 347 81  HOH   HOH A . 
C 3 HOH   48 348 16  HOH   HOH A . 
C 3 HOH   49 349 77  HOH   HOH A . 
C 3 HOH   50 350 67  HOH   HOH A . 
C 3 HOH   51 351 50  HOH   HOH A . 
C 3 HOH   52 352 17  HOH   HOH A . 
C 3 HOH   53 353 45  HOH   HOH A . 
C 3 HOH   54 354 11  HOH   HOH A . 
C 3 HOH   55 355 27  HOH   HOH A . 
C 3 HOH   56 356 65  HOH   HOH A . 
C 3 HOH   57 357 13  HOH   HOH A . 
C 3 HOH   58 358 52  HOH   HOH A . 
C 3 HOH   59 359 29  HOH   HOH A . 
C 3 HOH   60 360 34  HOH   HOH A . 
C 3 HOH   61 361 57  HOH   HOH A . 
C 3 HOH   62 362 49  HOH   HOH A . 
C 3 HOH   63 363 1   HOH   HOH A . 
C 3 HOH   64 364 31  HOH   HOH A . 
C 3 HOH   65 365 5   HOH   HOH A . 
C 3 HOH   66 366 73  HOH   HOH A . 
C 3 HOH   67 367 32  HOH   HOH A . 
C 3 HOH   68 368 33  HOH   HOH A . 
C 3 HOH   69 369 62  HOH   HOH A . 
C 3 HOH   70 370 61  HOH   HOH A . 
C 3 HOH   71 371 78  HOH   HOH A . 
C 3 HOH   72 372 41  HOH   HOH A . 
C 3 HOH   73 373 79  HOH   HOH A . 
C 3 HOH   74 374 58  HOH   HOH A . 
C 3 HOH   75 375 47  HOH   HOH A . 
C 3 HOH   76 376 53  HOH   HOH A . 
C 3 HOH   77 377 54  HOH   HOH A . 
C 3 HOH   78 378 63  HOH   HOH A . 
C 3 HOH   79 379 59  HOH   HOH A . 
C 3 HOH   80 380 70  HOH   HOH A . 
C 3 HOH   81 381 75  HOH   HOH A . 
# 
loop_
_pdbx_unobs_or_zero_occ_atoms.id 
_pdbx_unobs_or_zero_occ_atoms.PDB_model_num 
_pdbx_unobs_or_zero_occ_atoms.polymer_flag 
_pdbx_unobs_or_zero_occ_atoms.occupancy_flag 
_pdbx_unobs_or_zero_occ_atoms.auth_asym_id 
_pdbx_unobs_or_zero_occ_atoms.auth_comp_id 
_pdbx_unobs_or_zero_occ_atoms.auth_seq_id 
_pdbx_unobs_or_zero_occ_atoms.PDB_ins_code 
_pdbx_unobs_or_zero_occ_atoms.auth_atom_id 
_pdbx_unobs_or_zero_occ_atoms.label_alt_id 
_pdbx_unobs_or_zero_occ_atoms.label_asym_id 
_pdbx_unobs_or_zero_occ_atoms.label_comp_id 
_pdbx_unobs_or_zero_occ_atoms.label_seq_id 
_pdbx_unobs_or_zero_occ_atoms.label_atom_id 
1 1 Y 1 A LYS 125 ? CG ? A LYS 116 CG 
2 1 Y 1 A LYS 125 ? CD ? A LYS 116 CD 
3 1 Y 1 A LYS 125 ? CE ? A LYS 116 CE 
4 1 Y 1 A LYS 125 ? NZ ? A LYS 116 NZ 
# 
loop_
_software.classification 
_software.name 
_software.version 
_software.citation_id 
_software.pdbx_ordinal 
refinement       REFMAC 5.8.0267 ? 1 
phasing          PHASER .        ? 2 
'data scaling'   XDS    .        ? 3 
'data reduction' XDS    .        ? 4 
# 
_cell.entry_id           7IBI 
_cell.length_a           36.650 
_cell.length_b           36.650 
_cell.length_c           142.370 
_cell.angle_alpha        90.00 
_cell.angle_beta         90.00 
_cell.angle_gamma        90.00 
_cell.Z_PDB              8 
_cell.pdbx_unique_axis   ? 
# 
_symmetry.entry_id                         7IBI 
_symmetry.space_group_name_H-M             'P 43 21 2' 
_symmetry.pdbx_full_space_group_name_H-M   ? 
_symmetry.cell_setting                     ? 
_symmetry.Int_Tables_number                96 
# 
_exptl.entry_id          7IBI 
_exptl.method            'X-RAY DIFFRACTION' 
_exptl.crystals_number   1 
# 
_exptl_crystal.id                    1 
_exptl_crystal.density_Matthews      1.86 
_exptl_crystal.density_percent_sol   33.95 
_exptl_crystal.density_meas          ? 
_exptl_crystal.description           ? 
# 
_exptl_crystal_grow.crystal_id      1 
_exptl_crystal_grow.method          'VAPOR DIFFUSION, SITTING DROP' 
_exptl_crystal_grow.pdbx_details    '0.1 M HEPES pH 7.5 and 25% (w/v) PEG 3350. Reproducibility was improved by seeding.' 
_exptl_crystal_grow.temp            293 
_exptl_crystal_grow.pH              7.5 
_exptl_crystal_grow.temp_details    ? 
_exptl_crystal_grow.pdbx_pH_range   ? 
# 
_diffrn.id                     1 
_diffrn.ambient_temp           100 
_diffrn.crystal_id             1 
_diffrn.ambient_temp_details   ? 
# 
_diffrn_detector.diffrn_id              1 
_diffrn_detector.detector               PIXEL 
_diffrn_detector.pdbx_collection_date   2023-05-02 
_diffrn_detector.type                   'DECTRIS PILATUS3 6M' 
_diffrn_detector.id                     1 
_diffrn_detector.details                ? 
# 
_diffrn_radiation.diffrn_id                        1 
_diffrn_radiation.pdbx_diffrn_protocol             'SINGLE WAVELENGTH' 
_diffrn_radiation.pdbx_monochromatic_or_laue_m_l   M 
_diffrn_radiation.pdbx_scattering_type             x-ray 
_diffrn_radiation.wavelength_id                    1 
_diffrn_radiation.monochromator                    ? 
# 
_diffrn_radiation_wavelength.id           1 
_diffrn_radiation_wavelength.wavelength   0.9184 
_diffrn_radiation_wavelength.wt           1.0 
# 
_diffrn_source.diffrn_id                   1 
_diffrn_source.pdbx_wavelength_list        0.9184 
_diffrn_source.source                      SYNCHROTRON 
_diffrn_source.type                        'BESSY BEAMLINE 14.1' 
_diffrn_source.pdbx_synchrotron_site       BESSY 
_diffrn_source.pdbx_synchrotron_beamline   14.1 
_diffrn_source.pdbx_wavelength             ? 
# 
_reflns.entry_id                     7IBI 
_reflns.pdbx_diffrn_id               1 
_reflns.pdbx_ordinal                 1 
_reflns.d_resolution_low             35.49 
_reflns.d_resolution_high            1.79 
_reflns.number_obs                   9866 
_reflns.percent_possible_obs         100.0 
_reflns.pdbx_Rmerge_I_obs            0.079 
_reflns.pdbx_netI_over_sigmaI        19.18 
_reflns.pdbx_Rrim_I_all              0.083 
_reflns.pdbx_CC_half                 1.0 
_reflns.pdbx_number_measured_all     119990 
_reflns.observed_criterion_sigma_I   ? 
_reflns.observed_criterion_sigma_F   ? 
_reflns.number_all                   ? 
_reflns.pdbx_Rsym_value              ? 
_reflns.B_iso_Wilson_estimate        ? 
_reflns.pdbx_redundancy              ? 
# 
loop_
_reflns_shell.pdbx_diffrn_id 
_reflns_shell.pdbx_ordinal 
_reflns_shell.d_res_high 
_reflns_shell.d_res_low 
_reflns_shell.number_measured_obs 
_reflns_shell.number_unique_obs 
_reflns_shell.Rmerge_I_obs 
_reflns_shell.percent_possible_obs 
_reflns_shell.pdbx_netI_over_sigmaI_obs 
_reflns_shell.pdbx_Rrim_I_all 
_reflns_shell.pdbx_CC_half 
_reflns_shell.percent_possible_all 
_reflns_shell.pdbx_Rsym_value 
_reflns_shell.meanI_over_sigI_obs 
_reflns_shell.pdbx_redundancy 
1 1 1.79 1.9  18153 1544 2.311                100.0 0.99  2.416                0.419              ? ? ? ? 
1 2 1.90 2.03 18861 1455 1.138                100.0 2.22  1.185                0.769              ? ? ? ? 
1 3 2.03 2.19 17438 1362 0.596                100.0 4.37  0.621                0.9059999999999999 ? ? ? ? 
1 4 2.19 2.4  14909 1254 0.359                100.0 7.02  0.376                0.97               ? ? ? ? 
1 5 2.40 2.68 14601 1146 0.217                100.0 12.03 0.226                0.992              ? ? ? ? 
1 6 2.68 3.09 13140 1044 0.11599999999999999  100.0 21.66 0.121                0.998              ? ? ? ? 
1 7 3.09 3.78 9899  887  0.049                100.0 46.93 0.052000000000000005 0.9990000000000001 ? ? ? ? 
1 8 3.78 5.32 8497  723  0.027999999999999997 100.0 78.29 0.028999999999999998 1.0                ? ? ? ? 
1 9 5.32 ?    4492  451  0.021                99.8  77.93 0.022000000000000002 1.0                ? ? ? ? 
# 
_refine.pdbx_refine_id                           'X-RAY DIFFRACTION' 
_refine.entry_id                                 7IBI 
_refine.pdbx_diffrn_id                           1 
_refine.pdbx_TLS_residual_ADP_flag               ? 
_refine.ls_number_reflns_obs                     9372 
_refine.ls_number_reflns_all                     ? 
_refine.pdbx_ls_sigma_I                          ? 
_refine.pdbx_ls_sigma_F                          ? 
_refine.pdbx_data_cutoff_high_absF               ? 
_refine.pdbx_data_cutoff_low_absF                ? 
_refine.pdbx_data_cutoff_high_rms_absF           ? 
_refine.ls_d_res_low                             35.49 
_refine.ls_d_res_high                            1.79 
_refine.ls_percent_reflns_obs                    99.99 
_refine.ls_R_factor_obs                          0.20800 
_refine.ls_R_factor_all                          ? 
_refine.ls_R_factor_R_work                       0.20566 
_refine.ls_R_factor_R_free                       0.25419 
_refine.ls_R_factor_R_free_error                 ? 
_refine.ls_R_factor_R_free_error_details         ? 
_refine.ls_percent_reflns_R_free                 5.0 
_refine.ls_number_reflns_R_free                  494 
_refine.ls_number_parameters                     ? 
_refine.ls_number_restraints                     ? 
_refine.occupancy_min                            ? 
_refine.occupancy_max                            ? 
_refine.correlation_coeff_Fo_to_Fc               0.959 
_refine.correlation_coeff_Fo_to_Fc_free          0.926 
_refine.B_iso_mean                               38.819 
_refine.aniso_B[1][1]                            0.33 
_refine.aniso_B[2][2]                            0.33 
_refine.aniso_B[3][3]                            -0.67 
_refine.aniso_B[1][2]                            -0.00 
_refine.aniso_B[1][3]                            -0.00 
_refine.aniso_B[2][3]                            -0.00 
_refine.solvent_model_details                    MASK 
_refine.solvent_model_param_ksol                 ? 
_refine.solvent_model_param_bsol                 ? 
_refine.pdbx_solvent_vdw_probe_radii             1.20 
_refine.pdbx_solvent_ion_probe_radii             0.80 
_refine.pdbx_solvent_shrinkage_radii             0.80 
_refine.pdbx_ls_cross_valid_method               THROUGHOUT 
_refine.details                                  'HYDROGENS HAVE BEEN ADDED IN THE RIDING POSITIONS' 
_refine.pdbx_starting_model                      ? 
_refine.pdbx_method_to_determine_struct          'MOLECULAR REPLACEMENT' 
_refine.pdbx_isotropic_thermal_model             ? 
_refine.pdbx_stereochemistry_target_values       'MAXIMUM LIKELIHOOD' 
_refine.pdbx_stereochem_target_val_spec_case     ? 
_refine.pdbx_R_Free_selection_details            RANDOM 
_refine.pdbx_overall_ESU_R                       0.284 
_refine.pdbx_overall_ESU_R_Free                  0.193 
_refine.overall_SU_ML                            0.164 
_refine.pdbx_overall_phase_error                 ? 
_refine.overall_SU_B                             5.527 
_refine.overall_SU_R_Cruickshank_DPI             ? 
_refine.pdbx_overall_SU_R_free_Cruickshank_DPI   ? 
_refine.pdbx_overall_SU_R_Blow_DPI               ? 
_refine.pdbx_overall_SU_R_free_Blow_DPI          ? 
# 
_refine_hist.pdbx_refine_id                   'X-RAY DIFFRACTION' 
_refine_hist.cycle_id                         1 
_refine_hist.pdbx_number_atoms_protein        873 
_refine_hist.pdbx_number_atoms_nucleic_acid   0 
_refine_hist.pdbx_number_atoms_ligand         14 
_refine_hist.number_atoms_solvent             81 
_refine_hist.number_atoms_total               968 
_refine_hist.d_res_high                       1.79 
_refine_hist.d_res_low                        35.49 
# 
loop_
_refine_ls_restr.type 
_refine_ls_restr.dev_ideal 
_refine_ls_restr.dev_ideal_target 
_refine_ls_restr.weight 
_refine_ls_restr.number 
_refine_ls_restr.pdbx_refine_id 
_refine_ls_restr.pdbx_restraint_function 
r_bond_refined_d             0.008  0.015  ? 2037 'X-RAY DIFFRACTION' ? 
r_bond_other_d               0.003  0.017  ? 1560 'X-RAY DIFFRACTION' ? 
r_angle_refined_deg          1.417  1.630  ? 2168 'X-RAY DIFFRACTION' ? 
r_angle_other_deg            1.247  1.591  ? 3589 'X-RAY DIFFRACTION' ? 
r_dihedral_angle_1_deg       6.892  5.000  ? 212  'X-RAY DIFFRACTION' ? 
r_dihedral_angle_2_deg       30.887 22.821 ? 78   'X-RAY DIFFRACTION' ? 
r_dihedral_angle_3_deg       13.247 15.000 ? 271  'X-RAY DIFFRACTION' ? 
r_dihedral_angle_4_deg       13.842 15.000 ? 10   'X-RAY DIFFRACTION' ? 
r_chiral_restr               0.067  0.200  ? 189  'X-RAY DIFFRACTION' ? 
r_gen_planes_refined         0.006  0.020  ? 1878 'X-RAY DIFFRACTION' ? 
r_gen_planes_other           0.001  0.020  ? 340  'X-RAY DIFFRACTION' ? 
r_nbd_refined                ?      ?      ? ?    'X-RAY DIFFRACTION' ? 
r_nbd_other                  ?      ?      ? ?    'X-RAY DIFFRACTION' ? 
r_nbtor_refined              ?      ?      ? ?    'X-RAY DIFFRACTION' ? 
r_nbtor_other                ?      ?      ? ?    'X-RAY DIFFRACTION' ? 
r_xyhbond_nbd_refined        ?      ?      ? ?    'X-RAY DIFFRACTION' ? 
r_xyhbond_nbd_other          ?      ?      ? ?    'X-RAY DIFFRACTION' ? 
r_metal_ion_refined          ?      ?      ? ?    'X-RAY DIFFRACTION' ? 
r_metal_ion_other            ?      ?      ? ?    'X-RAY DIFFRACTION' ? 
r_symmetry_vdw_refined       ?      ?      ? ?    'X-RAY DIFFRACTION' ? 
r_symmetry_vdw_other         ?      ?      ? ?    'X-RAY DIFFRACTION' ? 
r_symmetry_hbond_refined     ?      ?      ? ?    'X-RAY DIFFRACTION' ? 
r_symmetry_hbond_other       ?      ?      ? ?    'X-RAY DIFFRACTION' ? 
r_symmetry_metal_ion_refined ?      ?      ? ?    'X-RAY DIFFRACTION' ? 
r_symmetry_metal_ion_other   ?      ?      ? ?    'X-RAY DIFFRACTION' ? 
r_mcbond_it                  2.455  3.751  ? 1044 'X-RAY DIFFRACTION' ? 
r_mcbond_other               2.459  3.759  ? 1040 'X-RAY DIFFRACTION' ? 
r_mcangle_it                 3.918  5.593  ? 1030 'X-RAY DIFFRACTION' ? 
r_mcangle_other              3.916  5.590  ? 1031 'X-RAY DIFFRACTION' ? 
r_scbond_it                  3.327  4.129  ? 993  'X-RAY DIFFRACTION' ? 
r_scbond_other               3.326  4.127  ? 994  'X-RAY DIFFRACTION' ? 
r_scangle_it                 ?      ?      ? ?    'X-RAY DIFFRACTION' ? 
r_scangle_other              5.511  6.082  ? 1139 'X-RAY DIFFRACTION' ? 
r_long_range_B_refined       8.553  44.549 ? 1641 'X-RAY DIFFRACTION' ? 
r_long_range_B_other         8.550  44.537 ? 1642 'X-RAY DIFFRACTION' ? 
r_rigid_bond_restr           ?      ?      ? ?    'X-RAY DIFFRACTION' ? 
r_sphericity_free            ?      ?      ? ?    'X-RAY DIFFRACTION' ? 
r_sphericity_bonded          ?      ?      ? ?    'X-RAY DIFFRACTION' ? 
# 
_refine_ls_shell.pdbx_refine_id                   'X-RAY DIFFRACTION' 
_refine_ls_shell.pdbx_total_number_of_bins_used   20 
_refine_ls_shell.d_res_high                       1.791 
_refine_ls_shell.d_res_low                        1.837 
_refine_ls_shell.number_reflns_R_work             683 
_refine_ls_shell.R_factor_R_work                  0.347 
_refine_ls_shell.percent_reflns_obs               100.00 
_refine_ls_shell.R_factor_R_free                  0.338 
_refine_ls_shell.R_factor_R_free_error            ? 
_refine_ls_shell.percent_reflns_R_free            ? 
_refine_ls_shell.number_reflns_R_free             36 
_refine_ls_shell.number_reflns_all                ? 
_refine_ls_shell.R_factor_all                     ? 
# 
_struct.entry_id                  7IBI 
_struct.title                     
'PanDDA analysis group deposition -- SARS-CoV-2 Nsp1 in complex with fragment X7214 (well H02) from the KIT library' 
_struct.pdbx_CASP_flag            N 
_struct.pdbx_model_details        ? 
_struct.pdbx_model_type_details   ? 
# 
_struct_keywords.entry_id        7IBI 
_struct_keywords.pdbx_keywords   'VIRAL PROTEIN' 
_struct_keywords.text            'SARS-CoV-2, fragment screen, Nsp1, KIT library, VIRAL PROTEIN' 
# 
loop_
_struct_asym.id 
_struct_asym.pdbx_blank_PDB_chainid_flag 
_struct_asym.pdbx_modified 
_struct_asym.entity_id 
_struct_asym.details 
A N N 1 ? 
B N N 2 ? 
C N N 3 ? 
# 
_struct_ref.id                         1 
_struct_ref.db_name                    UNP 
_struct_ref.db_code                    R1AB_SARS2 
_struct_ref.pdbx_db_accession          P0DTD1 
_struct_ref.pdbx_db_isoform            ? 
_struct_ref.entity_id                  1 
_struct_ref.pdbx_seq_one_letter_code   
;EKTHVQLSLPVLQVRDVLVRGFGDSVEEVLSEARQHLKDGTCGLVEVEKGVLPQLEQPYVFIKRSDARTAPHGHVMVELV
AELEGIQYGRSGETLGVLVPHVGEIPVAYRKVLLRK
;
_struct_ref.pdbx_align_begin           10 
# 
_struct_ref_seq.align_id                      1 
_struct_ref_seq.ref_id                        1 
_struct_ref_seq.pdbx_PDB_id_code              7IBI 
_struct_ref_seq.pdbx_strand_id                A 
_struct_ref_seq.seq_align_beg                 1 
_struct_ref_seq.pdbx_seq_align_beg_ins_code   ? 
_struct_ref_seq.seq_align_end                 116 
_struct_ref_seq.pdbx_seq_align_end_ins_code   ? 
_struct_ref_seq.pdbx_db_accession             P0DTD1 
_struct_ref_seq.db_align_beg                  10 
_struct_ref_seq.pdbx_db_align_beg_ins_code    ? 
_struct_ref_seq.db_align_end                  125 
_struct_ref_seq.pdbx_db_align_end_ins_code    ? 
_struct_ref_seq.pdbx_auth_seq_align_beg       10 
_struct_ref_seq.pdbx_auth_seq_align_end       125 
# 
_pdbx_struct_assembly.id                   1 
_pdbx_struct_assembly.details              author_and_software_defined_assembly 
_pdbx_struct_assembly.method_details       PISA 
_pdbx_struct_assembly.oligomeric_details   monomeric 
_pdbx_struct_assembly.oligomeric_count     1 
# 
loop_
_pdbx_struct_assembly_prop.biol_id 
_pdbx_struct_assembly_prop.type 
_pdbx_struct_assembly_prop.value 
_pdbx_struct_assembly_prop.details 
1 'ABSA (A^2)' 380  ? 
1 MORE         -3   ? 
1 'SSA (A^2)'  6440 ? 
# 
_pdbx_struct_assembly_gen.assembly_id       1 
_pdbx_struct_assembly_gen.oper_expression   1 
_pdbx_struct_assembly_gen.asym_id_list      A,B,C 
# 
_pdbx_struct_oper_list.id                   1 
_pdbx_struct_oper_list.type                 'identity operation' 
_pdbx_struct_oper_list.name                 1_555 
_pdbx_struct_oper_list.symmetry_operation   x,y,z 
_pdbx_struct_oper_list.matrix[1][1]         1.0000000000 
_pdbx_struct_oper_list.matrix[1][2]         0.0000000000 
_pdbx_struct_oper_list.matrix[1][3]         0.0000000000 
_pdbx_struct_oper_list.vector[1]            0.0000000000 
_pdbx_struct_oper_list.matrix[2][1]         0.0000000000 
_pdbx_struct_oper_list.matrix[2][2]         1.0000000000 
_pdbx_struct_oper_list.matrix[2][3]         0.0000000000 
_pdbx_struct_oper_list.vector[2]            0.0000000000 
_pdbx_struct_oper_list.matrix[3][1]         0.0000000000 
_pdbx_struct_oper_list.matrix[3][2]         0.0000000000 
_pdbx_struct_oper_list.matrix[3][3]         1.0000000000 
_pdbx_struct_oper_list.vector[3]            0.0000000000 
# 
loop_
_struct_conf.conf_type_id 
_struct_conf.id 
_struct_conf.pdbx_PDB_helix_id 
_struct_conf.beg_label_comp_id 
_struct_conf.beg_label_asym_id 
_struct_conf.beg_label_seq_id 
_struct_conf.pdbx_beg_PDB_ins_code 
_struct_conf.end_label_comp_id 
_struct_conf.end_label_asym_id 
_struct_conf.end_label_seq_id 
_struct_conf.pdbx_end_PDB_ins_code 
_struct_conf.beg_auth_comp_id 
_struct_conf.beg_auth_asym_id 
_struct_conf.beg_auth_seq_id 
_struct_conf.end_auth_comp_id 
_struct_conf.end_auth_asym_id 
_struct_conf.end_auth_seq_id 
_struct_conf.pdbx_PDB_helix_class 
_struct_conf.details 
_struct_conf.pdbx_PDB_helix_length 
HELX_P HELX_P1 AA1 GLN A 13 ? VAL A 17 ? GLN A 22 VAL A 26 5 ? 5  
HELX_P HELX_P2 AA2 SER A 25 ? GLY A 40 ? SER A 34 GLY A 49 1 ? 16 
HELX_P HELX_P3 AA3 VAL A 51 ? LEU A 55 ? VAL A 60 LEU A 64 5 ? 5  
HELX_P HELX_P4 AA4 ALA A 70 ? HIS A 74 ? ALA A 79 HIS A 83 5 ? 5  
# 
_struct_conf_type.id          HELX_P 
_struct_conf_type.criteria    ? 
_struct_conf_type.reference   ? 
# 
_struct_mon_prot_cis.pdbx_id                1 
_struct_mon_prot_cis.label_comp_id          GLN 
_struct_mon_prot_cis.label_seq_id           57 
_struct_mon_prot_cis.label_asym_id          A 
_struct_mon_prot_cis.label_alt_id           . 
_struct_mon_prot_cis.pdbx_PDB_ins_code      ? 
_struct_mon_prot_cis.auth_comp_id           GLN 
_struct_mon_prot_cis.auth_seq_id            66 
_struct_mon_prot_cis.auth_asym_id           A 
_struct_mon_prot_cis.pdbx_label_comp_id_2   PRO 
_struct_mon_prot_cis.pdbx_label_seq_id_2    58 
_struct_mon_prot_cis.pdbx_label_asym_id_2   A 
_struct_mon_prot_cis.pdbx_PDB_ins_code_2    ? 
_struct_mon_prot_cis.pdbx_auth_comp_id_2    PRO 
_struct_mon_prot_cis.pdbx_auth_seq_id_2     67 
_struct_mon_prot_cis.pdbx_auth_asym_id_2    A 
_struct_mon_prot_cis.pdbx_PDB_model_num     1 
_struct_mon_prot_cis.pdbx_omega_angle       -5.36 
# 
_struct_sheet.id               AA1 
_struct_sheet.type             ? 
_struct_sheet.number_strands   8 
_struct_sheet.details          ? 
# 
loop_
_struct_sheet_order.sheet_id 
_struct_sheet_order.range_id_1 
_struct_sheet_order.range_id_2 
_struct_sheet_order.offset 
_struct_sheet_order.sense 
AA1 1 2 ? anti-parallel 
AA1 2 3 ? parallel      
AA1 3 4 ? anti-parallel 
AA1 4 5 ? parallel      
AA1 5 6 ? anti-parallel 
AA1 6 7 ? anti-parallel 
AA1 7 8 ? anti-parallel 
# 
loop_
_struct_sheet_range.sheet_id 
_struct_sheet_range.id 
_struct_sheet_range.beg_label_comp_id 
_struct_sheet_range.beg_label_asym_id 
_struct_sheet_range.beg_label_seq_id 
_struct_sheet_range.pdbx_beg_PDB_ins_code 
_struct_sheet_range.end_label_comp_id 
_struct_sheet_range.end_label_asym_id 
_struct_sheet_range.end_label_seq_id 
_struct_sheet_range.pdbx_end_PDB_ins_code 
_struct_sheet_range.beg_auth_comp_id 
_struct_sheet_range.beg_auth_asym_id 
_struct_sheet_range.beg_auth_seq_id 
_struct_sheet_range.end_auth_comp_id 
_struct_sheet_range.end_auth_asym_id 
_struct_sheet_range.end_auth_seq_id 
AA1 1 ILE A 86  ? TYR A 88  ? ILE A 95  TYR A 97  
AA1 2 VAL A 75  ? LEU A 83  ? VAL A 84  LEU A 92  
AA1 3 ALA A 108 ? ARG A 115 ? ALA A 117 ARG A 124 
AA1 4 HIS A 4   ? VAL A 11  ? HIS A 13  VAL A 20  
AA1 5 CYS A 42  ? VAL A 45  ? CYS A 51  VAL A 54  
AA1 6 THR A 94  ? PRO A 100 ? THR A 103 PRO A 109 
AA1 7 TYR A 59  ? ARG A 64  ? TYR A 68  ARG A 73  
AA1 8 VAL A 75  ? LEU A 83  ? VAL A 84  LEU A 92  
# 
loop_
_pdbx_struct_sheet_hbond.sheet_id 
_pdbx_struct_sheet_hbond.range_id_1 
_pdbx_struct_sheet_hbond.range_id_2 
_pdbx_struct_sheet_hbond.range_1_label_atom_id 
_pdbx_struct_sheet_hbond.range_1_label_comp_id 
_pdbx_struct_sheet_hbond.range_1_label_asym_id 
_pdbx_struct_sheet_hbond.range_1_label_seq_id 
_pdbx_struct_sheet_hbond.range_1_PDB_ins_code 
_pdbx_struct_sheet_hbond.range_1_auth_atom_id 
_pdbx_struct_sheet_hbond.range_1_auth_comp_id 
_pdbx_struct_sheet_hbond.range_1_auth_asym_id 
_pdbx_struct_sheet_hbond.range_1_auth_seq_id 
_pdbx_struct_sheet_hbond.range_2_label_atom_id 
_pdbx_struct_sheet_hbond.range_2_label_comp_id 
_pdbx_struct_sheet_hbond.range_2_label_asym_id 
_pdbx_struct_sheet_hbond.range_2_label_seq_id 
_pdbx_struct_sheet_hbond.range_2_PDB_ins_code 
_pdbx_struct_sheet_hbond.range_2_auth_atom_id 
_pdbx_struct_sheet_hbond.range_2_auth_comp_id 
_pdbx_struct_sheet_hbond.range_2_auth_asym_id 
_pdbx_struct_sheet_hbond.range_2_auth_seq_id 
AA1 1 2 O TYR A 88  ? O TYR A 97  N ALA A 81  ? N ALA A 90  
AA1 2 3 N VAL A 75  ? N VAL A 84  O LEU A 113 ? O LEU A 122 
AA1 3 4 O ALA A 108 ? O ALA A 117 N VAL A 11  ? N VAL A 20  
AA1 4 5 N PRO A 10  ? N PRO A 19  O LEU A 44  ? O LEU A 53  
AA1 5 6 N GLY A 43  ? N GLY A 52  O VAL A 99  ? O VAL A 108 
AA1 6 7 O LEU A 98  ? O LEU A 107 N VAL A 60  ? N VAL A 69  
AA1 7 8 N PHE A 61  ? N PHE A 70  O VAL A 80  ? O VAL A 89  
# 
_pdbx_entry_details.entry_id                   7IBI 
_pdbx_entry_details.has_ligand_of_interest     Y 
_pdbx_entry_details.compound_details           ? 
_pdbx_entry_details.source_details             ? 
_pdbx_entry_details.nonpolymer_details         ? 
_pdbx_entry_details.sequence_details           ? 
_pdbx_entry_details.has_protein_modification   N 
# 
_pdbx_validate_close_contact.id               1 
_pdbx_validate_close_contact.PDB_model_num    1 
_pdbx_validate_close_contact.auth_atom_id_1   O 
_pdbx_validate_close_contact.auth_asym_id_1   A 
_pdbx_validate_close_contact.auth_comp_id_1   HOH 
_pdbx_validate_close_contact.auth_seq_id_1    367 
_pdbx_validate_close_contact.PDB_ins_code_1   ? 
_pdbx_validate_close_contact.label_alt_id_1   ? 
_pdbx_validate_close_contact.auth_atom_id_2   O 
_pdbx_validate_close_contact.auth_asym_id_2   A 
_pdbx_validate_close_contact.auth_comp_id_2   HOH 
_pdbx_validate_close_contact.auth_seq_id_2    369 
_pdbx_validate_close_contact.PDB_ins_code_2   ? 
_pdbx_validate_close_contact.label_alt_id_2   ? 
_pdbx_validate_close_contact.dist             2.04 
# 
loop_
_pdbx_validate_symm_contact.id 
_pdbx_validate_symm_contact.PDB_model_num 
_pdbx_validate_symm_contact.auth_atom_id_1 
_pdbx_validate_symm_contact.auth_asym_id_1 
_pdbx_validate_symm_contact.auth_comp_id_1 
_pdbx_validate_symm_contact.auth_seq_id_1 
_pdbx_validate_symm_contact.PDB_ins_code_1 
_pdbx_validate_symm_contact.label_alt_id_1 
_pdbx_validate_symm_contact.site_symmetry_1 
_pdbx_validate_symm_contact.auth_atom_id_2 
_pdbx_validate_symm_contact.auth_asym_id_2 
_pdbx_validate_symm_contact.auth_comp_id_2 
_pdbx_validate_symm_contact.auth_seq_id_2 
_pdbx_validate_symm_contact.PDB_ins_code_2 
_pdbx_validate_symm_contact.label_alt_id_2 
_pdbx_validate_symm_contact.site_symmetry_2 
_pdbx_validate_symm_contact.dist 
1 1 O A HOH 328 ? ? 1_555 O A HOH 358 ? ? 7_645 1.97 
2 1 O A HOH 350 ? ? 1_555 O A HOH 350 ? ? 7_555 2.14 
3 1 O A HOH 330 ? ? 1_555 O A HOH 378 ? ? 7_645 2.18 
# 
_pdbx_validate_torsion.id              1 
_pdbx_validate_torsion.PDB_model_num   1 
_pdbx_validate_torsion.auth_comp_id    LYS 
_pdbx_validate_torsion.auth_asym_id    A 
_pdbx_validate_torsion.auth_seq_id     58 
_pdbx_validate_torsion.PDB_ins_code    ? 
_pdbx_validate_torsion.label_alt_id    ? 
_pdbx_validate_torsion.phi             -39.70 
_pdbx_validate_torsion.psi             121.05 
# 
loop_
_pdbx_validate_polymer_linkage.id 
_pdbx_validate_polymer_linkage.PDB_model_num 
_pdbx_validate_polymer_linkage.auth_atom_id_1 
_pdbx_validate_polymer_linkage.auth_asym_id_1 
_pdbx_validate_polymer_linkage.auth_comp_id_1 
_pdbx_validate_polymer_linkage.auth_seq_id_1 
_pdbx_validate_polymer_linkage.PDB_ins_code_1 
_pdbx_validate_polymer_linkage.label_alt_id_1 
_pdbx_validate_polymer_linkage.auth_atom_id_2 
_pdbx_validate_polymer_linkage.auth_asym_id_2 
_pdbx_validate_polymer_linkage.auth_comp_id_2 
_pdbx_validate_polymer_linkage.auth_seq_id_2 
_pdbx_validate_polymer_linkage.PDB_ins_code_2 
_pdbx_validate_polymer_linkage.label_alt_id_2 
_pdbx_validate_polymer_linkage.dist 
1 1 C A LEU 46 ? C N A LYS 47 ? C 1.96 
2 1 C A LEU 46 ? D N A LYS 47 ? D 1.96 
3 1 C A LYS 47 ? C N A ASP 48 ? C 1.79 
4 1 C A LYS 47 ? D N A ASP 48 ? D 1.80 
# 
loop_
_pdbx_struct_special_symmetry.id 
_pdbx_struct_special_symmetry.PDB_model_num 
_pdbx_struct_special_symmetry.auth_asym_id 
_pdbx_struct_special_symmetry.auth_comp_id 
_pdbx_struct_special_symmetry.auth_seq_id 
_pdbx_struct_special_symmetry.PDB_ins_code 
_pdbx_struct_special_symmetry.label_asym_id 
_pdbx_struct_special_symmetry.label_comp_id 
_pdbx_struct_special_symmetry.label_seq_id 
1 1 A HOH 302 ? C HOH . 
2 1 A HOH 304 ? C HOH . 
# 
loop_
_pdbx_unobs_or_zero_occ_residues.id 
_pdbx_unobs_or_zero_occ_residues.PDB_model_num 
_pdbx_unobs_or_zero_occ_residues.polymer_flag 
_pdbx_unobs_or_zero_occ_residues.occupancy_flag 
_pdbx_unobs_or_zero_occ_residues.auth_asym_id 
_pdbx_unobs_or_zero_occ_residues.auth_comp_id 
_pdbx_unobs_or_zero_occ_residues.auth_seq_id 
_pdbx_unobs_or_zero_occ_residues.PDB_ins_code 
_pdbx_unobs_or_zero_occ_residues.label_asym_id 
_pdbx_unobs_or_zero_occ_residues.label_comp_id 
_pdbx_unobs_or_zero_occ_residues.label_seq_id 
1 1 Y 1 A GLU 10 ? A GLU 1  
2 1 Y 1 A ARG 77 ? A ARG 68 
3 1 Y 1 A THR 78 ? A THR 69 
# 
loop_
_chem_comp_atom.comp_id 
_chem_comp_atom.atom_id 
_chem_comp_atom.type_symbol 
_chem_comp_atom.pdbx_aromatic_flag 
_chem_comp_atom.pdbx_stereo_config 
_chem_comp_atom.pdbx_ordinal 
A1CS5 C01  C N N 1   
A1CS5 C02  C N N 2   
A1CS5 O03  O N N 3   
A1CS5 N04  N N N 4   
A1CS5 C05  C Y N 5   
A1CS5 C06  C Y N 6   
A1CS5 C07  C Y N 7   
A1CS5 C08  C Y N 8   
A1CS5 C09  C Y N 9   
A1CS5 N10  N Y N 10  
A1CS5 N11  N N N 11  
A1CS5 C12  C N N 12  
A1CS5 O13  O N N 13  
A1CS5 C14  C N N 14  
A1CS5 H1   H N N 15  
A1CS5 H2   H N N 16  
A1CS5 H3   H N N 17  
A1CS5 H4   H N N 18  
A1CS5 H5   H N N 19  
A1CS5 H6   H N N 20  
A1CS5 H7   H N N 21  
A1CS5 H8   H N N 22  
A1CS5 H9   H N N 23  
A1CS5 H10  H N N 24  
A1CS5 H11  H N N 25  
ALA   N    N N N 26  
ALA   CA   C N S 27  
ALA   C    C N N 28  
ALA   O    O N N 29  
ALA   CB   C N N 30  
ALA   OXT  O N N 31  
ALA   H    H N N 32  
ALA   H2   H N N 33  
ALA   HA   H N N 34  
ALA   HB1  H N N 35  
ALA   HB2  H N N 36  
ALA   HB3  H N N 37  
ALA   HXT  H N N 38  
ARG   N    N N N 39  
ARG   CA   C N S 40  
ARG   C    C N N 41  
ARG   O    O N N 42  
ARG   CB   C N N 43  
ARG   CG   C N N 44  
ARG   CD   C N N 45  
ARG   NE   N N N 46  
ARG   CZ   C N N 47  
ARG   NH1  N N N 48  
ARG   NH2  N N N 49  
ARG   OXT  O N N 50  
ARG   H    H N N 51  
ARG   H2   H N N 52  
ARG   HA   H N N 53  
ARG   HB2  H N N 54  
ARG   HB3  H N N 55  
ARG   HG2  H N N 56  
ARG   HG3  H N N 57  
ARG   HD2  H N N 58  
ARG   HD3  H N N 59  
ARG   HE   H N N 60  
ARG   HH11 H N N 61  
ARG   HH12 H N N 62  
ARG   HH21 H N N 63  
ARG   HH22 H N N 64  
ARG   HXT  H N N 65  
ASP   N    N N N 66  
ASP   CA   C N S 67  
ASP   C    C N N 68  
ASP   O    O N N 69  
ASP   CB   C N N 70  
ASP   CG   C N N 71  
ASP   OD1  O N N 72  
ASP   OD2  O N N 73  
ASP   OXT  O N N 74  
ASP   H    H N N 75  
ASP   H2   H N N 76  
ASP   HA   H N N 77  
ASP   HB2  H N N 78  
ASP   HB3  H N N 79  
ASP   HD2  H N N 80  
ASP   HXT  H N N 81  
CYS   N    N N N 82  
CYS   CA   C N R 83  
CYS   C    C N N 84  
CYS   O    O N N 85  
CYS   CB   C N N 86  
CYS   SG   S N N 87  
CYS   OXT  O N N 88  
CYS   H    H N N 89  
CYS   H2   H N N 90  
CYS   HA   H N N 91  
CYS   HB2  H N N 92  
CYS   HB3  H N N 93  
CYS   HG   H N N 94  
CYS   HXT  H N N 95  
GLN   N    N N N 96  
GLN   CA   C N S 97  
GLN   C    C N N 98  
GLN   O    O N N 99  
GLN   CB   C N N 100 
GLN   CG   C N N 101 
GLN   CD   C N N 102 
GLN   OE1  O N N 103 
GLN   NE2  N N N 104 
GLN   OXT  O N N 105 
GLN   H    H N N 106 
GLN   H2   H N N 107 
GLN   HA   H N N 108 
GLN   HB2  H N N 109 
GLN   HB3  H N N 110 
GLN   HG2  H N N 111 
GLN   HG3  H N N 112 
GLN   HE21 H N N 113 
GLN   HE22 H N N 114 
GLN   HXT  H N N 115 
GLU   N    N N N 116 
GLU   CA   C N S 117 
GLU   C    C N N 118 
GLU   O    O N N 119 
GLU   CB   C N N 120 
GLU   CG   C N N 121 
GLU   CD   C N N 122 
GLU   OE1  O N N 123 
GLU   OE2  O N N 124 
GLU   OXT  O N N 125 
GLU   H    H N N 126 
GLU   H2   H N N 127 
GLU   HA   H N N 128 
GLU   HB2  H N N 129 
GLU   HB3  H N N 130 
GLU   HG2  H N N 131 
GLU   HG3  H N N 132 
GLU   HE2  H N N 133 
GLU   HXT  H N N 134 
GLY   N    N N N 135 
GLY   CA   C N N 136 
GLY   C    C N N 137 
GLY   O    O N N 138 
GLY   OXT  O N N 139 
GLY   H    H N N 140 
GLY   H2   H N N 141 
GLY   HA2  H N N 142 
GLY   HA3  H N N 143 
GLY   HXT  H N N 144 
HIS   N    N N N 145 
HIS   CA   C N S 146 
HIS   C    C N N 147 
HIS   O    O N N 148 
HIS   CB   C N N 149 
HIS   CG   C Y N 150 
HIS   ND1  N Y N 151 
HIS   CD2  C Y N 152 
HIS   CE1  C Y N 153 
HIS   NE2  N Y N 154 
HIS   OXT  O N N 155 
HIS   H    H N N 156 
HIS   H2   H N N 157 
HIS   HA   H N N 158 
HIS   HB2  H N N 159 
HIS   HB3  H N N 160 
HIS   HD1  H N N 161 
HIS   HD2  H N N 162 
HIS   HE1  H N N 163 
HIS   HE2  H N N 164 
HIS   HXT  H N N 165 
HOH   O    O N N 166 
HOH   H1   H N N 167 
HOH   H2   H N N 168 
ILE   N    N N N 169 
ILE   CA   C N S 170 
ILE   C    C N N 171 
ILE   O    O N N 172 
ILE   CB   C N S 173 
ILE   CG1  C N N 174 
ILE   CG2  C N N 175 
ILE   CD1  C N N 176 
ILE   OXT  O N N 177 
ILE   H    H N N 178 
ILE   H2   H N N 179 
ILE   HA   H N N 180 
ILE   HB   H N N 181 
ILE   HG12 H N N 182 
ILE   HG13 H N N 183 
ILE   HG21 H N N 184 
ILE   HG22 H N N 185 
ILE   HG23 H N N 186 
ILE   HD11 H N N 187 
ILE   HD12 H N N 188 
ILE   HD13 H N N 189 
ILE   HXT  H N N 190 
LEU   N    N N N 191 
LEU   CA   C N S 192 
LEU   C    C N N 193 
LEU   O    O N N 194 
LEU   CB   C N N 195 
LEU   CG   C N N 196 
LEU   CD1  C N N 197 
LEU   CD2  C N N 198 
LEU   OXT  O N N 199 
LEU   H    H N N 200 
LEU   H2   H N N 201 
LEU   HA   H N N 202 
LEU   HB2  H N N 203 
LEU   HB3  H N N 204 
LEU   HG   H N N 205 
LEU   HD11 H N N 206 
LEU   HD12 H N N 207 
LEU   HD13 H N N 208 
LEU   HD21 H N N 209 
LEU   HD22 H N N 210 
LEU   HD23 H N N 211 
LEU   HXT  H N N 212 
LYS   N    N N N 213 
LYS   CA   C N S 214 
LYS   C    C N N 215 
LYS   O    O N N 216 
LYS   CB   C N N 217 
LYS   CG   C N N 218 
LYS   CD   C N N 219 
LYS   CE   C N N 220 
LYS   NZ   N N N 221 
LYS   OXT  O N N 222 
LYS   H    H N N 223 
LYS   H2   H N N 224 
LYS   HA   H N N 225 
LYS   HB2  H N N 226 
LYS   HB3  H N N 227 
LYS   HG2  H N N 228 
LYS   HG3  H N N 229 
LYS   HD2  H N N 230 
LYS   HD3  H N N 231 
LYS   HE2  H N N 232 
LYS   HE3  H N N 233 
LYS   HZ1  H N N 234 
LYS   HZ2  H N N 235 
LYS   HZ3  H N N 236 
LYS   HXT  H N N 237 
MET   N    N N N 238 
MET   CA   C N S 239 
MET   C    C N N 240 
MET   O    O N N 241 
MET   CB   C N N 242 
MET   CG   C N N 243 
MET   SD   S N N 244 
MET   CE   C N N 245 
MET   OXT  O N N 246 
MET   H    H N N 247 
MET   H2   H N N 248 
MET   HA   H N N 249 
MET   HB2  H N N 250 
MET   HB3  H N N 251 
MET   HG2  H N N 252 
MET   HG3  H N N 253 
MET   HE1  H N N 254 
MET   HE2  H N N 255 
MET   HE3  H N N 256 
MET   HXT  H N N 257 
PHE   N    N N N 258 
PHE   CA   C N S 259 
PHE   C    C N N 260 
PHE   O    O N N 261 
PHE   CB   C N N 262 
PHE   CG   C Y N 263 
PHE   CD1  C Y N 264 
PHE   CD2  C Y N 265 
PHE   CE1  C Y N 266 
PHE   CE2  C Y N 267 
PHE   CZ   C Y N 268 
PHE   OXT  O N N 269 
PHE   H    H N N 270 
PHE   H2   H N N 271 
PHE   HA   H N N 272 
PHE   HB2  H N N 273 
PHE   HB3  H N N 274 
PHE   HD1  H N N 275 
PHE   HD2  H N N 276 
PHE   HE1  H N N 277 
PHE   HE2  H N N 278 
PHE   HZ   H N N 279 
PHE   HXT  H N N 280 
PRO   N    N N N 281 
PRO   CA   C N S 282 
PRO   C    C N N 283 
PRO   O    O N N 284 
PRO   CB   C N N 285 
PRO   CG   C N N 286 
PRO   CD   C N N 287 
PRO   OXT  O N N 288 
PRO   H    H N N 289 
PRO   HA   H N N 290 
PRO   HB2  H N N 291 
PRO   HB3  H N N 292 
PRO   HG2  H N N 293 
PRO   HG3  H N N 294 
PRO   HD2  H N N 295 
PRO   HD3  H N N 296 
PRO   HXT  H N N 297 
SER   N    N N N 298 
SER   CA   C N S 299 
SER   C    C N N 300 
SER   O    O N N 301 
SER   CB   C N N 302 
SER   OG   O N N 303 
SER   OXT  O N N 304 
SER   H    H N N 305 
SER   H2   H N N 306 
SER   HA   H N N 307 
SER   HB2  H N N 308 
SER   HB3  H N N 309 
SER   HG   H N N 310 
SER   HXT  H N N 311 
THR   N    N N N 312 
THR   CA   C N S 313 
THR   C    C N N 314 
THR   O    O N N 315 
THR   CB   C N R 316 
THR   OG1  O N N 317 
THR   CG2  C N N 318 
THR   OXT  O N N 319 
THR   H    H N N 320 
THR   H2   H N N 321 
THR   HA   H N N 322 
THR   HB   H N N 323 
THR   HG1  H N N 324 
THR   HG21 H N N 325 
THR   HG22 H N N 326 
THR   HG23 H N N 327 
THR   HXT  H N N 328 
TYR   N    N N N 329 
TYR   CA   C N S 330 
TYR   C    C N N 331 
TYR   O    O N N 332 
TYR   CB   C N N 333 
TYR   CG   C Y N 334 
TYR   CD1  C Y N 335 
TYR   CD2  C Y N 336 
TYR   CE1  C Y N 337 
TYR   CE2  C Y N 338 
TYR   CZ   C Y N 339 
TYR   OH   O N N 340 
TYR   OXT  O N N 341 
TYR   H    H N N 342 
TYR   H2   H N N 343 
TYR   HA   H N N 344 
TYR   HB2  H N N 345 
TYR   HB3  H N N 346 
TYR   HD1  H N N 347 
TYR   HD2  H N N 348 
TYR   HE1  H N N 349 
TYR   HE2  H N N 350 
TYR   HH   H N N 351 
TYR   HXT  H N N 352 
VAL   N    N N N 353 
VAL   CA   C N S 354 
VAL   C    C N N 355 
VAL   O    O N N 356 
VAL   CB   C N N 357 
VAL   CG1  C N N 358 
VAL   CG2  C N N 359 
VAL   OXT  O N N 360 
VAL   H    H N N 361 
VAL   H2   H N N 362 
VAL   HA   H N N 363 
VAL   HB   H N N 364 
VAL   HG11 H N N 365 
VAL   HG12 H N N 366 
VAL   HG13 H N N 367 
VAL   HG21 H N N 368 
VAL   HG22 H N N 369 
VAL   HG23 H N N 370 
VAL   HXT  H N N 371 
# 
loop_
_chem_comp_bond.comp_id 
_chem_comp_bond.atom_id_1 
_chem_comp_bond.atom_id_2 
_chem_comp_bond.value_order 
_chem_comp_bond.pdbx_aromatic_flag 
_chem_comp_bond.pdbx_stereo_config 
_chem_comp_bond.pdbx_ordinal 
A1CS5 C14 C12  sing N N 1   
A1CS5 C12 O13  doub N N 2   
A1CS5 C12 N11  sing N N 3   
A1CS5 N11 C09  sing N N 4   
A1CS5 C09 C08  doub Y N 5   
A1CS5 C09 N10  sing Y N 6   
A1CS5 C08 C07  sing Y N 7   
A1CS5 N10 C05  doub Y N 8   
A1CS5 C07 C06  doub Y N 9   
A1CS5 C05 C06  sing Y N 10  
A1CS5 C05 N04  sing N N 11  
A1CS5 N04 C02  sing N N 12  
A1CS5 C02 O03  doub N N 13  
A1CS5 C02 C01  sing N N 14  
A1CS5 C01 H1   sing N N 15  
A1CS5 C01 H2   sing N N 16  
A1CS5 C01 H3   sing N N 17  
A1CS5 N04 H4   sing N N 18  
A1CS5 C06 H5   sing N N 19  
A1CS5 C07 H6   sing N N 20  
A1CS5 C08 H7   sing N N 21  
A1CS5 N11 H8   sing N N 22  
A1CS5 C14 H9   sing N N 23  
A1CS5 C14 H10  sing N N 24  
A1CS5 C14 H11  sing N N 25  
ALA   N   CA   sing N N 26  
ALA   N   H    sing N N 27  
ALA   N   H2   sing N N 28  
ALA   CA  C    sing N N 29  
ALA   CA  CB   sing N N 30  
ALA   CA  HA   sing N N 31  
ALA   C   O    doub N N 32  
ALA   C   OXT  sing N N 33  
ALA   CB  HB1  sing N N 34  
ALA   CB  HB2  sing N N 35  
ALA   CB  HB3  sing N N 36  
ALA   OXT HXT  sing N N 37  
ARG   N   CA   sing N N 38  
ARG   N   H    sing N N 39  
ARG   N   H2   sing N N 40  
ARG   CA  C    sing N N 41  
ARG   CA  CB   sing N N 42  
ARG   CA  HA   sing N N 43  
ARG   C   O    doub N N 44  
ARG   C   OXT  sing N N 45  
ARG   CB  CG   sing N N 46  
ARG   CB  HB2  sing N N 47  
ARG   CB  HB3  sing N N 48  
ARG   CG  CD   sing N N 49  
ARG   CG  HG2  sing N N 50  
ARG   CG  HG3  sing N N 51  
ARG   CD  NE   sing N N 52  
ARG   CD  HD2  sing N N 53  
ARG   CD  HD3  sing N N 54  
ARG   NE  CZ   sing N N 55  
ARG   NE  HE   sing N N 56  
ARG   CZ  NH1  sing N N 57  
ARG   CZ  NH2  doub N N 58  
ARG   NH1 HH11 sing N N 59  
ARG   NH1 HH12 sing N N 60  
ARG   NH2 HH21 sing N N 61  
ARG   NH2 HH22 sing N N 62  
ARG   OXT HXT  sing N N 63  
ASP   N   CA   sing N N 64  
ASP   N   H    sing N N 65  
ASP   N   H2   sing N N 66  
ASP   CA  C    sing N N 67  
ASP   CA  CB   sing N N 68  
ASP   CA  HA   sing N N 69  
ASP   C   O    doub N N 70  
ASP   C   OXT  sing N N 71  
ASP   CB  CG   sing N N 72  
ASP   CB  HB2  sing N N 73  
ASP   CB  HB3  sing N N 74  
ASP   CG  OD1  doub N N 75  
ASP   CG  OD2  sing N N 76  
ASP   OD2 HD2  sing N N 77  
ASP   OXT HXT  sing N N 78  
CYS   N   CA   sing N N 79  
CYS   N   H    sing N N 80  
CYS   N   H2   sing N N 81  
CYS   CA  C    sing N N 82  
CYS   CA  CB   sing N N 83  
CYS   CA  HA   sing N N 84  
CYS   C   O    doub N N 85  
CYS   C   OXT  sing N N 86  
CYS   CB  SG   sing N N 87  
CYS   CB  HB2  sing N N 88  
CYS   CB  HB3  sing N N 89  
CYS   SG  HG   sing N N 90  
CYS   OXT HXT  sing N N 91  
GLN   N   CA   sing N N 92  
GLN   N   H    sing N N 93  
GLN   N   H2   sing N N 94  
GLN   CA  C    sing N N 95  
GLN   CA  CB   sing N N 96  
GLN   CA  HA   sing N N 97  
GLN   C   O    doub N N 98  
GLN   C   OXT  sing N N 99  
GLN   CB  CG   sing N N 100 
GLN   CB  HB2  sing N N 101 
GLN   CB  HB3  sing N N 102 
GLN   CG  CD   sing N N 103 
GLN   CG  HG2  sing N N 104 
GLN   CG  HG3  sing N N 105 
GLN   CD  OE1  doub N N 106 
GLN   CD  NE2  sing N N 107 
GLN   NE2 HE21 sing N N 108 
GLN   NE2 HE22 sing N N 109 
GLN   OXT HXT  sing N N 110 
GLU   N   CA   sing N N 111 
GLU   N   H    sing N N 112 
GLU   N   H2   sing N N 113 
GLU   CA  C    sing N N 114 
GLU   CA  CB   sing N N 115 
GLU   CA  HA   sing N N 116 
GLU   C   O    doub N N 117 
GLU   C   OXT  sing N N 118 
GLU   CB  CG   sing N N 119 
GLU   CB  HB2  sing N N 120 
GLU   CB  HB3  sing N N 121 
GLU   CG  CD   sing N N 122 
GLU   CG  HG2  sing N N 123 
GLU   CG  HG3  sing N N 124 
GLU   CD  OE1  doub N N 125 
GLU   CD  OE2  sing N N 126 
GLU   OE2 HE2  sing N N 127 
GLU   OXT HXT  sing N N 128 
GLY   N   CA   sing N N 129 
GLY   N   H    sing N N 130 
GLY   N   H2   sing N N 131 
GLY   CA  C    sing N N 132 
GLY   CA  HA2  sing N N 133 
GLY   CA  HA3  sing N N 134 
GLY   C   O    doub N N 135 
GLY   C   OXT  sing N N 136 
GLY   OXT HXT  sing N N 137 
HIS   N   CA   sing N N 138 
HIS   N   H    sing N N 139 
HIS   N   H2   sing N N 140 
HIS   CA  C    sing N N 141 
HIS   CA  CB   sing N N 142 
HIS   CA  HA   sing N N 143 
HIS   C   O    doub N N 144 
HIS   C   OXT  sing N N 145 
HIS   CB  CG   sing N N 146 
HIS   CB  HB2  sing N N 147 
HIS   CB  HB3  sing N N 148 
HIS   CG  ND1  sing Y N 149 
HIS   CG  CD2  doub Y N 150 
HIS   ND1 CE1  doub Y N 151 
HIS   ND1 HD1  sing N N 152 
HIS   CD2 NE2  sing Y N 153 
HIS   CD2 HD2  sing N N 154 
HIS   CE1 NE2  sing Y N 155 
HIS   CE1 HE1  sing N N 156 
HIS   NE2 HE2  sing N N 157 
HIS   OXT HXT  sing N N 158 
HOH   O   H1   sing N N 159 
HOH   O   H2   sing N N 160 
ILE   N   CA   sing N N 161 
ILE   N   H    sing N N 162 
ILE   N   H2   sing N N 163 
ILE   CA  C    sing N N 164 
ILE   CA  CB   sing N N 165 
ILE   CA  HA   sing N N 166 
ILE   C   O    doub N N 167 
ILE   C   OXT  sing N N 168 
ILE   CB  CG1  sing N N 169 
ILE   CB  CG2  sing N N 170 
ILE   CB  HB   sing N N 171 
ILE   CG1 CD1  sing N N 172 
ILE   CG1 HG12 sing N N 173 
ILE   CG1 HG13 sing N N 174 
ILE   CG2 HG21 sing N N 175 
ILE   CG2 HG22 sing N N 176 
ILE   CG2 HG23 sing N N 177 
ILE   CD1 HD11 sing N N 178 
ILE   CD1 HD12 sing N N 179 
ILE   CD1 HD13 sing N N 180 
ILE   OXT HXT  sing N N 181 
LEU   N   CA   sing N N 182 
LEU   N   H    sing N N 183 
LEU   N   H2   sing N N 184 
LEU   CA  C    sing N N 185 
LEU   CA  CB   sing N N 186 
LEU   CA  HA   sing N N 187 
LEU   C   O    doub N N 188 
LEU   C   OXT  sing N N 189 
LEU   CB  CG   sing N N 190 
LEU   CB  HB2  sing N N 191 
LEU   CB  HB3  sing N N 192 
LEU   CG  CD1  sing N N 193 
LEU   CG  CD2  sing N N 194 
LEU   CG  HG   sing N N 195 
LEU   CD1 HD11 sing N N 196 
LEU   CD1 HD12 sing N N 197 
LEU   CD1 HD13 sing N N 198 
LEU   CD2 HD21 sing N N 199 
LEU   CD2 HD22 sing N N 200 
LEU   CD2 HD23 sing N N 201 
LEU   OXT HXT  sing N N 202 
LYS   N   CA   sing N N 203 
LYS   N   H    sing N N 204 
LYS   N   H2   sing N N 205 
LYS   CA  C    sing N N 206 
LYS   CA  CB   sing N N 207 
LYS   CA  HA   sing N N 208 
LYS   C   O    doub N N 209 
LYS   C   OXT  sing N N 210 
LYS   CB  CG   sing N N 211 
LYS   CB  HB2  sing N N 212 
LYS   CB  HB3  sing N N 213 
LYS   CG  CD   sing N N 214 
LYS   CG  HG2  sing N N 215 
LYS   CG  HG3  sing N N 216 
LYS   CD  CE   sing N N 217 
LYS   CD  HD2  sing N N 218 
LYS   CD  HD3  sing N N 219 
LYS   CE  NZ   sing N N 220 
LYS   CE  HE2  sing N N 221 
LYS   CE  HE3  sing N N 222 
LYS   NZ  HZ1  sing N N 223 
LYS   NZ  HZ2  sing N N 224 
LYS   NZ  HZ3  sing N N 225 
LYS   OXT HXT  sing N N 226 
MET   N   CA   sing N N 227 
MET   N   H    sing N N 228 
MET   N   H2   sing N N 229 
MET   CA  C    sing N N 230 
MET   CA  CB   sing N N 231 
MET   CA  HA   sing N N 232 
MET   C   O    doub N N 233 
MET   C   OXT  sing N N 234 
MET   CB  CG   sing N N 235 
MET   CB  HB2  sing N N 236 
MET   CB  HB3  sing N N 237 
MET   CG  SD   sing N N 238 
MET   CG  HG2  sing N N 239 
MET   CG  HG3  sing N N 240 
MET   SD  CE   sing N N 241 
MET   CE  HE1  sing N N 242 
MET   CE  HE2  sing N N 243 
MET   CE  HE3  sing N N 244 
MET   OXT HXT  sing N N 245 
PHE   N   CA   sing N N 246 
PHE   N   H    sing N N 247 
PHE   N   H2   sing N N 248 
PHE   CA  C    sing N N 249 
PHE   CA  CB   sing N N 250 
PHE   CA  HA   sing N N 251 
PHE   C   O    doub N N 252 
PHE   C   OXT  sing N N 253 
PHE   CB  CG   sing N N 254 
PHE   CB  HB2  sing N N 255 
PHE   CB  HB3  sing N N 256 
PHE   CG  CD1  doub Y N 257 
PHE   CG  CD2  sing Y N 258 
PHE   CD1 CE1  sing Y N 259 
PHE   CD1 HD1  sing N N 260 
PHE   CD2 CE2  doub Y N 261 
PHE   CD2 HD2  sing N N 262 
PHE   CE1 CZ   doub Y N 263 
PHE   CE1 HE1  sing N N 264 
PHE   CE2 CZ   sing Y N 265 
PHE   CE2 HE2  sing N N 266 
PHE   CZ  HZ   sing N N 267 
PHE   OXT HXT  sing N N 268 
PRO   N   CA   sing N N 269 
PRO   N   CD   sing N N 270 
PRO   N   H    sing N N 271 
PRO   CA  C    sing N N 272 
PRO   CA  CB   sing N N 273 
PRO   CA  HA   sing N N 274 
PRO   C   O    doub N N 275 
PRO   C   OXT  sing N N 276 
PRO   CB  CG   sing N N 277 
PRO   CB  HB2  sing N N 278 
PRO   CB  HB3  sing N N 279 
PRO   CG  CD   sing N N 280 
PRO   CG  HG2  sing N N 281 
PRO   CG  HG3  sing N N 282 
PRO   CD  HD2  sing N N 283 
PRO   CD  HD3  sing N N 284 
PRO   OXT HXT  sing N N 285 
SER   N   CA   sing N N 286 
SER   N   H    sing N N 287 
SER   N   H2   sing N N 288 
SER   CA  C    sing N N 289 
SER   CA  CB   sing N N 290 
SER   CA  HA   sing N N 291 
SER   C   O    doub N N 292 
SER   C   OXT  sing N N 293 
SER   CB  OG   sing N N 294 
SER   CB  HB2  sing N N 295 
SER   CB  HB3  sing N N 296 
SER   OG  HG   sing N N 297 
SER   OXT HXT  sing N N 298 
THR   N   CA   sing N N 299 
THR   N   H    sing N N 300 
THR   N   H2   sing N N 301 
THR   CA  C    sing N N 302 
THR   CA  CB   sing N N 303 
THR   CA  HA   sing N N 304 
THR   C   O    doub N N 305 
THR   C   OXT  sing N N 306 
THR   CB  OG1  sing N N 307 
THR   CB  CG2  sing N N 308 
THR   CB  HB   sing N N 309 
THR   OG1 HG1  sing N N 310 
THR   CG2 HG21 sing N N 311 
THR   CG2 HG22 sing N N 312 
THR   CG2 HG23 sing N N 313 
THR   OXT HXT  sing N N 314 
TYR   N   CA   sing N N 315 
TYR   N   H    sing N N 316 
TYR   N   H2   sing N N 317 
TYR   CA  C    sing N N 318 
TYR   CA  CB   sing N N 319 
TYR   CA  HA   sing N N 320 
TYR   C   O    doub N N 321 
TYR   C   OXT  sing N N 322 
TYR   CB  CG   sing N N 323 
TYR   CB  HB2  sing N N 324 
TYR   CB  HB3  sing N N 325 
TYR   CG  CD1  doub Y N 326 
TYR   CG  CD2  sing Y N 327 
TYR   CD1 CE1  sing Y N 328 
TYR   CD1 HD1  sing N N 329 
TYR   CD2 CE2  doub Y N 330 
TYR   CD2 HD2  sing N N 331 
TYR   CE1 CZ   doub Y N 332 
TYR   CE1 HE1  sing N N 333 
TYR   CE2 CZ   sing Y N 334 
TYR   CE2 HE2  sing N N 335 
TYR   CZ  OH   sing N N 336 
TYR   OH  HH   sing N N 337 
TYR   OXT HXT  sing N N 338 
VAL   N   CA   sing N N 339 
VAL   N   H    sing N N 340 
VAL   N   H2   sing N N 341 
VAL   CA  C    sing N N 342 
VAL   CA  CB   sing N N 343 
VAL   CA  HA   sing N N 344 
VAL   C   O    doub N N 345 
VAL   C   OXT  sing N N 346 
VAL   CB  CG1  sing N N 347 
VAL   CB  CG2  sing N N 348 
VAL   CB  HB   sing N N 349 
VAL   CG1 HG11 sing N N 350 
VAL   CG1 HG12 sing N N 351 
VAL   CG1 HG13 sing N N 352 
VAL   CG2 HG21 sing N N 353 
VAL   CG2 HG22 sing N N 354 
VAL   CG2 HG23 sing N N 355 
VAL   OXT HXT  sing N N 356 
# 
_pdbx_audit_support.ordinal                1 
_pdbx_audit_support.funding_organization   'Helmholtz Association' 
_pdbx_audit_support.country                Germany 
# 
_pdbx_deposit_group.group_id            G_1002337 
_pdbx_deposit_group.group_title         
'PanDDA analysis group deposition of SARS-CoV-2 Nsp1 soaked with fragments from the KIT library' 
_pdbx_deposit_group.group_description   
;SARS-CoV-2 Nsp1 soaked with Fragments from the KIT library. Includes refined models for hit compounds with ligands placed into the PanDDA event-map, which is the primary evidence for ligand placement. The event-, average and Z-maps and the 2Fo-Fc and Fo-Fc maps are included in the mmcif file. 2Fo-Fc and Fo-Fc maps are not useful to consider as evidence for ligand placement.
;
_pdbx_deposit_group.group_type          'changed state' 
# 
_pdbx_initial_refinement_model.id               1 
_pdbx_initial_refinement_model.type             'experimental model' 
_pdbx_initial_refinement_model.accession_code   7EQ4 
_pdbx_initial_refinement_model.source_name      PDB 
# 
_atom_sites.entry_id                    7IBI 
_atom_sites.fract_transf_matrix[1][1]   0.01743983 
_atom_sites.fract_transf_matrix[1][2]   -0.02096585 
_atom_sites.fract_transf_matrix[1][3]   -0.00086995 
_atom_sites.fract_transf_matrix[2][1]   0.00633468 
_atom_sites.fract_transf_matrix[2][2]   0.00633867 
_atom_sites.fract_transf_matrix[2][3]   -0.02577138 
_atom_sites.fract_transf_matrix[3][1]   0.00514987 
_atom_sites.fract_transf_matrix[3][2]   0.00418850 
_atom_sites.fract_transf_matrix[3][3]   0.00229605 
_atom_sites.fract_transf_vector[1]      0.189435 
_atom_sites.fract_transf_vector[2]      -0.440197 
_atom_sites.fract_transf_vector[3]      0.060195 
# 
loop_
_atom_type.symbol 
C 
N 
O 
S 
# 
loop_
_atom_site.group_PDB 
_atom_site.id 
_atom_site.type_symbol 
_atom_site.label_atom_id 
_atom_site.label_alt_id 
_atom_site.label_comp_id 
_atom_site.label_asym_id 
_atom_site.label_entity_id 
_atom_site.label_seq_id 
_atom_site.pdbx_PDB_ins_code 
_atom_site.Cartn_x 
_atom_site.Cartn_y 
_atom_site.Cartn_z 
_atom_site.occupancy 
_atom_site.B_iso_or_equiv 
_atom_site.pdbx_formal_charge 
_atom_site.auth_seq_id 
_atom_site.auth_comp_id 
_atom_site.auth_asym_id 
_atom_site.auth_atom_id 
_atom_site.pdbx_PDB_model_num 
ATOM   1    N N   . LYS   A 1 2   ? 2.635   -12.347 -12.252 1.00 57.64  ?  11  LYS   A N   1 
ATOM   2    C CA  . LYS   A 1 2   ? 1.559   -11.462 -12.804 1.00 53.18  ?  11  LYS   A CA  1 
ATOM   3    C C   . LYS   A 1 2   ? 1.929   -9.986  -12.626 1.00 50.80  ?  11  LYS   A C   1 
ATOM   4    O O   . LYS   A 1 2   ? 2.532   -9.624  -11.623 1.00 50.79  ?  11  LYS   A O   1 
ATOM   5    C CB  . LYS   A 1 2   ? 0.230   -11.728 -12.091 1.00 60.18  ?  11  LYS   A CB  1 
ATOM   6    C CG  . LYS   A 1 2   ? -0.380  -13.100 -12.326 1.00 66.92  ?  11  LYS   A CG  1 
ATOM   7    C CD  . LYS   A 1 2   ? -1.709  -13.279 -11.630 1.00 78.62  ?  11  LYS   A CD  1 
ATOM   8    C CE  . LYS   A 1 2   ? -2.273  -14.670 -11.805 1.00 88.01  ?  11  LYS   A CE  1 
ATOM   9    N NZ  . LYS   A 1 2   ? -2.500  -14.982 -13.237 1.00 98.24  ?  11  LYS   A NZ  1 
ATOM   10   N N   . THR   A 1 3   ? 1.491   -9.125  -13.530 1.00 41.72  ?  12  THR   A N   1 
ATOM   11   C CA  . THR   A 1 3   ? 1.680   -7.661  -13.431 1.00 41.25  ?  12  THR   A CA  1 
ATOM   12   C C   . THR   A 1 3   ? 0.695   -7.034  -12.441 1.00 45.09  ?  12  THR   A C   1 
ATOM   13   O O   . THR   A 1 3   ? 0.970   -5.937  -11.909 1.00 49.41  ?  12  THR   A O   1 
ATOM   14   C CB  . THR   A 1 3   ? 1.464   -7.003  -14.794 1.00 43.14  ?  12  THR   A CB  1 
ATOM   15   O OG1 . THR   A 1 3   ? 0.093   -7.200  -15.152 1.00 40.36  ?  12  THR   A OG1 1 
ATOM   16   C CG2 . THR   A 1 3   ? 2.394   -7.568  -15.835 1.00 38.72  ?  12  THR   A CG2 1 
ATOM   17   N N   A HIS   A 1 4   ? -0.429  -7.706  -12.174 0.35 43.54  ?  13  HIS   A N   1 
ATOM   18   N N   B HIS   A 1 4   ? -0.430  -7.705  -12.175 0.34 43.56  ?  13  HIS   A N   1 
ATOM   19   N N   C HIS   A 1 4   ? -0.459  -7.681  -12.261 0.16 45.62  ?  13  HIS   A N   1 
ATOM   20   N N   D HIS   A 1 4   ? -0.459  -7.681  -12.261 0.15 45.64  ?  13  HIS   A N   1 
ATOM   21   C CA  A HIS   A 1 4   ? -1.454  -7.250  -11.194 0.35 43.33  ?  13  HIS   A CA  1 
ATOM   22   C CA  B HIS   A 1 4   ? -1.454  -7.250  -11.194 0.34 43.36  ?  13  HIS   A CA  1 
ATOM   23   C CA  C HIS   A 1 4   ? -1.550  -7.220  -11.366 0.16 45.89  ?  13  HIS   A CA  1 
ATOM   24   C CA  D HIS   A 1 4   ? -1.550  -7.220  -11.366 0.15 45.91  ?  13  HIS   A CA  1 
ATOM   25   C C   A HIS   A 1 4   ? -1.782  -8.386  -10.232 0.35 46.33  ?  13  HIS   A C   1 
ATOM   26   C C   B HIS   A 1 4   ? -1.782  -8.386  -10.232 0.34 46.31  ?  13  HIS   A C   1 
ATOM   27   C C   C HIS   A 1 4   ? -1.999  -8.363  -10.461 0.16 46.51  ?  13  HIS   A C   1 
ATOM   28   C C   D HIS   A 1 4   ? -1.998  -8.364  -10.461 0.15 46.49  ?  13  HIS   A C   1 
ATOM   29   O O   A HIS   A 1 4   ? -1.724  -9.553  -10.665 0.35 45.85  ?  13  HIS   A O   1 
ATOM   30   O O   B HIS   A 1 4   ? -1.724  -9.553  -10.665 0.34 45.84  ?  13  HIS   A O   1 
ATOM   31   O O   C HIS   A 1 4   ? -2.131  -9.499  -10.960 0.16 46.23  ?  13  HIS   A O   1 
ATOM   32   O O   D HIS   A 1 4   ? -2.129  -9.500  -10.958 0.15 46.22  ?  13  HIS   A O   1 
ATOM   33   C CB  A HIS   A 1 4   ? -2.725  -6.744  -11.882 0.35 44.89  ?  13  HIS   A CB  1 
ATOM   34   C CB  B HIS   A 1 4   ? -2.724  -6.743  -11.883 0.34 44.90  ?  13  HIS   A CB  1 
ATOM   35   C CB  C HIS   A 1 4   ? -2.728  -6.667  -12.169 0.16 47.73  ?  13  HIS   A CB  1 
ATOM   36   C CB  D HIS   A 1 4   ? -2.729  -6.668  -12.169 0.15 47.71  ?  13  HIS   A CB  1 
ATOM   37   C CG  A HIS   A 1 4   ? -2.617  -5.357  -12.410 0.35 44.23  ?  13  HIS   A CG  1 
ATOM   38   C CG  B HIS   A 1 4   ? -2.617  -5.357  -12.411 0.34 44.25  ?  13  HIS   A CG  1 
ATOM   39   C CG  C HIS   A 1 4   ? -2.513  -5.280  -12.656 0.16 47.69  ?  13  HIS   A CG  1 
ATOM   40   C CG  D HIS   A 1 4   ? -2.513  -5.280  -12.656 0.15 47.70  ?  13  HIS   A CG  1 
ATOM   41   N ND1 A HIS   A 1 4   ? -2.002  -5.082  -13.608 0.35 45.00  ?  13  HIS   A ND1 1 
ATOM   42   N ND1 B HIS   A 1 4   ? -2.002  -5.082  -13.609 0.34 45.01  ?  13  HIS   A ND1 1 
ATOM   43   N ND1 C HIS   A 1 4   ? -1.727  -5.007  -13.752 0.16 48.90  ?  13  HIS   A ND1 1 
ATOM   44   N ND1 D HIS   A 1 4   ? -1.728  -5.008  -13.754 0.15 48.89  ?  13  HIS   A ND1 1 
ATOM   45   C CD2 A HIS   A 1 4   ? -3.050  -4.174  -11.917 0.35 46.90  ?  13  HIS   A CD2 1 
ATOM   46   C CD2 B HIS   A 1 4   ? -3.051  -4.174  -11.918 0.34 46.88  ?  13  HIS   A CD2 1 
ATOM   47   C CD2 C HIS   A 1 4   ? -2.965  -4.092  -12.198 0.16 49.46  ?  13  HIS   A CD2 1 
ATOM   48   C CD2 D HIS   A 1 4   ? -2.965  -4.093  -12.198 0.15 49.43  ?  13  HIS   A CD2 1 
ATOM   49   C CE1 A HIS   A 1 4   ? -2.053  -3.787  -13.835 0.35 47.22  ?  13  HIS   A CE1 1 
ATOM   50   C CE1 B HIS   A 1 4   ? -2.052  -3.787  -13.836 0.34 47.20  ?  13  HIS   A CE1 1 
ATOM   51   C CE1 C HIS   A 1 4   ? -1.707  -3.709  -13.958 0.16 49.61  ?  13  HIS   A CE1 1 
ATOM   52   C CE1 D HIS   A 1 4   ? -1.708  -3.708  -13.958 0.15 49.59  ?  13  HIS   A CE1 1 
ATOM   53   N NE2 A HIS   A 1 4   ? -2.696  -3.205  -12.815 0.35 47.58  ?  13  HIS   A NE2 1 
ATOM   54   N NE2 B HIS   A 1 4   ? -2.695  -3.206  -12.815 0.34 47.56  ?  13  HIS   A NE2 1 
ATOM   55   N NE2 C HIS   A 1 4   ? -2.462  -3.123  -13.019 0.16 49.97  ?  13  HIS   A NE2 1 
ATOM   56   N NE2 D HIS   A 1 4   ? -2.462  -3.123  -13.019 0.15 49.93  ?  13  HIS   A NE2 1 
ATOM   57   N N   A VAL   A 1 5   ? -2.097  -8.042  -8.977  0.35 43.31  ?  14  VAL   A N   1 
ATOM   58   N N   B VAL   A 1 5   ? -2.097  -8.043  -8.978  0.34 43.34  ?  14  VAL   A N   1 
ATOM   59   N N   C VAL   A 1 5   ? -2.235  -8.044  -9.188  0.16 45.45  ?  14  VAL   A N   1 
ATOM   60   N N   D VAL   A 1 5   ? -2.236  -8.045  -9.188  0.15 45.47  ?  14  VAL   A N   1 
ATOM   61   C CA  A VAL   A 1 5   ? -2.433  -9.021  -7.904  0.35 45.30  ?  14  VAL   A CA  1 
ATOM   62   C CA  B VAL   A 1 5   ? -2.434  -9.022  -7.904  0.34 45.31  ?  14  VAL   A CA  1 
ATOM   63   C CA  C VAL   A 1 5   ? -2.681  -9.011  -8.146  0.16 45.93  ?  14  VAL   A CA  1 
ATOM   64   C CA  D VAL   A 1 5   ? -2.681  -9.011  -8.145  0.15 45.93  ?  14  VAL   A CA  1 
ATOM   65   C C   A VAL   A 1 5   ? -3.681  -8.541  -7.167  0.35 43.82  ?  14  VAL   A C   1 
ATOM   66   C C   B VAL   A 1 5   ? -3.682  -8.540  -7.167  0.34 43.84  ?  14  VAL   A C   1 
ATOM   67   C C   C VAL   A 1 5   ? -3.911  -8.432  -7.443  0.16 46.36  ?  14  VAL   A C   1 
ATOM   68   C C   D VAL   A 1 5   ? -3.911  -8.431  -7.443  0.15 46.34  ?  14  VAL   A C   1 
ATOM   69   O O   A VAL   A 1 5   ? -3.739  -7.343  -6.809  0.35 41.11  ?  14  VAL   A O   1 
ATOM   70   O O   B VAL   A 1 5   ? -3.739  -7.343  -6.809  0.34 41.17  ?  14  VAL   A O   1 
ATOM   71   O O   C VAL   A 1 5   ? -3.958  -7.200  -7.231  0.16 46.00  ?  14  VAL   A O   1 
ATOM   72   O O   D VAL   A 1 5   ? -3.957  -7.200  -7.230  0.15 46.01  ?  14  VAL   A O   1 
ATOM   73   C CB  A VAL   A 1 5   ? -1.262  -9.256  -6.932  0.35 47.69  ?  14  VAL   A CB  1 
ATOM   74   C CB  B VAL   A 1 5   ? -1.262  -9.256  -6.932  0.34 47.68  ?  14  VAL   A CB  1 
ATOM   75   C CB  C VAL   A 1 5   ? -1.551  -9.338  -7.149  0.16 45.86  ?  14  VAL   A CB  1 
ATOM   76   C CB  D VAL   A 1 5   ? -1.551  -9.338  -7.149  0.15 45.86  ?  14  VAL   A CB  1 
ATOM   77   C CG1 A VAL   A 1 5   ? -0.739  -7.966  -6.320  0.35 47.25  ?  14  VAL   A CG1 1 
ATOM   78   C CG1 B VAL   A 1 5   ? -0.739  -7.966  -6.320  0.34 47.25  ?  14  VAL   A CG1 1 
ATOM   79   C CG1 C VAL   A 1 5   ? -0.404  -10.071 -7.828  0.16 45.70  ?  14  VAL   A CG1 1 
ATOM   80   C CG1 D VAL   A 1 5   ? -0.404  -10.071 -7.828  0.15 45.70  ?  14  VAL   A CG1 1 
ATOM   81   C CG2 A VAL   A 1 5   ? -1.645  -10.254 -5.848  0.35 52.77  ?  14  VAL   A CG2 1 
ATOM   82   C CG2 B VAL   A 1 5   ? -1.645  -10.254 -5.848  0.34 52.69  ?  14  VAL   A CG2 1 
ATOM   83   C CG2 C VAL   A 1 5   ? -1.042  -8.100  -6.427  0.16 45.42  ?  14  VAL   A CG2 1 
ATOM   84   C CG2 D VAL   A 1 5   ? -1.042  -8.100  -6.427  0.15 45.43  ?  14  VAL   A CG2 1 
ATOM   85   N N   A GLN   A 1 6   ? -4.642  -9.454  -6.991  0.35 42.04  ?  15  GLN   A N   1 
ATOM   86   N N   B GLN   A 1 6   ? -4.642  -9.453  -6.990  0.34 42.08  ?  15  GLN   A N   1 
ATOM   87   N N   C GLN   A 1 6   ? -4.868  -9.302  -7.117  0.16 45.89  ?  15  GLN   A N   1 
ATOM   88   N N   D GLN   A 1 6   ? -4.868  -9.301  -7.116  0.15 45.89  ?  15  GLN   A N   1 
ATOM   89   C CA  A GLN   A 1 6   ? -5.904  -9.230  -6.251  0.35 45.13  ?  15  GLN   A CA  1 
ATOM   90   C CA  B GLN   A 1 6   ? -5.904  -9.228  -6.248  0.34 45.11  ?  15  GLN   A CA  1 
ATOM   91   C CA  C GLN   A 1 6   ? -6.121  -8.954  -6.404  0.16 46.77  ?  15  GLN   A CA  1 
ATOM   92   C CA  D GLN   A 1 6   ? -6.121  -8.952  -6.401  0.15 46.72  ?  15  GLN   A CA  1 
ATOM   93   C C   A GLN   A 1 6   ? -5.565  -9.267  -4.762  0.35 41.52  ?  15  GLN   A C   1 
ATOM   94   C C   B GLN   A 1 6   ? -5.564  -9.265  -4.759  0.34 41.52  ?  15  GLN   A C   1 
ATOM   95   C C   C GLN   A 1 6   ? -5.868  -9.112  -4.902  0.16 43.95  ?  15  GLN   A C   1 
ATOM   96   C C   D GLN   A 1 6   ? -5.867  -9.107  -4.899  0.15 43.93  ?  15  GLN   A C   1 
ATOM   97   O O   A GLN   A 1 6   ? -4.981  -10.283 -4.316  0.35 42.36  ?  15  GLN   A O   1 
ATOM   98   O O   B GLN   A 1 6   ? -4.982  -10.281 -4.313  0.34 42.35  ?  15  GLN   A O   1 
ATOM   99   O O   C GLN   A 1 6   ? -5.587  -10.249 -4.472  0.16 44.03  ?  15  GLN   A O   1 
ATOM   100  O O   D GLN   A 1 6   ? -5.585  -10.245 -4.468  0.15 44.01  ?  15  GLN   A O   1 
ATOM   101  C CB  A GLN   A 1 6   ? -6.958  -10.276 -6.630  0.35 46.82  ?  15  GLN   A CB  1 
ATOM   102  C CB  B GLN   A 1 6   ? -6.958  -10.273 -6.627  0.34 46.83  ?  15  GLN   A CB  1 
ATOM   103  C CB  C GLN   A 1 6   ? -7.262  -9.842  -6.906  0.16 48.20  ?  15  GLN   A CB  1 
ATOM   104  C CB  D GLN   A 1 6   ? -7.261  -9.840  -6.903  0.15 48.16  ?  15  GLN   A CB  1 
ATOM   105  C CG  A GLN   A 1 6   ? -7.720  -9.920  -7.896  0.35 49.18  ?  15  GLN   A CG  1 
ATOM   106  C CG  B GLN   A 1 6   ? -7.719  -9.920  -7.895  0.34 49.18  ?  15  GLN   A CG  1 
ATOM   107  C CG  C GLN   A 1 6   ? -7.412  -9.804  -8.419  0.16 49.63  ?  15  GLN   A CG  1 
ATOM   108  C CG  D GLN   A 1 6   ? -7.412  -9.804  -8.417  0.15 49.59  ?  15  GLN   A CG  1 
ATOM   109  C CD  A GLN   A 1 6   ? -8.813  -10.914 -8.200  0.35 54.34  ?  15  GLN   A CD  1 
ATOM   110  C CD  B GLN   A 1 6   ? -8.812  -10.914 -8.199  0.34 54.29  ?  15  GLN   A CD  1 
ATOM   111  C CD  C GLN   A 1 6   ? -8.803  -10.158 -8.881  0.16 50.75  ?  15  GLN   A CD  1 
ATOM   112  C CD  D GLN   A 1 6   ? -8.803  -10.160 -8.879  0.15 50.70  ?  15  GLN   A CD  1 
ATOM   113  O OE1 A GLN   A 1 6   ? -9.057  -11.848 -7.433  0.35 54.55  ?  15  GLN   A OE1 1 
ATOM   114  O OE1 B GLN   A 1 6   ? -9.056  -11.847 -7.432  0.34 54.51  ?  15  GLN   A OE1 1 
ATOM   115  O OE1 C GLN   A 1 6   ? -9.373  -11.170 -8.477  0.16 52.77  ?  15  GLN   A OE1 1 
ATOM   116  O OE1 D GLN   A 1 6   ? -9.372  -11.171 -8.474  0.15 52.69  ?  15  GLN   A OE1 1 
ATOM   117  N NE2 A GLN   A 1 6   ? -9.476  -10.719 -9.330  0.35 57.53  ?  15  GLN   A NE2 1 
ATOM   118  N NE2 B GLN   A 1 6   ? -9.476  -10.719 -9.330  0.34 57.45  ?  15  GLN   A NE2 1 
ATOM   119  N NE2 C GLN   A 1 6   ? -9.359  -9.324  -9.746  0.16 50.37  ?  15  GLN   A NE2 1 
ATOM   120  N NE2 D GLN   A 1 6   ? -9.359  -9.325  -9.744  0.15 50.36  ?  15  GLN   A NE2 1 
ATOM   121  N N   A LEU   A 1 7   ? -5.871  -8.183  -4.048  0.35 38.63  ?  16  LEU   A N   1 
ATOM   122  N N   B LEU   A 1 7   ? -5.871  -8.180  -4.044  0.34 38.63  ?  16  LEU   A N   1 
ATOM   123  N N   C LEU   A 1 7   ? -5.946  -8.005  -4.153  0.16 41.27  ?  16  LEU   A N   1 
ATOM   124  N N   D LEU   A 1 7   ? -5.947  -8.002  -4.149  0.15 41.26  ?  16  LEU   A N   1 
ATOM   125  C CA  A LEU   A 1 7   ? -5.637  -8.059  -2.589  0.35 37.92  ?  16  LEU   A CA  1 
ATOM   126  C CA  B LEU   A 1 7   ? -5.638  -8.056  -2.584  0.34 37.89  ?  16  LEU   A CA  1 
ATOM   127  C CA  C LEU   A 1 7   ? -5.667  -7.940  -2.693  0.16 40.00  ?  16  LEU   A CA  1 
ATOM   128  C CA  D LEU   A 1 7   ? -5.667  -7.937  -2.688  0.15 39.96  ?  16  LEU   A CA  1 
ATOM   129  C C   A LEU   A 1 7   ? -6.902  -7.525  -1.929  0.35 36.94  ?  16  LEU   A C   1 
ATOM   130  C C   B LEU   A 1 7   ? -6.905  -7.524  -1.924  0.34 36.83  ?  16  LEU   A C   1 
ATOM   131  C C   C LEU   A 1 7   ? -6.922  -7.470  -1.957  0.16 38.59  ?  16  LEU   A C   1 
ATOM   132  C C   D LEU   A 1 7   ? -6.926  -7.467  -1.952  0.15 38.48  ?  16  LEU   A C   1 
ATOM   133  O O   A LEU   A 1 7   ? -7.624  -6.736  -2.556  0.35 36.48  ?  16  LEU   A O   1 
ATOM   134  O O   B LEU   A 1 7   ? -7.617  -6.725  -2.552  0.34 36.44  ?  16  LEU   A O   1 
ATOM   135  O O   C LEU   A 1 7   ? -7.685  -6.678  -2.542  0.16 38.16  ?  16  LEU   A O   1 
ATOM   136  O O   D LEU   A 1 7   ? -7.674  -6.658  -2.533  0.15 38.10  ?  16  LEU   A O   1 
ATOM   137  C CB  A LEU   A 1 7   ? -4.463  -7.112  -2.322  0.35 38.45  ?  16  LEU   A CB  1 
ATOM   138  C CB  B LEU   A 1 7   ? -4.462  -7.110  -2.321  0.34 38.45  ?  16  LEU   A CB  1 
ATOM   139  C CB  C LEU   A 1 7   ? -4.514  -6.961  -2.442  0.16 40.29  ?  16  LEU   A CB  1 
ATOM   140  C CB  D LEU   A 1 7   ? -4.514  -6.958  -2.440  0.15 40.29  ?  16  LEU   A CB  1 
ATOM   141  C CG  A LEU   A 1 7   ? -3.125  -7.525  -2.937  0.35 42.13  ?  16  LEU   A CG  1 
ATOM   142  C CG  B LEU   A 1 7   ? -3.125  -7.524  -2.937  0.34 42.11  ?  16  LEU   A CG  1 
ATOM   143  C CG  C LEU   A 1 7   ? -3.216  -7.238  -3.199  0.16 41.94  ?  16  LEU   A CG  1 
ATOM   144  C CG  D LEU   A 1 7   ? -3.215  -7.238  -3.199  0.15 41.91  ?  16  LEU   A CG  1 
ATOM   145  C CD1 A LEU   A 1 7   ? -2.100  -6.417  -2.762  0.35 44.54  ?  16  LEU   A CD1 1 
ATOM   146  C CD1 B LEU   A 1 7   ? -2.099  -6.417  -2.762  0.34 44.49  ?  16  LEU   A CD1 1 
ATOM   147  C CD1 C LEU   A 1 7   ? -2.245  -6.082  -3.029  0.16 43.02  ?  16  LEU   A CD1 1 
ATOM   148  C CD1 D LEU   A 1 7   ? -2.242  -6.081  -3.031  0.15 42.96  ?  16  LEU   A CD1 1 
ATOM   149  C CD2 A LEU   A 1 7   ? -2.618  -8.826  -2.327  0.35 43.09  ?  16  LEU   A CD2 1 
ATOM   150  C CD2 B LEU   A 1 7   ? -2.617  -8.825  -2.327  0.34 43.05  ?  16  LEU   A CD2 1 
ATOM   151  C CD2 C LEU   A 1 7   ? -2.577  -8.540  -2.737  0.16 42.80  ?  16  LEU   A CD2 1 
ATOM   152  C CD2 D LEU   A 1 7   ? -2.578  -8.539  -2.737  0.15 42.75  ?  16  LEU   A CD2 1 
ATOM   153  N N   A SER   A 1 8   ? -7.135  -7.965  -0.699  0.35 36.15  ?  17  SER   A N   1 
ATOM   154  N N   B SER   A 1 8   ? -7.164  -7.981  -0.703  0.34 35.87  ?  17  SER   A N   1 
ATOM   155  N N   C SER   A 1 8   ? -7.112  -7.932  -0.718  0.16 37.19  ?  17  SER   A N   1 
ATOM   156  N N   D SER   A 1 8   ? -7.140  -7.946  -0.722  0.15 36.88  ?  17  SER   A N   1 
ATOM   157  C CA  A SER   A 1 8   ? -8.164  -7.430  0.225   0.35 37.21  ?  17  SER   A CA  1 
ATOM   158  C CA  B SER   A 1 8   ? -8.180  -7.425  0.224   0.34 36.63  ?  17  SER   A CA  1 
ATOM   159  C CA  C SER   A 1 8   ? -8.146  -7.431  0.224   0.16 37.31  ?  17  SER   A CA  1 
ATOM   160  C CA  D SER   A 1 8   ? -8.162  -7.422  0.223   0.15 36.75  ?  17  SER   A CA  1 
ATOM   161  C C   A SER   A 1 8   ? -7.438  -6.775  1.405   0.35 34.65  ?  17  SER   A C   1 
ATOM   162  C C   B SER   A 1 8   ? -7.434  -6.774  1.396   0.34 34.40  ?  17  SER   A C   1 
ATOM   163  C C   C SER   A 1 8   ? -7.431  -6.777  1.408   0.16 35.17  ?  17  SER   A C   1 
ATOM   164  C C   D SER   A 1 8   ? -7.426  -6.776  1.399   0.15 34.89  ?  17  SER   A C   1 
ATOM   165  O O   A SER   A 1 8   ? -6.850  -7.516  2.193   0.35 36.49  ?  17  SER   A O   1 
ATOM   166  O O   B SER   A 1 8   ? -6.826  -7.517  2.169   0.34 36.16  ?  17  SER   A O   1 
ATOM   167  O O   C SER   A 1 8   ? -6.852  -7.519  2.214   0.16 36.75  ?  17  SER   A O   1 
ATOM   168  O O   D SER   A 1 8   ? -6.826  -7.522  2.187   0.15 36.37  ?  17  SER   A O   1 
ATOM   169  C CB  A SER   A 1 8   ? -9.085  -8.531  0.662   0.35 38.69  ?  17  SER   A CB  1 
ATOM   170  C CB  B SER   A 1 8   ? -9.131  -8.500  0.683   0.34 37.83  ?  17  SER   A CB  1 
ATOM   171  C CB  C SER   A 1 8   ? -9.066  -8.538  0.665   0.16 38.44  ?  17  SER   A CB  1 
ATOM   172  C CB  D SER   A 1 8   ? -9.115  -8.499  0.680   0.15 37.58  ?  17  SER   A CB  1 
ATOM   173  O OG  A SER   A 1 8   ? -9.979  -8.879  -0.387  0.35 40.18  ?  17  SER   A OG  1 
ATOM   174  O OG  B SER   A 1 8   ? -10.324 -7.933  1.217   0.34 37.82  ?  17  SER   A OG  1 
ATOM   175  O OG  C SER   A 1 8   ? -9.968  -8.883  -0.376  0.16 39.63  ?  17  SER   A OG  1 
ATOM   176  O OG  D SER   A 1 8   ? -10.310 -7.932  1.203   0.15 37.71  ?  17  SER   A OG  1 
ATOM   177  N N   . LEU   A 1 9   ? -7.437  -5.444  1.472   1.00 31.61  ?  18  LEU   A N   1 
ATOM   178  C CA  . LEU   A 1 9   ? -6.665  -4.690  2.501   1.00 34.30  ?  18  LEU   A CA  1 
ATOM   179  C C   . LEU   A 1 9   ? -7.559  -4.426  3.710   1.00 30.85  ?  18  LEU   A C   1 
ATOM   180  O O   . LEU   A 1 9   ? -8.652  -3.883  3.529   1.00 28.74  ?  18  LEU   A O   1 
ATOM   181  C CB  . LEU   A 1 9   ? -6.208  -3.389  1.869   1.00 33.82  ?  18  LEU   A CB  1 
ATOM   182  C CG  . LEU   A 1 9   ? -5.248  -3.566  0.695   1.00 30.96  ?  18  LEU   A CG  1 
ATOM   183  C CD1 . LEU   A 1 9   ? -4.690  -2.247  0.250   1.00 33.76  ?  18  LEU   A CD1 1 
ATOM   184  C CD2 . LEU   A 1 9   ? -4.124  -4.501  1.074   1.00 33.98  ?  18  LEU   A CD2 1 
ATOM   185  N N   . PRO   A 1 10  ? -7.131  -4.800  4.932   1.00 31.97  ?  19  PRO   A N   1 
ATOM   186  C CA  . PRO   A 1 10  ? -7.861  -4.415  6.140   1.00 29.67  ?  19  PRO   A CA  1 
ATOM   187  C C   . PRO   A 1 10  ? -7.796  -2.899  6.348   1.00 28.63  ?  19  PRO   A C   1 
ATOM   188  O O   . PRO   A 1 10  ? -6.734  -2.270  6.265   1.00 28.15  ?  19  PRO   A O   1 
ATOM   189  C CB  . PRO   A 1 10  ? -7.174  -5.174  7.277   1.00 30.93  ?  19  PRO   A CB  1 
ATOM   190  C CG  . PRO   A 1 10  ? -5.800  -5.457  6.767   1.00 35.42  ?  19  PRO   A CG  1 
ATOM   191  C CD  . PRO   A 1 10  ? -5.917  -5.554  5.255   1.00 33.76  ?  19  PRO   A CD  1 
ATOM   192  N N   . VAL   A 1 11  ? -8.960  -2.305  6.553   1.00 27.61  ?  20  VAL   A N   1 
ATOM   193  C CA  . VAL   A 1 11  ? -9.081  -0.849  6.787   1.00 25.60  ?  20  VAL   A CA  1 
ATOM   194  C C   . VAL   A 1 11  ? -8.980  -0.628  8.297   1.00 27.62  ?  20  VAL   A C   1 
ATOM   195  O O   . VAL   A 1 11  ? -9.761  -1.238  9.083   1.00 27.68  ?  20  VAL   A O   1 
ATOM   196  C CB  . VAL   A 1 11  ? -10.363 -0.270  6.189   1.00 30.64  ?  20  VAL   A CB  1 
ATOM   197  C CG1 . VAL   A 1 11  ? -10.480 1.203   6.503   1.00 31.77  ?  20  VAL   A CG1 1 
ATOM   198  C CG2 . VAL   A 1 11  ? -10.448 -0.498  4.689   1.00 33.02  ?  20  VAL   A CG2 1 
ATOM   199  N N   . LEU   A 1 12  ? -8.066  0.233   8.694   1.00 27.35  ?  21  LEU   A N   1 
ATOM   200  C CA  . LEU   A 1 12  ? -7.743  0.410   10.133  1.00 30.56  ?  21  LEU   A CA  1 
ATOM   201  C C   . LEU   A 1 12  ? -8.114  1.838   10.483  1.00 30.23  ?  21  LEU   A C   1 
ATOM   202  O O   . LEU   A 1 12  ? -7.930  2.744   9.673   1.00 31.41  ?  21  LEU   A O   1 
ATOM   203  C CB  . LEU   A 1 12  ? -6.253  0.160   10.392  1.00 27.46  ?  21  LEU   A CB  1 
ATOM   204  C CG  . LEU   A 1 12  ? -5.672  -1.153  9.896   1.00 28.10  ?  21  LEU   A CG  1 
ATOM   205  C CD1 . LEU   A 1 12  ? -4.188  -1.246  10.254  1.00 26.08  ?  21  LEU   A CD1 1 
ATOM   206  C CD2 . LEU   A 1 12  ? -6.430  -2.343  10.456  1.00 30.12  ?  21  LEU   A CD2 1 
ATOM   207  N N   A GLN   A 1 13  ? -8.640  2.047   11.689  0.21 30.45  ?  22  GLN   A N   1 
ATOM   208  N N   B GLN   A 1 13  ? -8.621  2.034   11.698  0.28 31.26  ?  22  GLN   A N   1 
ATOM   209  N N   C GLN   A 1 13  ? -8.640  2.047   11.689  0.21 30.45  ?  22  GLN   A N   1 
ATOM   210  N N   D GLN   A 1 13  ? -8.621  2.034   11.698  0.28 31.26  ?  22  GLN   A N   1 
ATOM   211  C CA  A GLN   A 1 13  ? -8.810  3.408   12.253  0.21 30.61  ?  22  GLN   A CA  1 
ATOM   212  C CA  B GLN   A 1 13  ? -8.774  3.377   12.305  0.28 32.17  ?  22  GLN   A CA  1 
ATOM   213  C CA  C GLN   A 1 13  ? -8.810  3.408   12.253  0.21 30.61  ?  22  GLN   A CA  1 
ATOM   214  C CA  D GLN   A 1 13  ? -8.774  3.377   12.305  0.28 32.17  ?  22  GLN   A CA  1 
ATOM   215  C C   A GLN   A 1 13  ? -7.423  3.929   12.637  0.21 28.58  ?  22  GLN   A C   1 
ATOM   216  C C   B GLN   A 1 13  ? -7.386  3.921   12.626  0.28 28.78  ?  22  GLN   A C   1 
ATOM   217  C C   C GLN   A 1 13  ? -7.423  3.929   12.637  0.21 28.58  ?  22  GLN   A C   1 
ATOM   218  C C   D GLN   A 1 13  ? -7.386  3.921   12.626  0.28 28.78  ?  22  GLN   A C   1 
ATOM   219  O O   A GLN   A 1 13  ? -6.652  3.164   13.248  0.21 31.48  ?  22  GLN   A O   1 
ATOM   220  O O   B GLN   A 1 13  ? -6.579  3.172   13.214  0.28 31.56  ?  22  GLN   A O   1 
ATOM   221  O O   C GLN   A 1 13  ? -6.652  3.164   13.248  0.21 31.48  ?  22  GLN   A O   1 
ATOM   222  O O   D GLN   A 1 13  ? -6.579  3.172   13.214  0.28 31.56  ?  22  GLN   A O   1 
ATOM   223  C CB  A GLN   A 1 13  ? -9.809  3.381   13.411  0.21 32.49  ?  22  GLN   A CB  1 
ATOM   224  C CB  B GLN   A 1 13  ? -9.659  3.279   13.544  0.28 36.08  ?  22  GLN   A CB  1 
ATOM   225  C CB  C GLN   A 1 13  ? -9.809  3.381   13.411  0.21 32.49  ?  22  GLN   A CB  1 
ATOM   226  C CB  D GLN   A 1 13  ? -9.659  3.279   13.544  0.28 36.08  ?  22  GLN   A CB  1 
ATOM   227  C CG  A GLN   A 1 13  ? -11.255 3.379   12.929  0.21 35.05  ?  22  GLN   A CG  1 
ATOM   228  C CG  B GLN   A 1 13  ? -11.033 2.731   13.209  0.28 42.17  ?  22  GLN   A CG  1 
ATOM   229  C CG  C GLN   A 1 13  ? -11.255 3.379   12.929  0.21 35.05  ?  22  GLN   A CG  1 
ATOM   230  C CG  D GLN   A 1 13  ? -11.033 2.731   13.209  0.28 42.17  ?  22  GLN   A CG  1 
ATOM   231  C CD  A GLN   A 1 13  ? -11.643 4.677   12.268  0.21 35.73  ?  22  GLN   A CD  1 
ATOM   232  C CD  B GLN   A 1 13  ? -11.987 2.846   14.368  0.28 45.75  ?  22  GLN   A CD  1 
ATOM   233  C CD  C GLN   A 1 13  ? -11.643 4.677   12.268  0.21 35.73  ?  22  GLN   A CD  1 
ATOM   234  C CD  D GLN   A 1 13  ? -11.987 2.846   14.368  0.28 45.75  ?  22  GLN   A CD  1 
ATOM   235  O OE1 A GLN   A 1 13  ? -11.203 5.755   12.670  0.21 39.00  ?  22  GLN   A OE1 1 
ATOM   236  O OE1 B GLN   A 1 13  ? -11.624 2.616   15.520  0.28 53.67  ?  22  GLN   A OE1 1 
ATOM   237  O OE1 C GLN   A 1 13  ? -11.203 5.755   12.670  0.21 39.00  ?  22  GLN   A OE1 1 
ATOM   238  O OE1 D GLN   A 1 13  ? -11.624 2.616   15.520  0.28 53.67  ?  22  GLN   A OE1 1 
ATOM   239  N NE2 A GLN   A 1 13  ? -12.457 4.585   11.229  0.21 37.65  ?  22  GLN   A NE2 1 
ATOM   240  N NE2 B GLN   A 1 13  ? -13.220 3.204   14.058  0.28 50.68  ?  22  GLN   A NE2 1 
ATOM   241  N NE2 C GLN   A 1 13  ? -12.457 4.585   11.229  0.21 37.65  ?  22  GLN   A NE2 1 
ATOM   242  N NE2 D GLN   A 1 13  ? -13.220 3.204   14.058  0.28 50.68  ?  22  GLN   A NE2 1 
ATOM   243  N N   . VAL   A 1 14  ? -7.121  5.177   12.278  1.00 28.80  ?  23  VAL   A N   1 
ATOM   244  C CA  . VAL   A 1 14  ? -5.787  5.809   12.485  1.00 28.76  ?  23  VAL   A CA  1 
ATOM   245  C C   . VAL   A 1 14  ? -5.358  5.713   13.953  1.00 29.17  ?  23  VAL   A C   1 
ATOM   246  O O   . VAL   A 1 14  ? -4.220  5.382   14.187  1.00 27.48  ?  23  VAL   A O   1 
ATOM   247  C CB  . VAL   A 1 14  ? -5.759  7.233   11.914  1.00 30.12  ?  23  VAL   A CB  1 
ATOM   248  C CG1 . VAL   A 1 14  ? -6.592  8.220   12.710  1.00 32.65  ?  23  VAL   A CG1 1 
ATOM   249  C CG2 . VAL   A 1 14  ? -4.343  7.722   11.752  1.00 32.16  ?  23  VAL   A CG2 1 
ATOM   250  N N   . ARG   A 1 15  ? -6.267  5.863   14.918  1.00 27.87  ?  24  ARG   A N   1 
ATOM   251  C CA  . ARG   A 1 15  ? -5.859  5.796   16.351  1.00 31.86  ?  24  ARG   A CA  1 
ATOM   252  C C   . ARG   A 1 15  ? -5.494  4.382   16.820  1.00 29.55  ?  24  ARG   A C   1 
ATOM   253  O O   . ARG   A 1 15  ? -4.823  4.303   17.842  1.00 31.13  ?  24  ARG   A O   1 
ATOM   254  C CB  . ARG   A 1 15  ? -6.916  6.464   17.227  1.00 31.44  ?  24  ARG   A CB  1 
ATOM   255  C CG  . ARG   A 1 15  ? -6.917  7.956   16.963  1.00 36.42  ?  24  ARG   A CG  1 
ATOM   256  C CD  . ARG   A 1 15  ? -7.863  8.691   17.874  1.00 41.54  ?  24  ARG   A CD  1 
ATOM   257  N NE  . ARG   A 1 15  ? -7.866  10.111  17.579  1.00 44.44  ?  24  ARG   A NE  1 
ATOM   258  C CZ  . ARG   A 1 15  ? -6.994  11.004  18.020  1.00 51.37  ?  24  ARG   A CZ  1 
ATOM   259  N NH1 . ARG   A 1 15  ? -5.987  10.643  18.799  1.00 60.73  ?  24  ARG   A NH1 1 
ATOM   260  N NH2 . ARG   A 1 15  ? -7.139  12.272  17.665  1.00 54.97  ?  24  ARG   A NH2 1 
ATOM   261  N N   . ASP   A 1 16  ? -5.845  3.328   16.078  1.00 29.49  ?  25  ASP   A N   1 
ATOM   262  C CA  . ASP   A 1 16  ? -5.452  1.940   16.389  1.00 30.45  ?  25  ASP   A CA  1 
ATOM   263  C C   . ASP   A 1 16  ? -4.039  1.650   15.885  1.00 29.68  ?  25  ASP   A C   1 
ATOM   264  O O   . ASP   A 1 16  ? -3.359  0.742   16.411  1.00 31.51  ?  25  ASP   A O   1 
ATOM   265  C CB  . ASP   A 1 16  ? -6.473  0.961   15.820  1.00 32.87  ?  25  ASP   A CB  1 
ATOM   266  C CG  . ASP   A 1 16  ? -7.805  0.994   16.574  1.00 35.45  ?  25  ASP   A CG  1 
ATOM   267  O OD1 . ASP   A 1 16  ? -7.792  1.392   17.772  1.00 34.04  ?  25  ASP   A OD1 1 
ATOM   268  O OD2 . ASP   A 1 16  ? -8.828  0.665   15.951  1.00 37.08  ?  25  ASP   A OD2 1 
ATOM   269  N N   . VAL   A 1 17  ? -3.571  2.370   14.886  1.00 27.52  ?  26  VAL   A N   1 
ATOM   270  C CA  . VAL   A 1 17  ? -2.368  1.920   14.141  1.00 27.88  ?  26  VAL   A CA  1 
ATOM   271  C C   . VAL   A 1 17  ? -1.136  1.976   15.054  1.00 26.28  ?  26  VAL   A C   1 
ATOM   272  O O   . VAL   A 1 17  ? -0.799  3.053   15.575  1.00 28.35  ?  26  VAL   A O   1 
ATOM   273  C CB  . VAL   A 1 17  ? -2.138  2.725   12.846  1.00 27.50  ?  26  VAL   A CB  1 
ATOM   274  C CG1 . VAL   A 1 17  ? -0.811  2.360   12.233  1.00 28.63  ?  26  VAL   A CG1 1 
ATOM   275  C CG2 . VAL   A 1 17  ? -3.278  2.550   11.873  1.00 31.46  ?  26  VAL   A CG2 1 
ATOM   276  N N   . LEU   A 1 18  ? -0.436  0.860   15.189  1.00 26.90  ?  27  LEU   A N   1 
ATOM   277  C CA  . LEU   A 1 18  ? 0.749   0.782   16.070  1.00 26.85  ?  27  LEU   A CA  1 
ATOM   278  C C   . LEU   A 1 18  ? 2.017   1.193   15.329  1.00 25.91  ?  27  LEU   A C   1 
ATOM   279  O O   . LEU   A 1 18  ? 2.865   1.756   15.976  1.00 29.99  ?  27  LEU   A O   1 
ATOM   280  C CB  . LEU   A 1 18  ? 0.891   -0.642  16.600  1.00 30.25  ?  27  LEU   A CB  1 
ATOM   281  C CG  . LEU   A 1 18  ? -0.279  -1.095  17.452  1.00 32.03  ?  27  LEU   A CG  1 
ATOM   282  C CD1 . LEU   A 1 18  ? -0.080  -2.539  17.893  1.00 36.76  ?  27  LEU   A CD1 1 
ATOM   283  C CD2 . LEU   A 1 18  ? -0.459  -0.158  18.626  1.00 36.31  ?  27  LEU   A CD2 1 
ATOM   284  N N   . VAL   A 1 19  ? 2.144   0.908   14.031  1.00 25.43  ?  28  VAL   A N   1 
ATOM   285  C CA  . VAL   A 1 19  ? 3.376   1.269   13.258  1.00 23.67  ?  28  VAL   A CA  1 
ATOM   286  C C   . VAL   A 1 19  ? 2.919   2.202   12.136  1.00 25.76  ?  28  VAL   A C   1 
ATOM   287  O O   . VAL   A 1 19  ? 2.152   1.728   11.245  1.00 26.49  ?  28  VAL   A O   1 
ATOM   288  C CB  . VAL   A 1 19  ? 4.121   0.038   12.732  1.00 26.49  ?  28  VAL   A CB  1 
ATOM   289  C CG1 . VAL   A 1 19  ? 5.446   0.461   12.095  1.00 28.31  ?  28  VAL   A CG1 1 
ATOM   290  C CG2 . VAL   A 1 19  ? 4.350   -0.991  13.819  1.00 28.79  ?  28  VAL   A CG2 1 
ATOM   291  N N   . ARG   A 1 20  ? 3.251   3.494   12.261  1.00 29.22  ?  29  ARG   A N   1 
ATOM   292  C CA  . ARG   A 1 20  ? 2.514   4.569   11.564  1.00 29.75  ?  29  ARG   A CA  1 
ATOM   293  C C   . ARG   A 1 20  ? 3.222   4.963   10.250  1.00 28.63  ?  29  ARG   A C   1 
ATOM   294  O O   . ARG   A 1 20  ? 2.821   5.949   9.655   1.00 30.33  ?  29  ARG   A O   1 
ATOM   295  C CB  . ARG   A 1 20  ? 2.355   5.732   12.520  1.00 34.53  ?  29  ARG   A CB  1 
ATOM   296  C CG  . ARG   A 1 20  ? 1.286   5.407   13.550  1.00 38.42  ?  29  ARG   A CG  1 
ATOM   297  C CD  . ARG   A 1 20  ? 1.156   6.396   14.651  1.00 45.51  ?  29  ARG   A CD  1 
ATOM   298  N NE  . ARG   A 1 20  ? 0.107   5.863   15.504  1.00 60.46  ?  29  ARG   A NE  1 
ATOM   299  C CZ  . ARG   A 1 20  ? -1.126  6.334   15.601  1.00 51.69  ?  29  ARG   A CZ  1 
ATOM   300  N NH1 . ARG   A 1 20  ? -1.488  7.434   14.954  1.00 57.37  ?  29  ARG   A NH1 1 
ATOM   301  N NH2 . ARG   A 1 20  ? -1.939  5.775   16.474  1.00 46.40  ?  29  ARG   A NH2 1 
ATOM   302  N N   . GLY   A 1 21  ? 4.173   4.160   9.808   1.00 30.85  ?  30  GLY   A N   1 
ATOM   303  C CA  . GLY   A 1 21  ? 4.729   4.261   8.453   1.00 30.73  ?  30  GLY   A CA  1 
ATOM   304  C C   . GLY   A 1 21  ? 5.691   3.140   8.193   1.00 33.69  ?  30  GLY   A C   1 
ATOM   305  O O   . GLY   A 1 21  ? 5.933   2.330   9.106   1.00 27.99  ?  30  GLY   A O   1 
ATOM   306  N N   . PHE   A 1 22  ? 6.279   3.138   7.001   1.00 30.53  ?  31  PHE   A N   1 
ATOM   307  C CA  . PHE   A 1 22  ? 7.096   2.028   6.480   1.00 30.50  ?  31  PHE   A CA  1 
ATOM   308  C C   . PHE   A 1 22  ? 8.586   2.331   6.609   1.00 35.07  ?  31  PHE   A C   1 
ATOM   309  O O   . PHE   A 1 22  ? 9.376   1.434   6.401   1.00 37.24  ?  31  PHE   A O   1 
ATOM   310  C CB  . PHE   A 1 22  ? 6.686   1.759   5.024   1.00 31.96  ?  31  PHE   A CB  1 
ATOM   311  C CG  . PHE   A 1 22  ? 5.392   0.994   4.894   1.00 29.23  ?  31  PHE   A CG  1 
ATOM   312  C CD1 . PHE   A 1 22  ? 5.300   -0.316  5.362   1.00 30.47  ?  31  PHE   A CD1 1 
ATOM   313  C CD2 . PHE   A 1 22  ? 4.281   1.553   4.284   1.00 27.53  ?  31  PHE   A CD2 1 
ATOM   314  C CE1 . PHE   A 1 22  ? 4.124   -1.038  5.221   1.00 29.71  ?  31  PHE   A CE1 1 
ATOM   315  C CE2 . PHE   A 1 22  ? 3.113   0.815   4.135   1.00 28.14  ?  31  PHE   A CE2 1 
ATOM   316  C CZ  . PHE   A 1 22  ? 3.024   -0.452  4.641   1.00 30.74  ?  31  PHE   A CZ  1 
ATOM   317  N N   . GLY   A 1 23  ? 8.985   3.571   6.891   1.00 33.05  ?  32  GLY   A N   1 
ATOM   318  C CA  . GLY   A 1 23  ? 10.425  3.882   6.967   1.00 33.47  ?  32  GLY   A CA  1 
ATOM   319  C C   . GLY   A 1 23  ? 10.715  5.339   6.667   1.00 32.54  ?  32  GLY   A C   1 
ATOM   320  O O   . GLY   A 1 23  ? 9.841   6.176   6.874   1.00 29.55  ?  32  GLY   A O   1 
ATOM   321  N N   . ASP   A 1 24  ? 11.939  5.616   6.229   1.00 32.80  ?  33  ASP   A N   1 
ATOM   322  C CA  . ASP   A 1 24  ? 12.551  6.951   6.429   1.00 37.34  ?  33  ASP   A CA  1 
ATOM   323  C C   . ASP   A 1 24  ? 12.933  7.602   5.101   1.00 40.58  ?  33  ASP   A C   1 
ATOM   324  O O   . ASP   A 1 24  ? 13.473  8.702   5.169   1.00 41.87  ?  33  ASP   A O   1 
ATOM   325  C CB  . ASP   A 1 24  ? 13.797  6.817   7.303   1.00 38.51  ?  33  ASP   A CB  1 
ATOM   326  C CG  . ASP   A 1 24  ? 13.493  6.152   8.632   1.00 44.00  ?  33  ASP   A CG  1 
ATOM   327  O OD1 . ASP   A 1 24  ? 12.312  6.257   9.072   1.00 41.81  ?  33  ASP   A OD1 1 
ATOM   328  O OD2 . ASP   A 1 24  ? 14.445  5.577   9.222   1.00 49.35  ?  33  ASP   A OD2 1 
ATOM   329  N N   . SER   A 1 25  ? 12.747  6.915   3.982   1.00 37.01  ?  34  SER   A N   1 
ATOM   330  C CA  . SER   A 1 25  ? 13.021  7.456   2.622   1.00 37.37  ?  34  SER   A CA  1 
ATOM   331  C C   . SER   A 1 25  ? 11.865  7.038   1.728   1.00 40.48  ?  34  SER   A C   1 
ATOM   332  O O   . SER   A 1 25  ? 11.228  5.995   1.969   1.00 33.91  ?  34  SER   A O   1 
ATOM   333  C CB  . SER   A 1 25  ? 14.344  6.995   2.070   1.00 35.49  ?  34  SER   A CB  1 
ATOM   334  O OG  . SER   A 1 25  ? 14.374  5.606   1.741   1.00 36.49  ?  34  SER   A OG  1 
ATOM   335  N N   A VAL   A 1 26  ? 11.597  7.845   0.700   0.35 36.75  ?  35  VAL   A N   1 
ATOM   336  N N   B VAL   A 1 26  ? 11.598  7.845   0.700   0.34 36.76  ?  35  VAL   A N   1 
ATOM   337  N N   C VAL   A 1 26  ? 11.603  7.845   0.701   0.16 38.03  ?  35  VAL   A N   1 
ATOM   338  N N   D VAL   A 1 26  ? 11.604  7.844   0.700   0.15 38.04  ?  35  VAL   A N   1 
ATOM   339  C CA  A VAL   A 1 26  ? 10.624  7.512   -0.378  0.35 35.99  ?  35  VAL   A CA  1 
ATOM   340  C CA  B VAL   A 1 26  ? 10.623  7.512   -0.377  0.34 35.99  ?  35  VAL   A CA  1 
ATOM   341  C CA  C VAL   A 1 26  ? 10.597  7.554   -0.359  0.16 38.04  ?  35  VAL   A CA  1 
ATOM   342  C CA  D VAL   A 1 26  ? 10.597  7.555   -0.360  0.15 38.05  ?  35  VAL   A CA  1 
ATOM   343  C C   A VAL   A 1 26  ? 10.909  6.093   -0.890  0.35 33.94  ?  35  VAL   A C   1 
ATOM   344  C C   B VAL   A 1 26  ? 10.909  6.094   -0.890  0.34 33.96  ?  35  VAL   A C   1 
ATOM   345  C C   C VAL   A 1 26  ? 10.831  6.140   -0.910  0.16 36.93  ?  35  VAL   A C   1 
ATOM   346  C C   D VAL   A 1 26  ? 10.830  6.141   -0.912  0.15 36.94  ?  35  VAL   A C   1 
ATOM   347  O O   A VAL   A 1 26  ? 9.972   5.288   -0.963  0.35 30.18  ?  35  VAL   A O   1 
ATOM   348  O O   B VAL   A 1 26  ? 9.971   5.287   -0.959  0.34 30.20  ?  35  VAL   A O   1 
ATOM   349  O O   C VAL   A 1 26  ? 9.848   5.381   -1.011  0.16 35.68  ?  35  VAL   A O   1 
ATOM   350  O O   D VAL   A 1 26  ? 9.846   5.383   -1.017  0.15 35.70  ?  35  VAL   A O   1 
ATOM   351  C CB  A VAL   A 1 26  ? 10.681  8.570   -1.493  0.35 36.70  ?  35  VAL   A CB  1 
ATOM   352  C CB  B VAL   A 1 26  ? 10.681  8.570   -1.493  0.34 36.71  ?  35  VAL   A CB  1 
ATOM   353  C CB  C VAL   A 1 26  ? 10.656  8.642   -1.447  0.16 38.41  ?  35  VAL   A CB  1 
ATOM   354  C CB  D VAL   A 1 26  ? 10.655  8.643   -1.447  0.15 38.41  ?  35  VAL   A CB  1 
ATOM   355  C CG1 A VAL   A 1 26  ? 9.970   8.104   -2.752  0.35 39.93  ?  35  VAL   A CG1 1 
ATOM   356  C CG1 B VAL   A 1 26  ? 9.970   8.104   -2.752  0.34 39.89  ?  35  VAL   A CG1 1 
ATOM   357  C CG1 C VAL   A 1 26  ? 10.136  8.155   -2.789  0.16 39.99  ?  35  VAL   A CG1 1 
ATOM   358  C CG1 D VAL   A 1 26  ? 10.136  8.156   -2.790  0.15 39.95  ?  35  VAL   A CG1 1 
ATOM   359  C CG2 A VAL   A 1 26  ? 10.108  9.891   -1.007  0.35 37.57  ?  35  VAL   A CG2 1 
ATOM   360  C CG2 B VAL   A 1 26  ? 10.107  9.891   -1.007  0.34 37.57  ?  35  VAL   A CG2 1 
ATOM   361  C CG2 C VAL   A 1 26  ? 9.913   9.889   -0.990  0.16 38.85  ?  35  VAL   A CG2 1 
ATOM   362  C CG2 D VAL   A 1 26  ? 9.912   9.890   -0.990  0.15 38.84  ?  35  VAL   A CG2 1 
ATOM   363  N N   A GLU   A 1 27  ? 12.166  5.788   -1.227  0.35 33.09  ?  36  GLU   A N   1 
ATOM   364  N N   B GLU   A 1 27  ? 12.166  5.789   -1.228  0.34 33.12  ?  36  GLU   A N   1 
ATOM   365  N N   C GLU   A 1 27  ? 12.082  5.788   -1.231  0.16 36.61  ?  36  GLU   A N   1 
ATOM   366  N N   D GLU   A 1 27  ? 12.080  5.788   -1.230  0.15 36.64  ?  36  GLU   A N   1 
ATOM   367  C CA  A GLU   A 1 27  ? 12.544  4.479   -1.818  0.35 35.50  ?  36  GLU   A CA  1 
ATOM   368  C CA  B GLU   A 1 27  ? 12.544  4.480   -1.818  0.34 35.51  ?  36  GLU   A CA  1 
ATOM   369  C CA  C GLU   A 1 27  ? 12.440  4.477   -1.837  0.16 37.34  ?  36  GLU   A CA  1 
ATOM   370  C CA  D GLU   A 1 27  ? 12.439  4.477   -1.837  0.15 37.34  ?  36  GLU   A CA  1 
ATOM   371  C C   A GLU   A 1 27  ? 12.258  3.355   -0.810  0.35 35.47  ?  36  GLU   A C   1 
ATOM   372  C C   B GLU   A 1 27  ? 12.257  3.356   -0.810  0.34 35.45  ?  36  GLU   A C   1 
ATOM   373  C C   C GLU   A 1 27  ? 12.158  3.340   -0.846  0.16 36.27  ?  36  GLU   A C   1 
ATOM   374  C C   D GLU   A 1 27  ? 12.156  3.340   -0.845  0.15 36.22  ?  36  GLU   A C   1 
ATOM   375  O O   A GLU   A 1 27  ? 11.754  2.289   -1.234  0.35 32.80  ?  36  GLU   A O   1 
ATOM   376  O O   B GLU   A 1 27  ? 11.748  2.294   -1.233  0.34 32.81  ?  36  GLU   A O   1 
ATOM   377  O O   C GLU   A 1 27  ? 11.648  2.286   -1.287  0.16 34.25  ?  36  GLU   A O   1 
ATOM   378  O O   D GLU   A 1 27  ? 11.643  2.286   -1.287  0.15 34.25  ?  36  GLU   A O   1 
ATOM   379  C CB  A GLU   A 1 27  ? 14.008  4.509   -2.255  0.35 40.36  ?  36  GLU   A CB  1 
ATOM   380  C CB  B GLU   A 1 27  ? 14.008  4.509   -2.255  0.34 40.33  ?  36  GLU   A CB  1 
ATOM   381  C CB  C GLU   A 1 27  ? 13.907  4.465   -2.264  0.16 40.18  ?  36  GLU   A CB  1 
ATOM   382  C CB  D GLU   A 1 27  ? 13.907  4.465   -2.263  0.15 40.14  ?  36  GLU   A CB  1 
ATOM   383  C CG  A GLU   A 1 27  ? 14.226  5.402   -3.463  0.35 44.06  ?  36  GLU   A CG  1 
ATOM   384  C CG  B GLU   A 1 27  ? 14.226  5.402   -3.463  0.34 44.01  ?  36  GLU   A CG  1 
ATOM   385  C CG  C GLU   A 1 27  ? 14.193  5.374   -3.444  0.16 42.18  ?  36  GLU   A CG  1 
ATOM   386  C CG  D GLU   A 1 27  ? 14.193  5.373   -3.443  0.15 42.11  ?  36  GLU   A CG  1 
ATOM   387  C CD  A GLU   A 1 27  ? 15.666  5.821   -3.680  0.35 47.13  ?  36  GLU   A CD  1 
ATOM   388  C CD  B GLU   A 1 27  ? 15.666  5.821   -3.680  0.34 47.06  ?  36  GLU   A CD  1 
ATOM   389  C CD  C GLU   A 1 27  ? 15.672  5.578   -3.707  0.16 43.63  ?  36  GLU   A CD  1 
ATOM   390  C CD  D GLU   A 1 27  ? 15.672  5.577   -3.708  0.15 43.55  ?  36  GLU   A CD  1 
ATOM   391  O OE1 A GLU   A 1 27  ? 15.902  7.039   -3.838  0.35 49.39  ?  36  GLU   A OE1 1 
ATOM   392  O OE1 B GLU   A 1 27  ? 15.904  7.040   -3.833  0.34 49.30  ?  36  GLU   A OE1 1 
ATOM   393  O OE1 C GLU   A 1 27  ? 16.221  6.588   -3.207  0.16 46.19  ?  36  GLU   A OE1 1 
ATOM   394  O OE1 D GLU   A 1 27  ? 16.224  6.584   -3.203  0.15 46.04  ?  36  GLU   A OE1 1 
ATOM   395  O OE2 A GLU   A 1 27  ? 16.539  4.930   -3.706  0.35 48.67  ?  36  GLU   A OE2 1 
ATOM   396  O OE2 B GLU   A 1 27  ? 16.540  4.931   -3.710  0.34 48.61  ?  36  GLU   A OE2 1 
ATOM   397  O OE2 C GLU   A 1 27  ? 16.272  4.728   -4.407  0.16 42.74  -1 36  GLU   A OE2 1 
ATOM   398  O OE2 D GLU   A 1 27  ? 16.270  4.727   -4.413  0.15 42.69  -1 36  GLU   A OE2 1 
ATOM   399  N N   A GLU   A 1 28  ? 12.549  3.578   0.478   0.35 33.66  ?  37  GLU   A N   1 
ATOM   400  N N   B GLU   A 1 28  ? 12.549  3.578   0.477   0.34 33.63  ?  37  GLU   A N   1 
ATOM   401  N N   C GLU   A 1 28  ? 12.485  3.541   0.438   0.16 34.38  ?  37  GLU   A N   1 
ATOM   402  N N   D GLU   A 1 28  ? 12.483  3.541   0.438   0.15 34.33  ?  37  GLU   A N   1 
ATOM   403  C CA  A GLU   A 1 28  ? 12.328  2.538   1.519   0.35 30.94  ?  37  GLU   A CA  1 
ATOM   404  C CA  B GLU   A 1 28  ? 12.328  2.538   1.519   0.34 30.94  ?  37  GLU   A CA  1 
ATOM   405  C CA  C GLU   A 1 28  ? 12.310  2.513   1.502   0.16 32.12  ?  37  GLU   A CA  1 
ATOM   406  C CA  D GLU   A 1 28  ? 12.309  2.513   1.502   0.15 32.10  ?  37  GLU   A CA  1 
ATOM   407  C C   A GLU   A 1 28  ? 10.824  2.286   1.688   0.35 27.40  ?  37  GLU   A C   1 
ATOM   408  C C   B GLU   A 1 28  ? 10.823  2.285   1.688   0.34 27.42  ?  37  GLU   A C   1 
ATOM   409  C C   C GLU   A 1 28  ? 10.823  2.160   1.632   0.16 29.18  ?  37  GLU   A C   1 
ATOM   410  C C   D GLU   A 1 28  ? 10.822  2.159   1.633   0.15 29.20  ?  37  GLU   A C   1 
ATOM   411  O O   A GLU   A 1 28  ? 10.427  1.100   1.750   0.35 26.35  ?  37  GLU   A O   1 
ATOM   412  O O   B GLU   A 1 28  ? 10.427  1.101   1.747   0.34 26.34  ?  37  GLU   A O   1 
ATOM   413  O O   C GLU   A 1 28  ? 10.494  0.950   1.644   0.16 26.15  ?  37  GLU   A O   1 
ATOM   414  O O   D GLU   A 1 28  ? 10.495  0.950   1.649   0.15 26.14  ?  37  GLU   A O   1 
ATOM   415  C CB  A GLU   A 1 28  ? 12.947  2.921   2.860   0.35 32.30  ?  37  GLU   A CB  1 
ATOM   416  C CB  B GLU   A 1 28  ? 12.947  2.921   2.860   0.34 32.29  ?  37  GLU   A CB  1 
ATOM   417  C CB  C GLU   A 1 28  ? 12.860  3.006   2.841   0.16 32.84  ?  37  GLU   A CB  1 
ATOM   418  C CB  D GLU   A 1 28  ? 12.861  3.005   2.841   0.15 32.81  ?  37  GLU   A CB  1 
ATOM   419  C CG  A GLU   A 1 28  ? 12.811  1.801   3.886   0.35 34.41  ?  37  GLU   A CG  1 
ATOM   420  C CG  B GLU   A 1 28  ? 12.810  1.801   3.886   0.34 34.38  ?  37  GLU   A CG  1 
ATOM   421  C CG  C GLU   A 1 28  ? 12.338  2.212   4.030   0.16 33.96  ?  37  GLU   A CG  1 
ATOM   422  C CG  D GLU   A 1 28  ? 12.339  2.212   4.030   0.15 33.90  ?  37  GLU   A CG  1 
ATOM   423  C CD  A GLU   A 1 28  ? 13.552  2.024   5.190   0.35 34.53  ?  37  GLU   A CD  1 
ATOM   424  C CD  B GLU   A 1 28  ? 13.551  2.025   5.190   0.34 34.49  ?  37  GLU   A CD  1 
ATOM   425  C CD  C GLU   A 1 28  ? 13.269  2.175   5.228   0.16 33.59  ?  37  GLU   A CD  1 
ATOM   426  C CD  D GLU   A 1 28  ? 13.269  2.175   5.228   0.15 33.54  ?  37  GLU   A CD  1 
ATOM   427  O OE1 A GLU   A 1 28  ? 13.860  3.198   5.506   0.35 30.67  ?  37  GLU   A OE1 1 
ATOM   428  O OE1 B GLU   A 1 28  ? 13.860  3.197   5.506   0.34 30.66  ?  37  GLU   A OE1 1 
ATOM   429  O OE1 C GLU   A 1 28  ? 13.671  3.268   5.696   0.16 32.39  ?  37  GLU   A OE1 1 
ATOM   430  O OE1 D GLU   A 1 28  ? 13.677  3.270   5.691   0.15 32.35  ?  37  GLU   A OE1 1 
ATOM   431  O OE2 A GLU   A 1 28  ? 13.825  1.010   5.877   0.35 36.17  ?  37  GLU   A OE2 1 
ATOM   432  O OE2 B GLU   A 1 28  ? 13.824  1.010   5.878   0.34 36.14  ?  37  GLU   A OE2 1 
ATOM   433  O OE2 C GLU   A 1 28  ? 13.594  1.047   5.680   0.16 33.96  -1 37  GLU   A OE2 1 
ATOM   434  O OE2 D GLU   A 1 28  ? 13.589  1.048   5.686   0.15 33.89  -1 37  GLU   A OE2 1 
ATOM   435  N N   A VAL   A 1 29  ? 10.026  3.347   1.809   0.35 26.29  ?  38  VAL   A N   1 
ATOM   436  N N   B VAL   A 1 29  ? 10.025  3.347   1.810   0.34 26.31  ?  38  VAL   A N   1 
ATOM   437  N N   C VAL   A 1 29  ? 9.965   3.175   1.742   0.16 27.95  ?  38  VAL   A N   1 
ATOM   438  N N   D VAL   A 1 29  ? 9.964   3.175   1.741   0.15 27.98  ?  38  VAL   A N   1 
ATOM   439  C CA  A VAL   A 1 29  ? 8.578   3.202   2.141   0.35 27.52  ?  38  VAL   A CA  1 
ATOM   440  C CA  B VAL   A 1 29  ? 8.578   3.202   2.141   0.34 27.56  ?  38  VAL   A CA  1 
ATOM   441  C CA  C VAL   A 1 29  ? 8.521   2.990   2.070   0.16 28.94  ?  38  VAL   A CA  1 
ATOM   442  C CA  D VAL   A 1 29  ? 8.520   2.989   2.070   0.15 28.96  ?  38  VAL   A CA  1 
ATOM   443  C C   A VAL   A 1 29  ? 7.890   2.490   0.968   0.35 27.66  ?  38  VAL   A C   1 
ATOM   444  C C   B VAL   A 1 29  ? 7.891   2.489   0.968   0.34 27.81  ?  38  VAL   A C   1 
ATOM   445  C C   C VAL   A 1 29  ? 7.845   2.229   0.919   0.16 28.62  ?  38  VAL   A C   1 
ATOM   446  C C   D VAL   A 1 29  ? 7.843   2.229   0.919   0.15 28.71  ?  38  VAL   A C   1 
ATOM   447  O O   A VAL   A 1 29  ? 7.071   1.611   1.228   0.35 25.66  ?  38  VAL   A O   1 
ATOM   448  O O   B VAL   A 1 29  ? 7.072   1.608   1.229   0.34 25.73  ?  38  VAL   A O   1 
ATOM   449  O O   C VAL   A 1 29  ? 7.140   1.248   1.215   0.16 26.38  ?  38  VAL   A O   1 
ATOM   450  O O   D VAL   A 1 29  ? 7.134   1.252   1.216   0.15 26.40  ?  38  VAL   A O   1 
ATOM   451  C CB  A VAL   A 1 29  ? 7.882   4.523   2.509   0.35 26.27  ?  38  VAL   A CB  1 
ATOM   452  C CB  B VAL   A 1 29  ? 7.881   4.524   2.509   0.34 26.30  ?  38  VAL   A CB  1 
ATOM   453  C CB  C VAL   A 1 29  ? 7.826   4.320   2.421   0.16 28.19  ?  38  VAL   A CB  1 
ATOM   454  C CB  D VAL   A 1 29  ? 7.825   4.321   2.421   0.15 28.22  ?  38  VAL   A CB  1 
ATOM   455  C CG1 A VAL   A 1 29  ? 8.533   5.203   3.711   0.35 25.28  ?  38  VAL   A CG1 1 
ATOM   456  C CG1 B VAL   A 1 29  ? 8.532   5.203   3.712   0.34 25.30  ?  38  VAL   A CG1 1 
ATOM   457  C CG1 C VAL   A 1 29  ? 8.454   4.965   3.650   0.16 28.25  ?  38  VAL   A CG1 1 
ATOM   458  C CG1 D VAL   A 1 29  ? 8.453   4.966   3.650   0.15 28.26  ?  38  VAL   A CG1 1 
ATOM   459  C CG2 A VAL   A 1 29  ? 7.776   5.497   1.340   0.35 26.13  ?  38  VAL   A CG2 1 
ATOM   460  C CG2 B VAL   A 1 29  ? 7.777   5.497   1.341   0.34 26.13  ?  38  VAL   A CG2 1 
ATOM   461  C CG2 C VAL   A 1 29  ? 7.799   5.309   1.266   0.16 28.19  ?  38  VAL   A CG2 1 
ATOM   462  C CG2 D VAL   A 1 29  ? 7.799   5.309   1.265   0.15 28.20  ?  38  VAL   A CG2 1 
ATOM   463  N N   A LEU   A 1 30  ? 8.232   2.841   -0.283  0.35 27.24  ?  39  LEU   A N   1 
ATOM   464  N N   B LEU   A 1 30  ? 8.230   2.840   -0.283  0.34 27.64  ?  39  LEU   A N   1 
ATOM   465  N N   C LEU   A 1 30  ? 8.098   2.613   -0.343  0.16 29.42  ?  39  LEU   A N   1 
ATOM   466  N N   D LEU   A 1 30  ? 8.099   2.610   -0.343  0.15 29.69  ?  39  LEU   A N   1 
ATOM   467  C CA  A LEU   A 1 30  ? 7.640   2.165   -1.464  0.35 28.57  ?  39  LEU   A CA  1 
ATOM   468  C CA  B LEU   A 1 30  ? 7.640   2.161   -1.464  0.34 29.45  ?  39  LEU   A CA  1 
ATOM   469  C CA  C LEU   A 1 30  ? 7.557   1.889   -1.528  0.16 30.43  ?  39  LEU   A CA  1 
ATOM   470  C CA  D LEU   A 1 30  ? 7.558   1.887   -1.528  0.15 31.02  ?  39  LEU   A CA  1 
ATOM   471  C C   A LEU   A 1 30  ? 8.085   0.703   -1.455  0.35 27.09  ?  39  LEU   A C   1 
ATOM   472  C C   B LEU   A 1 30  ? 8.086   0.698   -1.450  0.34 29.05  ?  39  LEU   A C   1 
ATOM   473  C C   C LEU   A 1 30  ? 7.999   0.426   -1.441  0.16 29.79  ?  39  LEU   A C   1 
ATOM   474  C C   D LEU   A 1 30  ? 7.999   0.424   -1.445  0.15 31.10  ?  39  LEU   A C   1 
ATOM   475  O O   A LEU   A 1 30  ? 7.246   -0.163  -1.750  0.35 27.14  ?  39  LEU   A O   1 
ATOM   476  O O   B LEU   A 1 30  ? 7.246   -0.172  -1.738  0.34 28.17  ?  39  LEU   A O   1 
ATOM   477  O O   C LEU   A 1 30  ? 7.129   -0.460  -1.518  0.16 27.78  ?  39  LEU   A O   1 
ATOM   478  O O   D LEU   A 1 30  ? 7.127   -0.462  -1.522  0.15 28.49  ?  39  LEU   A O   1 
ATOM   479  C CB  A LEU   A 1 30  ? 8.050   2.875   -2.761  0.35 29.79  ?  39  LEU   A CB  1 
ATOM   480  C CB  B LEU   A 1 30  ? 8.051   2.872   -2.760  0.34 30.24  ?  39  LEU   A CB  1 
ATOM   481  C CB  C LEU   A 1 30  ? 8.046   2.530   -2.833  0.16 31.61  ?  39  LEU   A CB  1 
ATOM   482  C CB  D LEU   A 1 30  ? 8.047   2.529   -2.833  0.15 31.91  ?  39  LEU   A CB  1 
ATOM   483  C CG  A LEU   A 1 30  ? 7.343   4.201   -3.043  0.35 29.59  ?  39  LEU   A CG  1 
ATOM   484  C CG  B LEU   A 1 30  ? 7.344   4.198   -3.042  0.34 29.85  ?  39  LEU   A CG  1 
ATOM   485  C CG  C LEU   A 1 30  ? 7.260   3.745   -3.325  0.16 31.84  ?  39  LEU   A CG  1 
ATOM   486  C CG  D LEU   A 1 30  ? 7.260   3.744   -3.324  0.15 32.02  ?  39  LEU   A CG  1 
ATOM   487  C CD1 A LEU   A 1 30  ? 8.038   4.950   -4.169  0.35 32.87  ?  39  LEU   A CD1 1 
ATOM   488  C CD1 B LEU   A 1 30  ? 8.039   4.949   -4.169  0.34 33.01  ?  39  LEU   A CD1 1 
ATOM   489  C CD1 C LEU   A 1 30  ? 8.033   4.480   -4.409  0.16 32.97  ?  39  LEU   A CD1 1 
ATOM   490  C CD1 D LEU   A 1 30  ? 8.033   4.482   -4.408  0.15 33.06  ?  39  LEU   A CD1 1 
ATOM   491  C CD2 A LEU   A 1 30  ? 5.875   3.981   -3.388  0.35 32.04  ?  39  LEU   A CD2 1 
ATOM   492  C CD2 B LEU   A 1 30  ? 5.876   3.979   -3.387  0.34 32.21  ?  39  LEU   A CD2 1 
ATOM   493  C CD2 C LEU   A 1 30  ? 5.889   3.341   -3.845  0.16 33.33  ?  39  LEU   A CD2 1 
ATOM   494  C CD2 D LEU   A 1 30  ? 5.889   3.342   -3.844  0.15 33.42  ?  39  LEU   A CD2 1 
ATOM   495  N N   A SER   A 1 31  ? 9.352   0.435   -1.124  0.35 26.23  ?  40  SER   A N   1 
ATOM   496  N N   B SER   A 1 31  ? 9.357   0.439   -1.119  0.34 31.70  ?  40  SER   A N   1 
ATOM   497  N N   C SER   A 1 31  ? 9.306   0.197   -1.269  0.16 29.42  ?  40  SER   A N   1 
ATOM   498  N N   D SER   A 1 31  ? 9.306   0.194   -1.274  0.15 33.13  ?  40  SER   A N   1 
ATOM   499  C CA  A SER   A 1 31  ? 9.888   -0.949  -1.031  0.35 26.49  ?  40  SER   A CA  1 
ATOM   500  C CA  B SER   A 1 31  ? 9.932   -0.931  -1.020  0.34 35.59  ?  40  SER   A CA  1 
ATOM   501  C CA  C SER   A 1 31  ? 9.918   -1.150  -1.127  0.16 29.92  ?  40  SER   A CA  1 
ATOM   502  C CA  D SER   A 1 31  ? 9.921   -1.152  -1.126  0.15 35.57  ?  40  SER   A CA  1 
ATOM   503  C C   A SER   A 1 31  ? 9.094   -1.745  0.015   0.35 28.41  ?  40  SER   A C   1 
ATOM   504  C C   B SER   A 1 31  ? 9.163   -1.752  0.027   0.34 34.72  ?  40  SER   A C   1 
ATOM   505  C C   C SER   A 1 31  ? 9.177   -1.940  -0.041  0.16 30.86  ?  40  SER   A C   1 
ATOM   506  C C   D SER   A 1 31  ? 9.176   -1.941  -0.044  0.15 34.56  ?  40  SER   A C   1 
ATOM   507  O O   A SER   A 1 31  ? 8.572   -2.837  -0.309  0.35 28.79  ?  40  SER   A O   1 
ATOM   508  O O   B SER   A 1 31  ? 8.691   -2.871  -0.290  0.34 34.35  ?  40  SER   A O   1 
ATOM   509  O O   C SER   A 1 31  ? 8.658   -3.034  -0.342  0.16 29.54  ?  40  SER   A O   1 
ATOM   510  O O   D SER   A 1 31  ? 8.654   -3.030  -0.349  0.15 32.89  ?  40  SER   A O   1 
ATOM   511  C CB  A SER   A 1 31  ? 11.354  -0.964  -0.704  0.35 24.04  ?  40  SER   A CB  1 
ATOM   512  C CB  B SER   A 1 31  ? 11.402  -0.881  -0.692  0.34 37.80  ?  40  SER   A CB  1 
ATOM   513  C CB  C SER   A 1 31  ? 11.390  -1.055  -0.823  0.16 28.56  ?  40  SER   A CB  1 
ATOM   514  C CB  D SER   A 1 31  ? 11.388  -1.052  -0.803  0.15 37.11  ?  40  SER   A CB  1 
ATOM   515  O OG  A SER   A 1 31  ? 11.848  -2.295  -0.701  0.35 21.22  ?  40  SER   A OG  1 
ATOM   516  O OG  B SER   A 1 31  ? 12.134  -0.223  -1.718  0.34 48.37  ?  40  SER   A OG  1 
ATOM   517  O OG  C SER   A 1 31  ? 11.942  -2.341  -0.579  0.16 26.56  ?  40  SER   A OG  1 
ATOM   518  O OG  D SER   A 1 31  ? 12.087  -0.363  -1.829  0.15 42.18  ?  40  SER   A OG  1 
ATOM   519  N N   A GLU   A 1 32  ? 9.071   -1.229  1.240   0.35 30.26  ?  41  GLU   A N   1 
ATOM   520  N N   B GLU   A 1 32  ? 9.081   -1.222  1.244   0.34 32.56  ?  41  GLU   A N   1 
ATOM   521  N N   C GLU   A 1 32  ? 9.133   -1.393  1.176   0.16 31.52  ?  41  GLU   A N   1 
ATOM   522  N N   D GLU   A 1 32  ? 9.134   -1.397  1.174   0.15 32.97  ?  41  GLU   A N   1 
ATOM   523  C CA  A GLU   A 1 32  ? 8.417   -1.883  2.403   0.35 29.91  ?  41  GLU   A CA  1 
ATOM   524  C CA  B GLU   A 1 32  ? 8.422   -1.885  2.399   0.34 31.01  ?  41  GLU   A CA  1 
ATOM   525  C CA  C GLU   A 1 32  ? 8.498   -2.038  2.355   0.16 31.91  ?  41  GLU   A CA  1 
ATOM   526  C CA  D GLU   A 1 32  ? 8.498   -2.040  2.354   0.15 32.59  ?  41  GLU   A CA  1 
ATOM   527  C C   A GLU   A 1 32  ? 6.924   -2.067  2.078   0.35 29.20  ?  41  GLU   A C   1 
ATOM   528  C C   B GLU   A 1 32  ? 6.929   -2.069  2.074   0.34 29.67  ?  41  GLU   A C   1 
ATOM   529  C C   C GLU   A 1 32  ? 7.016   -2.298  2.047   0.16 30.78  ?  41  GLU   A C   1 
ATOM   530  C C   D GLU   A 1 32  ? 7.017   -2.299  2.048   0.15 31.07  ?  41  GLU   A C   1 
ATOM   531  O O   A GLU   A 1 32  ? 6.405   -3.190  2.315   0.35 30.78  ?  41  GLU   A O   1 
ATOM   532  O O   B GLU   A 1 32  ? 6.411   -3.195  2.309   0.34 31.06  ?  41  GLU   A O   1 
ATOM   533  O O   C GLU   A 1 32  ? 6.590   -3.476  2.163   0.16 30.02  ?  41  GLU   A O   1 
ATOM   534  O O   D GLU   A 1 32  ? 6.589   -3.475  2.167   0.15 30.10  ?  41  GLU   A O   1 
ATOM   535  C CB  A GLU   A 1 32  ? 8.732   -1.088  3.672   0.35 29.59  ?  41  GLU   A CB  1 
ATOM   536  C CB  B GLU   A 1 32  ? 8.731   -1.093  3.673   0.34 30.16  ?  41  GLU   A CB  1 
ATOM   537  C CB  C GLU   A 1 32  ? 8.699   -1.175  3.602   0.16 32.21  ?  41  GLU   A CB  1 
ATOM   538  C CB  D GLU   A 1 32  ? 8.699   -1.176  3.602   0.15 32.59  ?  41  GLU   A CB  1 
ATOM   539  C CG  A GLU   A 1 32  ? 10.146  -1.317  4.183   0.35 31.98  ?  41  GLU   A CG  1 
ATOM   540  C CG  B GLU   A 1 32  ? 10.145  -1.317  4.185   0.34 32.34  ?  41  GLU   A CG  1 
ATOM   541  C CG  C GLU   A 1 32  ? 10.122  -1.209  4.133   0.16 33.61  ?  41  GLU   A CG  1 
ATOM   542  C CG  D GLU   A 1 32  ? 10.122  -1.212  4.134   0.15 33.84  ?  41  GLU   A CG  1 
ATOM   543  C CD  A GLU   A 1 32  ? 10.409  -2.734  4.659   0.35 37.36  ?  41  GLU   A CD  1 
ATOM   544  C CD  B GLU   A 1 32  ? 10.409  -2.734  4.661   0.34 37.50  ?  41  GLU   A CD  1 
ATOM   545  C CD  C GLU   A 1 32  ? 10.573  -2.547  4.696   0.16 36.05  ?  41  GLU   A CD  1 
ATOM   546  C CD  D GLU   A 1 32  ? 10.572  -2.549  4.697   0.15 36.11  ?  41  GLU   A CD  1 
ATOM   547  O OE1 A GLU   A 1 32  ? 9.477   -3.352  5.201   0.35 40.30  ?  41  GLU   A OE1 1 
ATOM   548  O OE1 B GLU   A 1 32  ? 9.480   -3.353  5.203   0.34 40.34  ?  41  GLU   A OE1 1 
ATOM   549  O OE1 C GLU   A 1 32  ? 9.711   -3.422  4.907   0.16 37.43  ?  41  GLU   A OE1 1 
ATOM   550  O OE1 D GLU   A 1 32  ? 9.708   -3.422  4.913   0.15 37.39  ?  41  GLU   A OE1 1 
ATOM   551  O OE2 A GLU   A 1 32  ? 11.529  -3.212  4.479   0.35 38.56  ?  41  GLU   A OE2 1 
ATOM   552  O OE2 B GLU   A 1 32  ? 11.531  -3.211  4.480   0.34 38.61  ?  41  GLU   A OE2 1 
ATOM   553  O OE2 C GLU   A 1 32  ? 11.788  -2.713  4.913   0.16 37.27  -1 41  GLU   A OE2 1 
ATOM   554  O OE2 D GLU   A 1 32  ? 11.788  -2.718  4.910   0.15 37.24  -1 41  GLU   A OE2 1 
ATOM   555  N N   A ALA   A 1 33  ? 6.251   -1.047  1.524   0.35 27.08  ?  42  ALA   A N   1 
ATOM   556  N N   B ALA   A 1 33  ? 6.253   -1.048  1.524   0.34 27.29  ?  42  ALA   A N   1 
ATOM   557  N N   C ALA   A 1 33  ? 6.273   -1.261  1.638   0.16 29.74  ?  42  ALA   A N   1 
ATOM   558  N N   D ALA   A 1 33  ? 6.274   -1.263  1.638   0.15 29.88  ?  42  ALA   A N   1 
ATOM   559  C CA  A ALA   A 1 33  ? 4.806   -1.135  1.206   0.35 29.00  ?  42  ALA   A CA  1 
ATOM   560  C CA  B ALA   A 1 33  ? 4.807   -1.135  1.206   0.34 29.10  ?  42  ALA   A CA  1 
ATOM   561  C CA  C ALA   A 1 33  ? 4.827   -1.352  1.320   0.16 30.34  ?  42  ALA   A CA  1 
ATOM   562  C CA  D ALA   A 1 33  ? 4.828   -1.353  1.319   0.15 30.39  ?  42  ALA   A CA  1 
ATOM   563  C C   A ALA   A 1 33  ? 4.570   -2.337  0.279   0.35 32.06  ?  42  ALA   A C   1 
ATOM   564  C C   B ALA   A 1 33  ? 4.570   -2.338  0.280   0.34 32.05  ?  42  ALA   A C   1 
ATOM   565  C C   C ALA   A 1 33  ? 4.590   -2.528  0.362   0.16 31.16  ?  42  ALA   A C   1 
ATOM   566  C C   D ALA   A 1 33  ? 4.588   -2.527  0.361   0.15 31.12  ?  42  ALA   A C   1 
ATOM   567  O O   A ALA   A 1 33  ? 3.740   -3.214  0.623   0.35 26.78  ?  42  ALA   A O   1 
ATOM   568  O O   B ALA   A 1 33  ? 3.739   -3.212  0.623   0.34 26.77  ?  42  ALA   A O   1 
ATOM   569  O O   C ALA   A 1 33  ? 3.621   -3.286  0.583   0.16 26.76  ?  42  ALA   A O   1 
ATOM   570  O O   D ALA   A 1 33  ? 3.617   -3.282  0.579   0.15 26.77  ?  42  ALA   A O   1 
ATOM   571  C CB  A ALA   A 1 33  ? 4.296   0.155   0.617   0.35 29.83  ?  42  ALA   A CB  1 
ATOM   572  C CB  B ALA   A 1 33  ? 4.298   0.155   0.617   0.34 29.87  ?  42  ALA   A CB  1 
ATOM   573  C CB  C ALA   A 1 33  ? 4.324   -0.049  0.747   0.16 30.51  ?  42  ALA   A CB  1 
ATOM   574  C CB  D ALA   A 1 33  ? 4.326   -0.050  0.747   0.15 30.53  ?  42  ALA   A CB  1 
ATOM   575  N N   A ARG   A 1 34  ? 5.371   -2.449  -0.788  0.35 31.42  ?  43  ARG   A N   1 
ATOM   576  N N   B ARG   A 1 34  ? 5.371   -2.449  -0.788  0.34 31.42  ?  43  ARG   A N   1 
ATOM   577  N N   C ARG   A 1 34  ? 5.473   -2.700  -0.630  0.16 30.51  ?  43  ARG   A N   1 
ATOM   578  N N   D ARG   A 1 34  ? 5.474   -2.701  -0.630  0.15 30.52  ?  43  ARG   A N   1 
ATOM   579  C CA  A ARG   A 1 34  ? 5.296   -3.574  -1.760  0.35 33.73  ?  43  ARG   A CA  1 
ATOM   580  C CA  B ARG   A 1 34  ? 5.296   -3.574  -1.760  0.34 33.75  ?  43  ARG   A CA  1 
ATOM   581  C CA  C ARG   A 1 34  ? 5.395   -3.789  -1.641  0.16 31.83  ?  43  ARG   A CA  1 
ATOM   582  C CA  D ARG   A 1 34  ? 5.395   -3.789  -1.641  0.15 31.82  ?  43  ARG   A CA  1 
ATOM   583  C C   A ARG   A 1 34  ? 5.493   -4.902  -1.025  0.35 33.30  ?  43  ARG   A C   1 
ATOM   584  C C   B ARG   A 1 34  ? 5.492   -4.901  -1.025  0.34 33.32  ?  43  ARG   A C   1 
ATOM   585  C C   C ARG   A 1 34  ? 5.545   -5.148  -0.949  0.16 31.31  ?  43  ARG   A C   1 
ATOM   586  C C   D ARG   A 1 34  ? 5.545   -5.149  -0.951  0.15 31.31  ?  43  ARG   A C   1 
ATOM   587  O O   A ARG   A 1 34  ? 4.655   -5.784  -1.215  0.35 34.38  ?  43  ARG   A O   1 
ATOM   588  O O   B ARG   A 1 34  ? 4.653   -5.784  -1.214  0.34 34.40  ?  43  ARG   A O   1 
ATOM   589  O O   C ARG   A 1 34  ? 4.745   -6.046  -1.245  0.16 33.56  ?  43  ARG   A O   1 
ATOM   590  O O   D ARG   A 1 34  ? 4.747   -6.047  -1.252  0.15 33.49  ?  43  ARG   A O   1 
ATOM   591  C CB  A ARG   A 1 34  ? 6.308   -3.373  -2.894  0.35 34.85  ?  43  ARG   A CB  1 
ATOM   592  C CB  B ARG   A 1 34  ? 6.308   -3.373  -2.893  0.34 34.88  ?  43  ARG   A CB  1 
ATOM   593  C CB  C ARG   A 1 34  ? 6.448   -3.589  -2.736  0.16 32.81  ?  43  ARG   A CB  1 
ATOM   594  C CB  D ARG   A 1 34  ? 6.448   -3.589  -2.737  0.15 32.81  ?  43  ARG   A CB  1 
ATOM   595  C CG  A ARG   A 1 34  ? 5.925   -2.233  -3.822  0.35 38.15  ?  43  ARG   A CG  1 
ATOM   596  C CG  B ARG   A 1 34  ? 5.926   -2.234  -3.823  0.34 38.15  ?  43  ARG   A CG  1 
ATOM   597  C CG  C ARG   A 1 34  ? 6.052   -2.545  -3.767  0.16 33.98  ?  43  ARG   A CG  1 
ATOM   598  C CG  D ARG   A 1 34  ? 6.052   -2.545  -3.769  0.15 33.96  ?  43  ARG   A CG  1 
ATOM   599  C CD  A ARG   A 1 34  ? 6.953   -1.961  -4.904  0.35 40.74  ?  43  ARG   A CD  1 
ATOM   600  C CD  B ARG   A 1 34  ? 6.953   -1.961  -4.904  0.34 40.73  ?  43  ARG   A CD  1 
ATOM   601  C CD  C ARG   A 1 34  ? 7.197   -2.207  -4.698  0.16 35.24  ?  43  ARG   A CD  1 
ATOM   602  C CD  D ARG   A 1 34  ? 7.197   -2.209  -4.698  0.15 35.20  ?  43  ARG   A CD  1 
ATOM   603  N NE  A ARG   A 1 34  ? 6.316   -1.320  -6.043  0.35 42.23  ?  43  ARG   A NE  1 
ATOM   604  N NE  B ARG   A 1 34  ? 6.317   -1.321  -6.043  0.34 42.23  ?  43  ARG   A NE  1 
ATOM   605  N NE  C ARG   A 1 34  ? 6.796   -1.306  -5.768  0.16 35.10  ?  43  ARG   A NE  1 
ATOM   606  N NE  D ARG   A 1 34  ? 6.797   -1.306  -5.769  0.15 35.09  ?  43  ARG   A NE  1 
ATOM   607  C CZ  A ARG   A 1 34  ? 6.438   -0.043  -6.404  0.35 44.88  ?  43  ARG   A CZ  1 
ATOM   608  C CZ  B ARG   A 1 34  ? 6.438   -0.043  -6.404  0.34 44.88  ?  43  ARG   A CZ  1 
ATOM   609  C CZ  C ARG   A 1 34  ? 6.138   -1.675  -6.864  0.16 36.08  ?  43  ARG   A CZ  1 
ATOM   610  C CZ  D ARG   A 1 34  ? 6.139   -1.674  -6.865  0.15 36.05  ?  43  ARG   A CZ  1 
ATOM   611  N NH1 A ARG   A 1 34  ? 7.195   0.805   -5.730  0.35 44.01  ?  43  ARG   A NH1 1 
ATOM   612  N NH1 B ARG   A 1 34  ? 7.195   0.804   -5.729  0.34 44.03  ?  43  ARG   A NH1 1 
ATOM   613  N NH1 C ARG   A 1 34  ? 5.763   -2.933  -7.032  0.16 35.69  1  43  ARG   A NH1 1 
ATOM   614  N NH1 D ARG   A 1 34  ? 5.764   -2.932  -7.034  0.15 35.67  1  43  ARG   A NH1 1 
ATOM   615  N NH2 A ARG   A 1 34  ? 5.776   0.391   -7.459  0.35 52.20  ?  43  ARG   A NH2 1 
ATOM   616  N NH2 B ARG   A 1 34  ? 5.776   0.391   -7.460  0.34 52.09  ?  43  ARG   A NH2 1 
ATOM   617  N NH2 C ARG   A 1 34  ? 5.839   -0.778  -7.787  0.16 36.72  ?  43  ARG   A NH2 1 
ATOM   618  N NH2 D ARG   A 1 34  ? 5.838   -0.776  -7.787  0.15 36.67  ?  43  ARG   A NH2 1 
ATOM   619  N N   A GLN   A 1 35  ? 6.528   -5.027  -0.189  0.35 33.94  ?  44  GLN   A N   1 
ATOM   620  N N   B GLN   A 1 35  ? 6.528   -5.027  -0.190  0.34 33.98  ?  44  GLN   A N   1 
ATOM   621  N N   C GLN   A 1 35  ? 6.507   -5.287  -0.034  0.16 30.39  ?  44  GLN   A N   1 
ATOM   622  N N   D GLN   A 1 35  ? 6.506   -5.287  -0.034  0.15 30.40  ?  44  GLN   A N   1 
ATOM   623  C CA  A GLN   A 1 35  ? 6.827   -6.293  0.536   0.35 37.37  ?  44  GLN   A CA  1 
ATOM   624  C CA  B GLN   A 1 35  ? 6.827   -6.293  0.536   0.34 37.39  ?  44  GLN   A CA  1 
ATOM   625  C CA  C GLN   A 1 35  ? 6.790   -6.577  0.651   0.16 30.57  ?  44  GLN   A CA  1 
ATOM   626  C CA  D GLN   A 1 35  ? 6.789   -6.578  0.651   0.15 30.56  ?  44  GLN   A CA  1 
ATOM   627  C C   A GLN   A 1 35  ? 5.618   -6.669  1.408   0.35 36.76  ?  44  GLN   A C   1 
ATOM   628  C C   B GLN   A 1 35  ? 5.618   -6.670  1.408   0.34 36.76  ?  44  GLN   A C   1 
ATOM   629  C C   C GLN   A 1 35  ? 5.644   -6.905  1.620   0.16 30.52  ?  44  GLN   A C   1 
ATOM   630  C C   D GLN   A 1 35  ? 5.644   -6.905  1.620   0.15 30.49  ?  44  GLN   A C   1 
ATOM   631  O O   A GLN   A 1 35  ? 5.207   -7.850  1.374   0.35 35.78  ?  44  GLN   A O   1 
ATOM   632  O O   B GLN   A 1 35  ? 5.207   -7.850  1.374   0.34 35.76  ?  44  GLN   A O   1 
ATOM   633  O O   C GLN   A 1 35  ? 5.344   -8.108  1.799   0.16 29.02  ?  44  GLN   A O   1 
ATOM   634  O O   D GLN   A 1 35  ? 5.344   -8.108  1.799   0.15 28.99  ?  44  GLN   A O   1 
ATOM   635  C CB  A GLN   A 1 35  ? 8.114   -6.161  1.349   0.35 42.56  ?  44  GLN   A CB  1 
ATOM   636  C CB  B GLN   A 1 35  ? 8.114   -6.161  1.349   0.34 42.55  ?  44  GLN   A CB  1 
ATOM   637  C CB  C GLN   A 1 35  ? 8.137   -6.516  1.365   0.16 31.30  ?  44  GLN   A CB  1 
ATOM   638  C CB  D GLN   A 1 35  ? 8.137   -6.516  1.365   0.15 31.28  ?  44  GLN   A CB  1 
ATOM   639  C CG  A GLN   A 1 35  ? 8.660   -7.487  1.870   0.35 47.64  ?  44  GLN   A CG  1 
ATOM   640  C CG  B GLN   A 1 35  ? 8.660   -7.487  1.870   0.34 47.59  ?  44  GLN   A CG  1 
ATOM   641  C CG  C GLN   A 1 35  ? 9.295   -6.102  0.463   0.16 30.96  ?  44  GLN   A CG  1 
ATOM   642  C CG  D GLN   A 1 35  ? 9.295   -6.102  0.463   0.15 30.97  ?  44  GLN   A CG  1 
ATOM   643  C CD  A GLN   A 1 35  ? 9.082   -8.414  0.754   0.35 52.44  ?  44  GLN   A CD  1 
ATOM   644  C CD  B GLN   A 1 35  ? 9.082   -8.413  0.754   0.34 52.35  ?  44  GLN   A CD  1 
ATOM   645  C CD  C GLN   A 1 35  ? 10.491  -5.664  1.270   0.16 32.06  ?  44  GLN   A CD  1 
ATOM   646  C CD  D GLN   A 1 35  ? 10.492  -5.665  1.269   0.15 32.04  ?  44  GLN   A CD  1 
ATOM   647  O OE1 A GLN   A 1 35  ? 9.933   -8.072  -0.065  0.35 53.13  ?  44  GLN   A OE1 1 
ATOM   648  O OE1 B GLN   A 1 35  ? 9.933   -8.072  -0.065  0.34 53.09  ?  44  GLN   A OE1 1 
ATOM   649  O OE1 C GLN   A 1 35  ? 11.041  -4.578  1.085   0.16 33.19  ?  44  GLN   A OE1 1 
ATOM   650  O OE1 D GLN   A 1 35  ? 11.041  -4.579  1.084   0.15 33.13  ?  44  GLN   A OE1 1 
ATOM   651  N NE2 A GLN   A 1 35  ? 8.481   -9.594  0.703   0.35 52.09  ?  44  GLN   A NE2 1 
ATOM   652  N NE2 B GLN   A 1 35  ? 8.481   -9.594  0.703   0.34 52.05  ?  44  GLN   A NE2 1 
ATOM   653  N NE2 C GLN   A 1 35  ? 10.896  -6.514  2.195   0.16 31.87  ?  44  GLN   A NE2 1 
ATOM   654  N NE2 D GLN   A 1 35  ? 10.896  -6.514  2.195   0.15 31.86  ?  44  GLN   A NE2 1 
ATOM   655  N N   A HIS   A 1 36  ? 5.065   -5.708  2.157   0.35 36.22  ?  45  HIS   A N   1 
ATOM   656  N N   B HIS   A 1 36  ? 5.065   -5.709  2.158   0.34 36.22  ?  45  HIS   A N   1 
ATOM   657  N N   C HIS   A 1 36  ? 5.031   -5.875  2.218   0.16 30.30  ?  45  HIS   A N   1 
ATOM   658  N N   D HIS   A 1 36  ? 5.031   -5.875  2.218   0.15 30.26  ?  45  HIS   A N   1 
ATOM   659  C CA  A HIS   A 1 36  ? 3.915   -5.922  3.085   0.35 36.29  ?  45  HIS   A CA  1 
ATOM   660  C CA  B HIS   A 1 36  ? 3.915   -5.923  3.085   0.34 36.29  ?  45  HIS   A CA  1 
ATOM   661  C CA  C HIS   A 1 36  ? 3.857   -5.986  3.129   0.16 29.69  ?  45  HIS   A CA  1 
ATOM   662  C CA  D HIS   A 1 36  ? 3.857   -5.986  3.130   0.15 29.67  ?  45  HIS   A CA  1 
ATOM   663  C C   A HIS   A 1 36  ? 2.659   -6.294  2.282   0.35 34.98  ?  45  HIS   A C   1 
ATOM   664  C C   B HIS   A 1 36  ? 2.659   -6.295  2.283   0.34 35.02  ?  45  HIS   A C   1 
ATOM   665  C C   C HIS   A 1 36  ? 2.601   -6.358  2.327   0.16 28.05  ?  45  HIS   A C   1 
ATOM   666  C C   D HIS   A 1 36  ? 2.601   -6.359  2.328   0.15 28.07  ?  45  HIS   A C   1 
ATOM   667  O O   A HIS   A 1 36  ? 1.894   -7.151  2.742   0.35 37.34  ?  45  HIS   A O   1 
ATOM   668  O O   B HIS   A 1 36  ? 1.894   -7.151  2.743   0.34 37.34  ?  45  HIS   A O   1 
ATOM   669  O O   C HIS   A 1 36  ? 1.892   -7.289  2.737   0.16 29.38  ?  45  HIS   A O   1 
ATOM   670  O O   D HIS   A 1 36  ? 1.893   -7.291  2.737   0.15 29.34  ?  45  HIS   A O   1 
ATOM   671  C CB  A HIS   A 1 36  ? 3.696   -4.692  3.981   0.35 33.67  ?  45  HIS   A CB  1 
ATOM   672  C CB  B HIS   A 1 36  ? 3.697   -4.693  3.981   0.34 33.71  ?  45  HIS   A CB  1 
ATOM   673  C CB  C HIS   A 1 36  ? 3.654   -4.682  3.919   0.16 29.27  ?  45  HIS   A CB  1 
ATOM   674  C CB  D HIS   A 1 36  ? 3.654   -4.682  3.920   0.15 29.28  ?  45  HIS   A CB  1 
ATOM   675  C CG  A HIS   A 1 36  ? 4.642   -4.613  5.135   0.35 36.17  ?  45  HIS   A CG  1 
ATOM   676  C CG  B HIS   A 1 36  ? 4.643   -4.614  5.136   0.34 36.15  ?  45  HIS   A CG  1 
ATOM   677  C CG  C HIS   A 1 36  ? 4.619   -4.494  5.043   0.16 30.90  ?  45  HIS   A CG  1 
ATOM   678  C CG  D HIS   A 1 36  ? 4.618   -4.493  5.043   0.15 30.86  ?  45  HIS   A CG  1 
ATOM   679  N ND1 A HIS   A 1 36  ? 5.913   -4.069  5.018   0.35 33.50  ?  45  HIS   A ND1 1 
ATOM   680  N ND1 B HIS   A 1 36  ? 5.913   -4.069  5.018   0.34 33.52  ?  45  HIS   A ND1 1 
ATOM   681  N ND1 C HIS   A 1 36  ? 5.850   -3.887  4.867   0.16 29.78  ?  45  HIS   A ND1 1 
ATOM   682  N ND1 D HIS   A 1 36  ? 5.848   -3.884  4.867   0.15 29.79  ?  45  HIS   A ND1 1 
ATOM   683  C CD2 A HIS   A 1 36  ? 4.508   -4.985  6.430   0.35 34.70  ?  45  HIS   A CD2 1 
ATOM   684  C CD2 B HIS   A 1 36  ? 4.507   -4.985  6.430   0.34 34.70  ?  45  HIS   A CD2 1 
ATOM   685  C CD2 C HIS   A 1 36  ? 4.533   -4.804  6.357   0.16 30.62  ?  45  HIS   A CD2 1 
ATOM   686  C CD2 D HIS   A 1 36  ? 4.533   -4.803  6.357   0.15 30.60  ?  45  HIS   A CD2 1 
ATOM   687  C CE1 A HIS   A 1 36  ? 6.515   -4.113  6.195   0.35 37.52  ?  45  HIS   A CE1 1 
ATOM   688  C CE1 B HIS   A 1 36  ? 6.515   -4.113  6.195   0.34 37.48  ?  45  HIS   A CE1 1 
ATOM   689  C CE1 C HIS   A 1 36  ? 6.484   -3.840  6.022   0.16 31.55  ?  45  HIS   A CE1 1 
ATOM   690  C CE1 D HIS   A 1 36  ? 6.482   -3.838  6.022   0.15 31.49  ?  45  HIS   A CE1 1 
ATOM   691  N NE2 A HIS   A 1 36  ? 5.675   -4.678  7.080   0.35 34.29  ?  45  HIS   A NE2 1 
ATOM   692  N NE2 B HIS   A 1 36  ? 5.676   -4.676  7.080   0.34 34.30  ?  45  HIS   A NE2 1 
ATOM   693  N NE2 C HIS   A 1 36  ? 5.697   -4.401  6.956   0.16 30.89  ?  45  HIS   A NE2 1 
ATOM   694  N NE2 D HIS   A 1 36  ? 5.696   -4.399  6.956   0.15 30.86  ?  45  HIS   A NE2 1 
ATOM   695  N N   A LEU   A 1 37  ? 2.458   -5.699  1.109   0.35 36.67  ?  46  LEU   A N   1 
ATOM   696  N N   B LEU   A 1 37  ? 2.458   -5.700  1.110   0.34 36.71  ?  46  LEU   A N   1 
ATOM   697  N N   C LEU   A 1 37  ? 2.341   -5.656  1.221   0.16 26.90  ?  46  LEU   A N   1 
ATOM   698  N N   D LEU   A 1 37  ? 2.341   -5.656  1.223   0.15 26.94  ?  46  LEU   A N   1 
ATOM   699  C CA  A LEU   A 1 37  ? 1.300   -6.026  0.236   0.35 41.26  ?  46  LEU   A CA  1 
ATOM   700  C CA  B LEU   A 1 37  ? 1.300   -6.026  0.236   0.34 41.27  ?  46  LEU   A CA  1 
ATOM   701  C CA  C LEU   A 1 37  ? 1.146   -5.858  0.351   0.16 27.38  ?  46  LEU   A CA  1 
ATOM   702  C CA  D LEU   A 1 37  ? 1.145   -5.857  0.352   0.15 27.40  ?  46  LEU   A CA  1 
ATOM   703  C C   A LEU   A 1 37  ? 1.417   -7.485  -0.225  0.35 45.26  ?  46  LEU   A C   1 
ATOM   704  C C   B LEU   A 1 37  ? 1.417   -7.485  -0.225  0.34 45.27  ?  46  LEU   A C   1 
ATOM   705  C C   C LEU   A 1 37  ? 1.085   -7.313  -0.130  0.16 26.75  ?  46  LEU   A C   1 
ATOM   706  C C   D LEU   A 1 37  ? 1.082   -7.313  -0.127  0.15 26.79  ?  46  LEU   A C   1 
ATOM   707  O O   A LEU   A 1 37  ? 0.400   -8.196  -0.198  0.35 45.54  ?  46  LEU   A O   1 
ATOM   708  O O   B LEU   A 1 37  ? 0.399   -8.196  -0.198  0.34 45.52  ?  46  LEU   A O   1 
ATOM   709  O O   C LEU   A 1 37  ? 0.013   -7.936  -0.040  0.16 28.06  ?  46  LEU   A O   1 
ATOM   710  O O   D LEU   A 1 37  ? 0.011   -7.936  -0.032  0.15 28.06  ?  46  LEU   A O   1 
ATOM   711  C CB  A LEU   A 1 37  ? 1.247   -5.040  -0.932  0.35 41.51  ?  46  LEU   A CB  1 
ATOM   712  C CB  B LEU   A 1 37  ? 1.247   -5.040  -0.932  0.34 41.50  ?  46  LEU   A CB  1 
ATOM   713  C CB  C LEU   A 1 37  ? 1.229   -4.897  -0.837  0.16 27.83  ?  46  LEU   A CB  1 
ATOM   714  C CB  D LEU   A 1 37  ? 1.228   -4.898  -0.836  0.15 27.83  ?  46  LEU   A CB  1 
ATOM   715  C CG  A LEU   A 1 37  ? 0.689   -3.665  -0.581  0.35 39.82  ?  46  LEU   A CG  1 
ATOM   716  C CG  B LEU   A 1 37  ? 0.689   -3.665  -0.581  0.34 39.83  ?  46  LEU   A CG  1 
ATOM   717  C CG  C LEU   A 1 37  ? 0.565   -3.544  -0.622  0.16 27.97  ?  46  LEU   A CG  1 
ATOM   718  C CG  D LEU   A 1 37  ? 0.563   -3.544  -0.622  0.15 27.97  ?  46  LEU   A CG  1 
ATOM   719  C CD1 A LEU   A 1 37  ? 1.071   -2.628  -1.621  0.35 40.18  ?  46  LEU   A CD1 1 
ATOM   720  C CD1 B LEU   A 1 37  ? 1.071   -2.628  -1.621  0.34 40.18  ?  46  LEU   A CD1 1 
ATOM   721  C CD1 C LEU   A 1 37  ? 0.975   -2.554  -1.694  0.16 28.51  ?  46  LEU   A CD1 1 
ATOM   722  C CD1 D LEU   A 1 37  ? 0.976   -2.555  -1.696  0.15 28.49  ?  46  LEU   A CD1 1 
ATOM   723  C CD2 A LEU   A 1 37  ? -0.822  -3.721  -0.396  0.35 39.76  ?  46  LEU   A CD2 1 
ATOM   724  C CD2 B LEU   A 1 37  ? -0.823  -3.720  -0.396  0.34 39.77  ?  46  LEU   A CD2 1 
ATOM   725  C CD2 C LEU   A 1 37  ? -0.948  -3.692  -0.572  0.16 28.12  ?  46  LEU   A CD2 1 
ATOM   726  C CD2 D LEU   A 1 37  ? -0.949  -3.691  -0.573  0.15 28.11  ?  46  LEU   A CD2 1 
ATOM   727  N N   A LYS   A 1 38  ? 2.625   -7.928  -0.571  0.35 57.59  ?  47  LYS   A N   1 
ATOM   728  N N   B LYS   A 1 38  ? 2.625   -7.929  -0.570  0.34 57.49  ?  47  LYS   A N   1 
ATOM   729  N N   C LYS   A 1 38  ? 2.901   -7.952  -0.495  0.16 16.87  ?  47  LYS   A N   1 
ATOM   730  N N   D LYS   A 1 38  ? 2.903   -7.952  -0.494  0.15 16.93  ?  47  LYS   A N   1 
ATOM   731  C CA  A LYS   A 1 38  ? 2.904   -9.320  -1.013  0.35 61.01  ?  47  LYS   A CA  1 
ATOM   732  C CA  B LYS   A 1 38  ? 2.904   -9.320  -1.013  0.34 60.93  ?  47  LYS   A CA  1 
ATOM   733  C CA  C LYS   A 1 38  ? 3.040   -9.281  -1.081  0.16 16.66  ?  47  LYS   A CA  1 
ATOM   734  C CA  D LYS   A 1 38  ? 3.042   -9.281  -1.081  0.15 16.72  ?  47  LYS   A CA  1 
ATOM   735  C C   A LYS   A 1 38  ? 2.691   -10.291 0.159   0.35 59.78  ?  47  LYS   A C   1 
ATOM   736  C C   B LYS   A 1 38  ? 2.691   -10.291 0.159   0.34 59.71  ?  47  LYS   A C   1 
ATOM   737  C C   C LYS   A 1 38  ? 2.853   -10.329 0.017   0.16 16.96  ?  47  LYS   A C   1 
ATOM   738  C C   D LYS   A 1 38  ? 2.853   -10.329 0.015   0.15 17.04  ?  47  LYS   A C   1 
ATOM   739  O O   A LYS   A 1 38  ? 2.103   -11.362 -0.076  0.35 67.92  ?  47  LYS   A O   1 
ATOM   740  O O   B LYS   A 1 38  ? 2.103   -11.362 -0.076  0.34 67.77  ?  47  LYS   A O   1 
ATOM   741  O O   C LYS   A 1 38  ? 2.132   -11.307 -0.213  0.16 18.24  ?  47  LYS   A O   1 
ATOM   742  O O   D LYS   A 1 38  ? 2.130   -11.307 -0.214  0.15 18.34  ?  47  LYS   A O   1 
ATOM   743  C CB  A LYS   A 1 38  ? 4.327   -9.412  -1.576  0.35 68.40  ?  47  LYS   A CB  1 
ATOM   744  C CB  B LYS   A 1 38  ? 4.327   -9.411  -1.576  0.34 68.28  ?  47  LYS   A CB  1 
ATOM   745  C CB  C LYS   A 1 38  ? 4.397   -9.371  -1.729  0.16 17.29  ?  47  LYS   A CB  1 
ATOM   746  C CB  D LYS   A 1 38  ? 4.399   -9.372  -1.730  0.15 17.33  ?  47  LYS   A CB  1 
ATOM   747  C CG  A LYS   A 1 38  ? 4.771   -10.798 -2.028  0.35 67.35  ?  47  LYS   A CG  1 
ATOM   748  C CG  B LYS   A 1 38  ? 4.772   -10.797 -2.027  0.34 67.32  ?  47  LYS   A CG  1 
ATOM   749  C CD  A LYS   A 1 38  ? 6.145   -11.170 -1.519  0.35 71.51  ?  47  LYS   A CD  1 
ATOM   750  C CD  B LYS   A 1 38  ? 6.146   -11.169 -1.518  0.34 71.45  ?  47  LYS   A CD  1 
ATOM   751  C CE  A LYS   A 1 38  ? 6.481   -12.633 -1.700  0.35 73.76  ?  47  LYS   A CE  1 
ATOM   752  C CE  B LYS   A 1 38  ? 6.481   -12.633 -1.700  0.34 73.70  ?  47  LYS   A CE  1 
ATOM   753  N NZ  A LYS   A 1 38  ? 7.198   -12.867 -2.974  0.35 76.78  ?  47  LYS   A NZ  1 
ATOM   754  N NZ  B LYS   A 1 38  ? 7.197   -12.867 -2.975  0.34 76.69  ?  47  LYS   A NZ  1 
ATOM   755  N N   A ASP   A 1 39  ? 3.141   -9.931  1.366   0.35 50.67  ?  48  ASP   A N   1 
ATOM   756  N N   B ASP   A 1 39  ? 3.141   -9.931  1.366   0.34 50.69  ?  48  ASP   A N   1 
ATOM   757  N N   C ASP   A 1 39  ? 3.262   -9.931  1.716   0.16 30.73  ?  48  ASP   A N   1 
ATOM   758  N N   D ASP   A 1 39  ? 3.267   -9.925  1.723   0.15 30.80  ?  48  ASP   A N   1 
ATOM   759  C CA  A ASP   A 1 39  ? 3.178   -10.830 2.554   0.35 49.86  ?  48  ASP   A CA  1 
ATOM   760  C CA  B ASP   A 1 39  ? 3.178   -10.830 2.554   0.34 49.84  ?  48  ASP   A CA  1 
ATOM   761  C CA  C ASP   A 1 39  ? 3.191   -10.900 2.843   0.16 32.33  ?  48  ASP   A CA  1 
ATOM   762  C CA  D ASP   A 1 39  ? 3.192   -10.899 2.845   0.15 32.35  ?  48  ASP   A CA  1 
ATOM   763  C C   A ASP   A 1 39  ? 1.833   -10.809 3.299   0.35 47.04  ?  48  ASP   A C   1 
ATOM   764  C C   B ASP   A 1 39  ? 1.833   -10.809 3.299   0.34 47.00  ?  48  ASP   A C   1 
ATOM   765  C C   C ASP   A 1 39  ? 1.771   -10.908 3.431   0.16 32.42  ?  48  ASP   A C   1 
ATOM   766  C C   D ASP   A 1 39  ? 1.771   -10.908 3.431   0.15 32.42  ?  48  ASP   A C   1 
ATOM   767  O O   A ASP   A 1 39  ? 1.708   -11.556 4.280   0.35 42.17  ?  48  ASP   A O   1 
ATOM   768  O O   B ASP   A 1 39  ? 1.708   -11.558 4.280   0.34 42.16  ?  48  ASP   A O   1 
ATOM   769  O O   C ASP   A 1 39  ? 1.531   -11.707 4.343   0.16 30.72  ?  48  ASP   A O   1 
ATOM   770  O O   D ASP   A 1 39  ? 1.529   -11.709 4.344   0.15 30.74  ?  48  ASP   A O   1 
ATOM   771  C CB  A ASP   A 1 39  ? 4.319   -10.452 3.502   0.35 50.19  ?  48  ASP   A CB  1 
ATOM   772  C CB  B ASP   A 1 39  ? 4.319   -10.452 3.502   0.34 50.19  ?  48  ASP   A CB  1 
ATOM   773  C CB  C ASP   A 1 39  ? 4.234   -10.570 3.913   0.16 33.67  ?  48  ASP   A CB  1 
ATOM   774  C CB  D ASP   A 1 39  ? 4.233   -10.573 3.917   0.15 33.68  ?  48  ASP   A CB  1 
ATOM   775  C CG  A ASP   A 1 39  ? 5.698   -10.501 2.858   0.35 55.77  ?  48  ASP   A CG  1 
ATOM   776  C CG  B ASP   A 1 39  ? 5.698   -10.501 2.858   0.34 55.67  ?  48  ASP   A CG  1 
ATOM   777  C CG  C ASP   A 1 39  ? 5.650   -11.005 3.570   0.16 36.84  ?  48  ASP   A CG  1 
ATOM   778  C CG  D ASP   A 1 39  ? 5.650   -11.004 3.571   0.15 36.76  ?  48  ASP   A CG  1 
ATOM   779  O OD1 A ASP   A 1 39  ? 5.813   -11.075 1.751   0.35 51.67  ?  48  ASP   A OD1 1 
ATOM   780  O OD1 B ASP   A 1 39  ? 5.813   -11.076 1.752   0.34 51.64  ?  48  ASP   A OD1 1 
ATOM   781  O OD1 C ASP   A 1 39  ? 5.932   -11.244 2.367   0.16 37.58  ?  48  ASP   A OD1 1 
ATOM   782  O OD1 D ASP   A 1 39  ? 5.932   -11.238 2.368   0.15 37.49  ?  48  ASP   A OD1 1 
ATOM   783  O OD2 A ASP   A 1 39  ? 6.649   -9.956  3.460   0.35 52.61  ?  48  ASP   A OD2 1 
ATOM   784  O OD2 B ASP   A 1 39  ? 6.649   -9.954  3.461   0.34 52.61  ?  48  ASP   A OD2 1 
ATOM   785  O OD2 C ASP   A 1 39  ? 6.468   -11.095 4.509   0.16 37.18  -1 48  ASP   A OD2 1 
ATOM   786  O OD2 D ASP   A 1 39  ? 6.469   -11.097 4.509   0.15 37.11  -1 48  ASP   A OD2 1 
ATOM   787  N N   A GLY   A 1 40  ? 0.877   -9.984  2.858   0.35 42.41  ?  49  GLY   A N   1 
ATOM   788  N N   B GLY   A 1 40  ? 0.877   -9.984  2.858   0.34 42.40  ?  49  GLY   A N   1 
ATOM   789  N N   C GLY   A 1 40  ? 0.868   -10.063 2.919   0.16 32.42  ?  49  GLY   A N   1 
ATOM   790  N N   D GLY   A 1 40  ? 0.868   -10.063 2.919   0.15 32.43  ?  49  GLY   A N   1 
ATOM   791  C CA  A GLY   A 1 40  ? -0.463  -9.874  3.468   0.35 41.48  ?  49  GLY   A CA  1 
ATOM   792  C CA  B GLY   A 1 40  ? -0.464  -9.873  3.468   0.34 41.45  ?  49  GLY   A CA  1 
ATOM   793  C CA  C GLY   A 1 40  ? -0.482  -9.867  3.483   0.16 33.62  ?  49  GLY   A CA  1 
ATOM   794  C CA  D GLY   A 1 40  ? -0.482  -9.866  3.482   0.15 33.61  ?  49  GLY   A CA  1 
ATOM   795  C C   A GLY   A 1 40  ? -0.424  -9.192  4.827   0.35 38.24  ?  49  GLY   A C   1 
ATOM   796  C C   B GLY   A 1 40  ? -0.423  -9.192  4.827   0.34 38.23  ?  49  GLY   A C   1 
ATOM   797  C C   C GLY   A 1 40  ? -0.415  -9.205  4.848   0.16 34.01  ?  49  GLY   A C   1 
ATOM   798  C C   D GLY   A 1 40  ? -0.414  -9.206  4.847   0.15 34.00  ?  49  GLY   A C   1 
ATOM   799  O O   A GLY   A 1 40  ? -1.287  -9.510  5.669   0.35 37.10  ?  49  GLY   A O   1 
ATOM   800  O O   B GLY   A 1 40  ? -1.286  -9.510  5.669   0.34 37.11  ?  49  GLY   A O   1 
ATOM   801  O O   C GLY   A 1 40  ? -1.227  -9.568  5.722   0.16 33.67  ?  49  GLY   A O   1 
ATOM   802  O O   D GLY   A 1 40  ? -1.227  -9.570  5.722   0.15 33.68  ?  49  GLY   A O   1 
ATOM   803  N N   . THR   A 1 41  ? 0.528   -8.272  5.025   1.00 35.05  ?  50  THR   A N   1 
ATOM   804  C CA  . THR   A 1 41  ? 0.782   -7.584  6.327   1.00 34.26  ?  50  THR   A CA  1 
ATOM   805  C C   . THR   A 1 41  ? 0.673   -6.065  6.137   1.00 30.27  ?  50  THR   A C   1 
ATOM   806  O O   . THR   A 1 41  ? 1.389   -5.325  6.822   1.00 31.82  ?  50  THR   A O   1 
ATOM   807  C CB  . THR   A 1 41  ? 2.131   -8.021  6.897   1.00 37.69  ?  50  THR   A CB  1 
ATOM   808  O OG1 . THR   A 1 41  ? 3.147   -7.653  5.956   1.00 35.28  ?  50  THR   A OG1 1 
ATOM   809  C CG2 . THR   A 1 41  ? 2.175   -9.508  7.171   1.00 39.84  ?  50  THR   A CG2 1 
ATOM   810  N N   . CYS   A 1 42  ? -0.194  -5.631  5.238   1.00 30.21  ?  51  CYS   A N   1 
ATOM   811  C CA  . CYS   A 1 42  ? -0.407  -4.203  4.882   1.00 28.30  ?  51  CYS   A CA  1 
ATOM   812  C C   . CYS   A 1 42  ? -1.852  -3.830  5.194   1.00 29.43  ?  51  CYS   A C   1 
ATOM   813  O O   . CYS   A 1 42  ? -2.790  -4.526  4.714   1.00 29.72  ?  51  CYS   A O   1 
ATOM   814  C CB  . CYS   A 1 42  ? -0.067  -3.963  3.412   1.00 29.60  ?  51  CYS   A CB  1 
ATOM   815  S SG  . CYS   A 1 42  ? -0.044  -2.210  2.948   1.00 32.75  ?  51  CYS   A SG  1 
ATOM   816  N N   . GLY   A 1 43  ? -2.036  -2.742  5.945   1.00 30.14  ?  52  GLY   A N   1 
ATOM   817  C CA  . GLY   A 1 43  ? -3.345  -2.165  6.215   1.00 27.35  ?  52  GLY   A CA  1 
ATOM   818  C C   . GLY   A 1 43  ? -3.537  -0.873  5.436   1.00 27.20  ?  52  GLY   A C   1 
ATOM   819  O O   . GLY   A 1 43  ? -2.582  -0.388  4.799   1.00 29.96  ?  52  GLY   A O   1 
ATOM   820  N N   . LEU   A 1 44  ? -4.753  -0.368  5.443   1.00 26.66  ?  53  LEU   A N   1 
ATOM   821  C CA  . LEU   A 1 44  ? -5.124  0.843   4.701   1.00 28.19  ?  53  LEU   A CA  1 
ATOM   822  C C   . LEU   A 1 44  ? -5.831  1.767   5.688   1.00 27.68  ?  53  LEU   A C   1 
ATOM   823  O O   . LEU   A 1 44  ? -6.737  1.322   6.389   1.00 26.68  ?  53  LEU   A O   1 
ATOM   824  C CB  . LEU   A 1 44  ? -6.027  0.425   3.543   1.00 30.76  ?  53  LEU   A CB  1 
ATOM   825  C CG  . LEU   A 1 44  ? -6.651  1.544   2.714   1.00 33.58  ?  53  LEU   A CG  1 
ATOM   826  C CD1 . LEU   A 1 44  ? -5.557  2.240   1.938   1.00 38.96  ?  53  LEU   A CD1 1 
ATOM   827  C CD2 . LEU   A 1 44  ? -7.673  0.970   1.759   1.00 38.10  ?  53  LEU   A CD2 1 
ATOM   828  N N   . VAL   A 1 45  ? -5.453  3.023   5.693   1.00 29.22  ?  54  VAL   A N   1 
ATOM   829  C CA  . VAL   A 1 45  ? -6.129  4.069   6.502   1.00 27.75  ?  54  VAL   A CA  1 
ATOM   830  C C   . VAL   A 1 45  ? -6.777  5.035   5.518   1.00 29.04  ?  54  VAL   A C   1 
ATOM   831  O O   . VAL   A 1 45  ? -6.058  5.577   4.684   1.00 30.31  ?  54  VAL   A O   1 
ATOM   832  C CB  . VAL   A 1 45  ? -5.180  4.793   7.465   1.00 27.01  ?  54  VAL   A CB  1 
ATOM   833  C CG1 . VAL   A 1 45  ? -5.967  5.819   8.262   1.00 28.98  ?  54  VAL   A CG1 1 
ATOM   834  C CG2 . VAL   A 1 45  ? -4.440  3.870   8.424   1.00 27.92  ?  54  VAL   A CG2 1 
ATOM   835  N N   . GLU   A 1 46  ? -8.082  5.268   5.649   1.00 32.12  ?  55  GLU   A N   1 
ATOM   836  C CA  . GLU   A 1 46  ? -8.833  6.165   4.734   1.00 34.74  ?  55  GLU   A CA  1 
ATOM   837  C C   . GLU   A 1 46  ? -8.539  7.604   5.141   1.00 35.82  ?  55  GLU   A C   1 
ATOM   838  O O   . GLU   A 1 46  ? -8.509  7.889   6.349   1.00 35.09  ?  55  GLU   A O   1 
ATOM   839  C CB  . GLU   A 1 46  ? -10.320 5.799   4.737   1.00 40.83  ?  55  GLU   A CB  1 
ATOM   840  C CG  . GLU   A 1 46  ? -10.513 4.390   4.213   1.00 41.48  ?  55  GLU   A CG  1 
ATOM   841  C CD  . GLU   A 1 46  ? -11.934 3.964   3.951   1.00 46.82  ?  55  GLU   A CD  1 
ATOM   842  O OE1 . GLU   A 1 46  ? -12.848 4.471   4.641   1.00 56.47  ?  55  GLU   A OE1 1 
ATOM   843  O OE2 . GLU   A 1 46  ? -12.116 3.128   3.053   1.00 48.67  ?  55  GLU   A OE2 1 
ATOM   844  N N   . VAL   A 1 47  ? -8.209  8.426   4.158   1.00 40.56  ?  56  VAL   A N   1 
ATOM   845  C CA  . VAL   A 1 47  ? -7.712  9.802   4.391   1.00 44.70  ?  56  VAL   A CA  1 
ATOM   846  C C   . VAL   A 1 47  ? -8.926  10.689  4.633   1.00 46.85  ?  56  VAL   A C   1 
ATOM   847  O O   . VAL   A 1 47  ? -9.851  10.687  3.805   1.00 47.45  ?  56  VAL   A O   1 
ATOM   848  C CB  . VAL   A 1 47  ? -6.815  10.328  3.259   1.00 48.15  ?  56  VAL   A CB  1 
ATOM   849  C CG1 . VAL   A 1 47  ? -6.430  11.786  3.518   1.00 48.84  ?  56  VAL   A CG1 1 
ATOM   850  C CG2 . VAL   A 1 47  ? -5.556  9.477   3.104   1.00 50.71  ?  56  VAL   A CG2 1 
ATOM   851  N N   . GLU   A 1 48  ? -8.937  11.351  5.784   1.00 48.39  ?  57  GLU   A N   1 
ATOM   852  C CA  . GLU   A 1 48  ? -9.871  12.455  6.104   1.00 49.25  ?  57  GLU   A CA  1 
ATOM   853  C C   . GLU   A 1 48  ? -9.067  13.523  6.845   1.00 46.41  ?  57  GLU   A C   1 
ATOM   854  O O   . GLU   A 1 48  ? -7.882  13.266  7.186   1.00 44.96  ?  57  GLU   A O   1 
ATOM   855  C CB  . GLU   A 1 48  ? -11.019 11.957  6.974   1.00 58.66  ?  57  GLU   A CB  1 
ATOM   856  C CG  . GLU   A 1 48  ? -11.766 10.779  6.388   1.00 72.89  ?  57  GLU   A CG  1 
ATOM   857  C CD  . GLU   A 1 48  ? -12.785 10.226  7.360   1.00 77.18  ?  57  GLU   A CD  1 
ATOM   858  O OE1 . GLU   A 1 48  ? -12.860 10.786  8.471   1.00 86.27  ?  57  GLU   A OE1 1 
ATOM   859  O OE2 . GLU   A 1 48  ? -13.500 9.258   7.009   1.00 93.26  ?  57  GLU   A OE2 1 
ATOM   860  N N   . LYS   A 1 49  ? -9.680  14.691  7.009   1.00 53.14  ?  58  LYS   A N   1 
ATOM   861  C CA  . LYS   A 1 49  ? -9.230  15.796  7.886   1.00 57.39  ?  58  LYS   A CA  1 
ATOM   862  C C   . LYS   A 1 49  ? -8.692  15.205  9.177   1.00 48.48  ?  58  LYS   A C   1 
ATOM   863  O O   . LYS   A 1 49  ? -9.467  14.498  9.857   1.00 56.03  ?  58  LYS   A O   1 
ATOM   864  C CB  . LYS   A 1 49  ? -10.415 16.700  8.235   1.00 64.71  ?  58  LYS   A CB  1 
ATOM   865  C CG  . LYS   A 1 49  ? -10.926 17.536  7.079   1.00 72.00  ?  58  LYS   A CG  1 
ATOM   866  C CD  . LYS   A 1 49  ? -9.873  18.467  6.535   1.00 82.36  ?  58  LYS   A CD  1 
ATOM   867  C CE  . LYS   A 1 49  ? -10.498 19.645  5.826   1.00 92.81  ?  58  LYS   A CE  1 
ATOM   868  N NZ  . LYS   A 1 49  ? -11.449 19.178  4.788   1.00 96.97  ?  58  LYS   A NZ  1 
ATOM   869  N N   . GLY   A 1 50  ? -7.431  15.482  9.481   1.00 44.58  ?  59  GLY   A N   1 
ATOM   870  C CA  . GLY   A 1 50  ? -6.801  15.131  10.763  1.00 46.24  ?  59  GLY   A CA  1 
ATOM   871  C C   . GLY   A 1 50  ? -6.062  13.808  10.737  1.00 43.15  ?  59  GLY   A C   1 
ATOM   872  O O   . GLY   A 1 50  ? -5.325  13.537  11.711  1.00 46.37  ?  59  GLY   A O   1 
ATOM   873  N N   . VAL   A 1 51  ? -6.198  13.010  9.670   1.00 37.78  ?  60  VAL   A N   1 
ATOM   874  C CA  . VAL   A 1 51  ? -5.576  11.655  9.606   1.00 38.23  ?  60  VAL   A CA  1 
ATOM   875  C C   . VAL   A 1 51  ? -4.078  11.766  9.323   1.00 35.29  ?  60  VAL   A C   1 
ATOM   876  O O   . VAL   A 1 51  ? -3.326  11.251  10.116  1.00 36.35  ?  60  VAL   A O   1 
ATOM   877  C CB  . VAL   A 1 51  ? -6.298  10.731  8.609   1.00 36.05  ?  60  VAL   A CB  1 
ATOM   878  C CG1 . VAL   A 1 51  ? -5.576  9.403   8.468   1.00 39.57  ?  60  VAL   A CG1 1 
ATOM   879  C CG2 . VAL   A 1 51  ? -7.730  10.541  9.018   1.00 37.47  ?  60  VAL   A CG2 1 
ATOM   880  N N   . LEU   A 1 52  ? -3.649  12.340  8.197   1.00 35.53  ?  61  LEU   A N   1 
ATOM   881  C CA  . LEU   A 1 52  ? -2.224  12.330  7.783   1.00 33.44  ?  61  LEU   A CA  1 
ATOM   882  C C   . LEU   A 1 52  ? -1.264  12.889  8.821   1.00 35.57  ?  61  LEU   A C   1 
ATOM   883  O O   . LEU   A 1 52  ? -0.177  12.352  8.977   1.00 34.01  ?  61  LEU   A O   1 
ATOM   884  C CB  . LEU   A 1 52  ? -2.060  13.043  6.439   1.00 35.72  ?  61  LEU   A CB  1 
ATOM   885  C CG  . LEU   A 1 52  ? -2.587  12.273  5.231   1.00 36.12  ?  61  LEU   A CG  1 
ATOM   886  C CD1 . LEU   A 1 52  ? -2.396  13.097  3.971   1.00 42.86  ?  61  LEU   A CD1 1 
ATOM   887  C CD2 . LEU   A 1 52  ? -1.881  10.934  5.064   1.00 39.15  ?  61  LEU   A CD2 1 
ATOM   888  N N   . PRO   A 1 53  ? -1.565  13.982  9.559   1.00 37.01  ?  62  PRO   A N   1 
ATOM   889  C CA  . PRO   A 1 53  ? -0.627  14.452  10.590  1.00 37.00  ?  62  PRO   A CA  1 
ATOM   890  C C   . PRO   A 1 53  ? -0.444  13.447  11.751  1.00 39.36  ?  62  PRO   A C   1 
ATOM   891  O O   . PRO   A 1 53  ? 0.502   13.597  12.546  1.00 37.02  ?  62  PRO   A O   1 
ATOM   892  C CB  . PRO   A 1 53  ? -1.227  15.775  11.083  1.00 36.91  ?  62  PRO   A CB  1 
ATOM   893  C CG  . PRO   A 1 53  ? -2.304  16.120  10.085  1.00 38.79  ?  62  PRO   A CG  1 
ATOM   894  C CD  . PRO   A 1 53  ? -2.758  14.836  9.416   1.00 36.81  ?  62  PRO   A CD  1 
ATOM   895  N N   . GLN   A 1 54  ? -1.302  12.415  11.844  1.00 35.33  ?  63  GLN   A N   1 
ATOM   896  C CA  . GLN   A 1 54  ? -1.151  11.367  12.878  1.00 34.86  ?  63  GLN   A CA  1 
ATOM   897  C C   . GLN   A 1 54  ? -0.291  10.212  12.354  1.00 40.69  ?  63  GLN   A C   1 
ATOM   898  O O   . GLN   A 1 54  ? -0.016  9.288   13.140  1.00 33.93  ?  63  GLN   A O   1 
ATOM   899  C CB  . GLN   A 1 54  ? -2.515  10.858  13.333  1.00 35.78  ?  63  GLN   A CB  1 
ATOM   900  C CG  . GLN   A 1 54  ? -3.336  11.946  13.968  1.00 36.54  ?  63  GLN   A CG  1 
ATOM   901  C CD  . GLN   A 1 54  ? -4.599  11.355  14.531  1.00 39.82  ?  63  GLN   A CD  1 
ATOM   902  O OE1 . GLN   A 1 54  ? -4.579  10.535  15.460  1.00 44.27  ?  63  GLN   A OE1 1 
ATOM   903  N NE2 . GLN   A 1 54  ? -5.704  11.775  13.959  1.00 29.65  ?  63  GLN   A NE2 1 
ATOM   904  N N   . LEU   A 1 55  ? 0.115   10.241  11.075  1.00 34.13  ?  64  LEU   A N   1 
ATOM   905  C CA  . LEU   A 1 55  ? 0.936   9.173   10.477  1.00 34.84  ?  64  LEU   A CA  1 
ATOM   906  C C   . LEU   A 1 55  ? 2.316   9.735   10.152  1.00 36.07  ?  64  LEU   A C   1 
ATOM   907  O O   . LEU   A 1 55  ? 2.475   10.972  10.223  1.00 41.98  ?  64  LEU   A O   1 
ATOM   908  C CB  . LEU   A 1 55  ? 0.207   8.655   9.244   1.00 33.53  ?  64  LEU   A CB  1 
ATOM   909  C CG  . LEU   A 1 55  ? -1.097  7.936   9.551   1.00 37.31  ?  64  LEU   A CG  1 
ATOM   910  C CD1 . LEU   A 1 55  ? -1.903  7.743   8.285   1.00 37.04  ?  64  LEU   A CD1 1 
ATOM   911  C CD2 . LEU   A 1 55  ? -0.829  6.600   10.255  1.00 36.57  ?  64  LEU   A CD2 1 
ATOM   912  N N   . GLU   A 1 56  ? 3.270   8.854   9.866   1.00 32.11  ?  65  GLU   A N   1 
ATOM   913  C CA  . GLU   A 1 56  ? 4.709   9.180   9.682   1.00 34.98  ?  65  GLU   A CA  1 
ATOM   914  C C   . GLU   A 1 56  ? 4.986   9.352   8.191   1.00 34.01  ?  65  GLU   A C   1 
ATOM   915  O O   . GLU   A 1 56  ? 4.527   8.513   7.408   1.00 35.04  ?  65  GLU   A O   1 
ATOM   916  C CB  . GLU   A 1 56  ? 5.582   8.088   10.295  1.00 36.04  ?  65  GLU   A CB  1 
ATOM   917  C CG  . GLU   A 1 56  ? 5.529   8.128   11.816  1.00 44.67  ?  65  GLU   A CG  1 
ATOM   918  C CD  . GLU   A 1 56  ? 6.333   7.078   12.565  1.00 49.91  ?  65  GLU   A CD  1 
ATOM   919  O OE1 . GLU   A 1 56  ? 6.880   6.153   11.924  1.00 60.32  ?  65  GLU   A OE1 1 
ATOM   920  O OE2 . GLU   A 1 56  ? 6.403   7.186   13.804  1.00 60.87  ?  65  GLU   A OE2 1 
ATOM   921  N N   . GLN   A 1 57  ? 5.654   10.441  7.822   1.00 38.50  ?  66  GLN   A N   1 
ATOM   922  C CA  . GLN   A 1 57  ? 6.191   10.640  6.439   1.00 36.67  ?  66  GLN   A CA  1 
ATOM   923  C C   . GLN   A 1 57  ? 7.517   9.910   6.306   1.00 34.32  ?  66  GLN   A C   1 
ATOM   924  O O   . GLN   A 1 57  ? 8.203   9.659   7.283   1.00 33.84  ?  66  GLN   A O   1 
ATOM   925  C CB  . GLN   A 1 57  ? 6.439   12.111  6.160   1.00 37.17  ?  66  GLN   A CB  1 
ATOM   926  C CG  . GLN   A 1 57  ? 5.187   12.930  6.117   1.00 39.50  ?  66  GLN   A CG  1 
ATOM   927  C CD  . GLN   A 1 57  ? 5.434   14.285  5.503   1.00 51.08  ?  66  GLN   A CD  1 
ATOM   928  O OE1 . GLN   A 1 57  ? 5.969   14.403  4.386   1.00 41.93  ?  66  GLN   A OE1 1 
ATOM   929  N NE2 . GLN   A 1 57  ? 5.003   15.310  6.227   1.00 47.93  ?  66  GLN   A NE2 1 
ATOM   930  N N   . PRO   A 1 58  ? 7.941   9.478   5.105   1.00 33.61  ?  67  PRO   A N   1 
ATOM   931  C CA  . PRO   A 1 58  ? 7.144   9.562   3.879   1.00 35.74  ?  67  PRO   A CA  1 
ATOM   932  C C   . PRO   A 1 58  ? 5.888   8.686   3.911   1.00 34.89  ?  67  PRO   A C   1 
ATOM   933  O O   . PRO   A 1 58  ? 5.914   7.575   4.509   1.00 32.64  ?  67  PRO   A O   1 
ATOM   934  C CB  . PRO   A 1 58  ? 8.103   9.012   2.798   1.00 33.65  ?  67  PRO   A CB  1 
ATOM   935  C CG  . PRO   A 1 58  ? 9.456   9.051   3.415   1.00 35.62  ?  67  PRO   A CG  1 
ATOM   936  C CD  . PRO   A 1 58  ? 9.230   8.815   4.891   1.00 33.83  ?  67  PRO   A CD  1 
ATOM   937  N N   . TYR   A 1 59  ? 4.825   9.161   3.269   1.00 32.00  ?  68  TYR   A N   1 
ATOM   938  C CA  . TYR   A 1 59  ? 3.559   8.421   3.120   1.00 32.01  ?  68  TYR   A CA  1 
ATOM   939  C C   . TYR   A 1 59  ? 3.587   7.581   1.857   1.00 34.29  ?  68  TYR   A C   1 
ATOM   940  O O   . TYR   A 1 59  ? 4.276   7.971   0.857   1.00 35.62  ?  68  TYR   A O   1 
ATOM   941  C CB  . TYR   A 1 59  ? 2.348   9.335   2.971   1.00 35.38  ?  68  TYR   A CB  1 
ATOM   942  C CG  . TYR   A 1 59  ? 2.210   10.427  3.986   1.00 38.30  ?  68  TYR   A CG  1 
ATOM   943  C CD1 . TYR   A 1 59  ? 2.190   10.147  5.346   1.00 37.87  ?  68  TYR   A CD1 1 
ATOM   944  C CD2 . TYR   A 1 59  ? 1.977   11.732  3.584   1.00 37.67  ?  68  TYR   A CD2 1 
ATOM   945  C CE1 . TYR   A 1 59  ? 1.984   11.142  6.280   1.00 39.94  ?  68  TYR   A CE1 1 
ATOM   946  C CE2 . TYR   A 1 59  ? 1.793   12.749  4.506   1.00 42.09  ?  68  TYR   A CE2 1 
ATOM   947  C CZ  . TYR   A 1 59  ? 1.822   12.450  5.860   1.00 44.98  ?  68  TYR   A CZ  1 
ATOM   948  O OH  . TYR   A 1 59  ? 1.607   13.430  6.771   1.00 39.10  ?  68  TYR   A OH  1 
ATOM   949  N N   A VAL   A 1 60  ? 2.875   6.452   1.875   0.35 32.11  ?  69  VAL   A N   1 
ATOM   950  N N   B VAL   A 1 60  ? 2.875   6.452   1.875   0.34 32.12  ?  69  VAL   A N   1 
ATOM   951  N N   C VAL   A 1 60  ? 2.854   6.463   1.874   0.16 32.76  ?  69  VAL   A N   1 
ATOM   952  N N   D VAL   A 1 60  ? 2.854   6.463   1.874   0.15 32.77  ?  69  VAL   A N   1 
ATOM   953  C CA  A VAL   A 1 60  ? 2.536   5.664   0.653   0.35 30.31  ?  69  VAL   A CA  1 
ATOM   954  C CA  B VAL   A 1 60  ? 2.536   5.663   0.654   0.34 30.34  ?  69  VAL   A CA  1 
ATOM   955  C CA  C VAL   A 1 60  ? 2.525   5.640   0.671   0.16 31.72  ?  69  VAL   A CA  1 
ATOM   956  C CA  D VAL   A 1 60  ? 2.525   5.639   0.671   0.15 31.75  ?  69  VAL   A CA  1 
ATOM   957  C C   A VAL   A 1 60  ? 1.016   5.660   0.486   0.35 33.23  ?  69  VAL   A C   1 
ATOM   958  C C   B VAL   A 1 60  ? 1.016   5.659   0.486   0.34 33.19  ?  69  VAL   A C   1 
ATOM   959  C C   C VAL   A 1 60  ? 1.006   5.645   0.484   0.16 32.74  ?  69  VAL   A C   1 
ATOM   960  C C   D VAL   A 1 60  ? 1.006   5.645   0.484   0.15 32.71  ?  69  VAL   A C   1 
ATOM   961  O O   A VAL   A 1 60  ? 0.323   5.135   1.395   0.35 30.21  ?  69  VAL   A O   1 
ATOM   962  O O   B VAL   A 1 60  ? 0.323   5.134   1.395   0.34 30.21  ?  69  VAL   A O   1 
ATOM   963  O O   C VAL   A 1 60  ? 0.305   5.107   1.371   0.16 30.72  ?  69  VAL   A O   1 
ATOM   964  O O   D VAL   A 1 60  ? 0.305   5.108   1.371   0.15 30.73  ?  69  VAL   A O   1 
ATOM   965  C CB  A VAL   A 1 60  ? 3.055   4.219   0.730   0.35 31.23  ?  69  VAL   A CB  1 
ATOM   966  C CB  B VAL   A 1 60  ? 3.055   4.219   0.730   0.34 31.24  ?  69  VAL   A CB  1 
ATOM   967  C CB  C VAL   A 1 60  ? 3.032   4.192   0.800   0.16 32.31  ?  69  VAL   A CB  1 
ATOM   968  C CB  D VAL   A 1 60  ? 3.031   4.191   0.800   0.15 32.32  ?  69  VAL   A CB  1 
ATOM   969  C CG1 A VAL   A 1 60  ? 2.674   3.440   -0.523  0.35 30.66  ?  69  VAL   A CG1 1 
ATOM   970  C CG1 B VAL   A 1 60  ? 2.674   3.439   -0.522  0.34 30.67  ?  69  VAL   A CG1 1 
ATOM   971  C CG1 C VAL   A 1 60  ? 2.672   3.370   -0.431  0.16 32.24  ?  69  VAL   A CG1 1 
ATOM   972  C CG1 D VAL   A 1 60  ? 2.672   3.369   -0.430  0.15 32.25  ?  69  VAL   A CG1 1 
ATOM   973  C CG2 A VAL   A 1 60  ? 4.550   4.164   0.945   0.35 32.92  ?  69  VAL   A CG2 1 
ATOM   974  C CG2 B VAL   A 1 60  ? 4.551   4.165   0.945   0.34 32.90  ?  69  VAL   A CG2 1 
ATOM   975  C CG2 C VAL   A 1 60  ? 4.523   4.130   1.062   0.16 33.36  ?  69  VAL   A CG2 1 
ATOM   976  C CG2 D VAL   A 1 60  ? 4.523   4.131   1.063   0.15 33.33  ?  69  VAL   A CG2 1 
ATOM   977  N N   . PHE   A 1 61  ? 0.528   6.195   -0.637  1.00 31.38  ?  70  PHE   A N   1 
ATOM   978  C CA  . PHE   A 1 61  ? -0.907  6.213   -0.997  1.00 33.23  ?  70  PHE   A CA  1 
ATOM   979  C C   . PHE   A 1 61  ? -1.168  5.053   -1.944  1.00 35.68  ?  70  PHE   A C   1 
ATOM   980  O O   . PHE   A 1 61  ? -0.276  4.732   -2.774  1.00 31.83  ?  70  PHE   A O   1 
ATOM   981  C CB  . PHE   A 1 61  ? -1.303  7.559   -1.615  1.00 32.19  ?  70  PHE   A CB  1 
ATOM   982  C CG  . PHE   A 1 61  ? -1.127  8.721   -0.672  1.00 33.87  ?  70  PHE   A CG  1 
ATOM   983  C CD1 . PHE   A 1 61  ? -1.902  8.819   0.482   1.00 32.63  ?  70  PHE   A CD1 1 
ATOM   984  C CD2 . PHE   A 1 61  ? -0.158  9.693   -0.893  1.00 33.79  ?  70  PHE   A CD2 1 
ATOM   985  C CE1 . PHE   A 1 61  ? -1.731  9.874   1.355   1.00 37.43  ?  70  PHE   A CE1 1 
ATOM   986  C CE2 . PHE   A 1 61  ? 0.046   10.726  0.015   1.00 37.14  ?  70  PHE   A CE2 1 
ATOM   987  C CZ  . PHE   A 1 61  ? -0.747  10.812  1.142   1.00 38.05  ?  70  PHE   A CZ  1 
ATOM   988  N N   . ILE   A 1 62  ? -2.368  4.479   -1.881  1.00 32.59  ?  71  ILE   A N   1 
ATOM   989  C CA  . ILE   A 1 62  ? -2.924  3.769   -3.065  1.00 39.51  ?  71  ILE   A CA  1 
ATOM   990  C C   . ILE   A 1 62  ? -3.902  4.730   -3.752  1.00 37.88  ?  71  ILE   A C   1 
ATOM   991  O O   . ILE   A 1 62  ? -4.664  5.444   -3.070  1.00 37.72  ?  71  ILE   A O   1 
ATOM   992  C CB  . ILE   A 1 62  ? -3.540  2.389   -2.759  1.00 37.24  ?  71  ILE   A CB  1 
ATOM   993  C CG1 . ILE   A 1 62  ? -4.506  2.408   -1.584  1.00 41.12  ?  71  ILE   A CG1 1 
ATOM   994  C CG2 . ILE   A 1 62  ? -2.472  1.346   -2.600  1.00 39.46  ?  71  ILE   A CG2 1 
ATOM   995  C CD1 . ILE   A 1 62  ? -5.399  1.176   -1.557  1.00 43.76  ?  71  ILE   A CD1 1 
ATOM   996  N N   . LYS   A 1 63  ? -3.785  4.800   -5.078  1.00 35.64  ?  72  LYS   A N   1 
ATOM   997  C CA  . LYS   A 1 63  ? -4.471  5.778   -5.938  1.00 35.08  ?  72  LYS   A CA  1 
ATOM   998  C C   . LYS   A 1 63  ? -5.165  5.027   -7.084  1.00 35.94  ?  72  LYS   A C   1 
ATOM   999  O O   . LYS   A 1 63  ? -4.639  4.002   -7.554  1.00 35.98  ?  72  LYS   A O   1 
ATOM   1000 C CB  . LYS   A 1 63  ? -3.444  6.810   -6.392  1.00 38.25  ?  72  LYS   A CB  1 
ATOM   1001 C CG  . LYS   A 1 63  ? -3.230  7.934   -5.396  1.00 40.39  ?  72  LYS   A CG  1 
ATOM   1002 C CD  . LYS   A 1 63  ? -2.216  8.958   -5.867  1.00 45.72  ?  72  LYS   A CD  1 
ATOM   1003 C CE  . LYS   A 1 63  ? -2.227  10.210  -5.023  1.00 49.32  ?  72  LYS   A CE  1 
ATOM   1004 N NZ  . LYS   A 1 63  ? -3.587  10.789  -4.934  1.00 51.30  ?  72  LYS   A NZ  1 
ATOM   1005 N N   . ARG   A 1 64  ? -6.381  5.429   -7.428  1.00 39.20  ?  73  ARG   A N   1 
ATOM   1006 C CA  . ARG   A 1 64  ? -7.189  4.677   -8.422  1.00 40.98  ?  73  ARG   A CA  1 
ATOM   1007 C C   . ARG   A 1 64  ? -6.471  4.826   -9.771  1.00 38.53  ?  73  ARG   A C   1 
ATOM   1008 O O   . ARG   A 1 64  ? -6.062  5.958   -10.059 1.00 39.42  ?  73  ARG   A O   1 
ATOM   1009 C CB  . ARG   A 1 64  ? -8.630  5.197   -8.430  1.00 44.54  ?  73  ARG   A CB  1 
ATOM   1010 C CG  . ARG   A 1 64  ? -9.532  4.455   -9.412  1.00 54.33  ?  73  ARG   A CG  1 
ATOM   1011 C CD  . ARG   A 1 64  ? -10.898 5.090   -9.604  1.00 64.08  ?  73  ARG   A CD  1 
ATOM   1012 N NE  . ARG   A 1 64  ? -11.953 4.082   -9.713  1.00 69.51  ?  73  ARG   A NE  1 
ATOM   1013 C CZ  . ARG   A 1 64  ? -12.839 3.793   -8.758  1.00 75.88  ?  73  ARG   A CZ  1 
ATOM   1014 N NH1 . ARG   A 1 64  ? -12.819 4.434   -7.597  1.00 71.61  ?  73  ARG   A NH1 1 
ATOM   1015 N NH2 . ARG   A 1 64  ? -13.744 2.854   -8.971  1.00 82.41  ?  73  ARG   A NH2 1 
ATOM   1016 N N   . SER   A 1 65  ? -6.167  3.727   -10.480 1.00 41.07  ?  74  SER   A N   1 
ATOM   1017 C CA  . SER   A 1 65  ? -5.360  3.793   -11.734 1.00 47.78  ?  74  SER   A CA  1 
ATOM   1018 C C   . SER   A 1 65  ? -6.238  3.616   -12.980 1.00 54.65  ?  74  SER   A C   1 
ATOM   1019 O O   . SER   A 1 65  ? -5.677  3.803   -14.081 1.00 60.35  ?  74  SER   A O   1 
ATOM   1020 C CB  . SER   A 1 65  ? -4.206  2.813   -11.749 1.00 46.62  ?  74  SER   A CB  1 
ATOM   1021 O OG  . SER   A 1 65  ? -4.649  1.464   -11.627 1.00 49.37  ?  74  SER   A OG  1 
ATOM   1022 N N   . ASP   A 1 66  ? -7.529  3.277   -12.810 1.00 60.15  ?  75  ASP   A N   1 
ATOM   1023 C CA  . ASP   A 1 66  ? -8.482  2.902   -13.896 1.00 63.92  ?  75  ASP   A CA  1 
ATOM   1024 C C   . ASP   A 1 66  ? -9.932  3.185   -13.447 1.00 65.39  ?  75  ASP   A C   1 
ATOM   1025 O O   . ASP   A 1 66  ? -10.215 3.027   -12.253 1.00 62.25  ?  75  ASP   A O   1 
ATOM   1026 C CB  . ASP   A 1 66  ? -8.284  1.422   -14.238 1.00 70.82  ?  75  ASP   A CB  1 
ATOM   1027 C CG  . ASP   A 1 66  ? -8.845  0.967   -15.573 1.00 70.91  ?  75  ASP   A CG  1 
ATOM   1028 O OD1 . ASP   A 1 66  ? -9.857  1.525   -16.019 1.00 76.16  ?  75  ASP   A OD1 1 
ATOM   1029 O OD2 . ASP   A 1 66  ? -8.264  0.038   -16.139 1.00 76.12  ?  75  ASP   A OD2 1 
ATOM   1030 N N   . ALA   A 1 67  ? -10.831 3.547   -14.377 1.00 65.17  ?  76  ALA   A N   1 
ATOM   1031 C CA  . ALA   A 1 67  ? -12.254 3.904   -14.113 1.00 65.26  ?  76  ALA   A CA  1 
ATOM   1032 C C   . ALA   A 1 67  ? -13.211 2.938   -14.826 1.00 48.28  ?  76  ALA   A C   1 
ATOM   1033 O O   . ALA   A 1 67  ? -12.701 2.172   -15.685 1.00 51.90  ?  76  ALA   A O   1 
ATOM   1034 C CB  . ALA   A 1 67  ? -12.513 5.332   -14.536 1.00 65.57  ?  76  ALA   A CB  1 
ATOM   1035 N N   . ALA   A 1 70  ? -12.720 -2.435  -12.704 1.00 60.80  ?  79  ALA   A N   1 
ATOM   1036 C CA  . ALA   A 1 70  ? -12.740 -2.941  -11.309 1.00 65.17  ?  79  ALA   A CA  1 
ATOM   1037 C C   . ALA   A 1 70  ? -13.004 -4.445  -11.327 1.00 70.91  ?  79  ALA   A C   1 
ATOM   1038 O O   . ALA   A 1 70  ? -14.050 -4.924  -10.884 1.00 67.76  ?  79  ALA   A O   1 
ATOM   1039 C CB  . ALA   A 1 70  ? -13.764 -2.192  -10.485 1.00 58.93  ?  79  ALA   A CB  1 
ATOM   1040 N N   . PRO   A 1 71  ? -12.057 -5.239  -11.872 1.00 66.02  ?  80  PRO   A N   1 
ATOM   1041 C CA  . PRO   A 1 71  ? -12.272 -6.672  -12.059 1.00 66.86  ?  80  PRO   A CA  1 
ATOM   1042 C C   . PRO   A 1 71  ? -12.661 -7.359  -10.749 1.00 72.39  ?  80  PRO   A C   1 
ATOM   1043 O O   . PRO   A 1 71  ? -11.959 -7.213  -9.763  1.00 72.00  ?  80  PRO   A O   1 
ATOM   1044 C CB  . PRO   A 1 71  ? -10.912 -7.160  -12.575 1.00 71.13  ?  80  PRO   A CB  1 
ATOM   1045 C CG  . PRO   A 1 71  ? -10.340 -5.942  -13.268 1.00 74.74  ?  80  PRO   A CG  1 
ATOM   1046 C CD  . PRO   A 1 71  ? -10.743 -4.793  -12.369 1.00 69.16  ?  80  PRO   A CD  1 
ATOM   1047 N N   . HIS   A 1 72  ? -13.782 -8.078  -10.768 1.00 78.38  ?  81  HIS   A N   1 
ATOM   1048 C CA  . HIS   A 1 72  ? -14.267 -8.929  -9.649  1.00 76.83  ?  81  HIS   A CA  1 
ATOM   1049 C C   . HIS   A 1 72  ? -14.467 -8.089  -8.378  1.00 73.43  ?  81  HIS   A C   1 
ATOM   1050 O O   . HIS   A 1 72  ? -14.379 -8.678  -7.283  1.00 75.35  ?  81  HIS   A O   1 
ATOM   1051 C CB  . HIS   A 1 72  ? -13.273 -10.082 -9.404  1.00 93.03  ?  81  HIS   A CB  1 
ATOM   1052 C CG  . HIS   A 1 72  ? -12.793 -10.774 -10.639 1.00 108.64 ?  81  HIS   A CG  1 
ATOM   1053 N ND1 . HIS   A 1 72  ? -13.254 -12.020 -11.003 1.00 120.69 ?  81  HIS   A ND1 1 
ATOM   1054 C CD2 . HIS   A 1 72  ? -11.897 -10.414 -11.590 1.00 117.60 ?  81  HIS   A CD2 1 
ATOM   1055 C CE1 . HIS   A 1 72  ? -12.673 -12.398 -12.122 1.00 129.16 ?  81  HIS   A CE1 1 
ATOM   1056 N NE2 . HIS   A 1 72  ? -11.832 -11.429 -12.503 1.00 126.17 ?  81  HIS   A NE2 1 
ATOM   1057 N N   . GLY   A 1 73  ? -14.718 -6.777  -8.511  1.00 65.48  ?  82  GLY   A N   1 
ATOM   1058 C CA  . GLY   A 1 73  ? -14.912 -5.818  -7.400  1.00 60.21  ?  82  GLY   A CA  1 
ATOM   1059 C C   . GLY   A 1 73  ? -13.617 -5.113  -6.981  1.00 60.36  ?  82  GLY   A C   1 
ATOM   1060 O O   . GLY   A 1 73  ? -13.682 -4.106  -6.251  1.00 56.53  ?  82  GLY   A O   1 
ATOM   1061 N N   . HIS   A 1 74  ? -12.463 -5.592  -7.451  1.00 52.98  ?  83  HIS   A N   1 
ATOM   1062 C CA  . HIS   A 1 74  ? -11.126 -5.042  -7.103  1.00 50.81  ?  83  HIS   A CA  1 
ATOM   1063 C C   . HIS   A 1 74  ? -10.825 -3.780  -7.921  1.00 54.50  ?  83  HIS   A C   1 
ATOM   1064 O O   . HIS   A 1 74  ? -10.628 -3.900  -9.148  1.00 49.77  ?  83  HIS   A O   1 
ATOM   1065 C CB  . HIS   A 1 74  ? -10.090 -6.137  -7.292  1.00 52.07  ?  83  HIS   A CB  1 
ATOM   1066 C CG  . HIS   A 1 74  ? -10.264 -7.241  -6.315  1.00 48.61  ?  83  HIS   A CG  1 
ATOM   1067 N ND1 . HIS   A 1 74  ? -9.417  -7.415  -5.237  1.00 49.26  ?  83  HIS   A ND1 1 
ATOM   1068 C CD2 . HIS   A 1 74  ? -11.176 -8.229  -6.245  1.00 56.53  ?  83  HIS   A CD2 1 
ATOM   1069 C CE1 . HIS   A 1 74  ? -9.782  -8.485  -4.561  1.00 54.52  ?  83  HIS   A CE1 1 
ATOM   1070 N NE2 . HIS   A 1 74  ? -10.848 -9.014  -5.165  1.00 54.01  ?  83  HIS   A NE2 1 
ATOM   1071 N N   . VAL   A 1 75  ? -10.772 -2.624  -7.253  1.00 50.51  ?  84  VAL   A N   1 
ATOM   1072 C CA  . VAL   A 1 75  ? -10.460 -1.295  -7.869  1.00 47.82  ?  84  VAL   A CA  1 
ATOM   1073 C C   . VAL   A 1 75  ? -8.989  -1.312  -8.247  1.00 40.37  ?  84  VAL   A C   1 
ATOM   1074 O O   . VAL   A 1 75  ? -8.165  -1.650  -7.400  1.00 36.14  ?  84  VAL   A O   1 
ATOM   1075 C CB  . VAL   A 1 75  ? -10.754 -0.137  -6.900  1.00 50.11  ?  84  VAL   A CB  1 
ATOM   1076 C CG1 . VAL   A 1 75  ? -10.276 1.185   -7.465  1.00 55.96  ?  84  VAL   A CG1 1 
ATOM   1077 C CG2 . VAL   A 1 75  ? -12.234 -0.078  -6.552  1.00 57.24  ?  84  VAL   A CG2 1 
ATOM   1078 N N   . MET   A 1 76  ? -8.646  -0.957  -9.473  1.00 40.13  ?  85  MET   A N   1 
ATOM   1079 C CA  . MET   A 1 76  ? -7.231  -0.970  -9.898  1.00 42.27  ?  85  MET   A CA  1 
ATOM   1080 C C   . MET   A 1 76  ? -6.524  0.245   -9.290  1.00 37.12  ?  85  MET   A C   1 
ATOM   1081 O O   . MET   A 1 76  ? -7.015  1.353   -9.405  1.00 39.91  ?  85  MET   A O   1 
ATOM   1082 C CB  . MET   A 1 76  ? -7.094  -0.933  -11.424 1.00 45.70  ?  85  MET   A CB  1 
ATOM   1083 C CG  . MET   A 1 76  ? -7.794  -2.111  -12.104 1.00 53.81  ?  85  MET   A CG  1 
ATOM   1084 S SD  . MET   A 1 76  ? -7.420  -2.189  -13.883 1.00 69.23  ?  85  MET   A SD  1 
ATOM   1085 C CE  . MET   A 1 76  ? -5.635  -2.174  -13.775 1.00 60.35  ?  85  MET   A CE  1 
ATOM   1086 N N   . VAL   A 1 77  ? -5.382  0.018   -8.666  1.00 37.76  ?  86  VAL   A N   1 
ATOM   1087 C CA  . VAL   A 1 77  ? -4.658  1.060   -7.909  1.00 37.69  ?  86  VAL   A CA  1 
ATOM   1088 C C   . VAL   A 1 77  ? -3.175  0.934   -8.245  1.00 36.80  ?  86  VAL   A C   1 
ATOM   1089 O O   . VAL   A 1 77  ? -2.716  -0.181  -8.606  1.00 37.82  ?  86  VAL   A O   1 
ATOM   1090 C CB  . VAL   A 1 77  ? -4.885  0.899   -6.394  1.00 33.11  ?  86  VAL   A CB  1 
ATOM   1091 C CG1 . VAL   A 1 77  ? -6.347  1.052   -6.019  1.00 32.27  ?  86  VAL   A CG1 1 
ATOM   1092 C CG2 . VAL   A 1 77  ? -4.337  -0.426  -5.902  1.00 34.24  ?  86  VAL   A CG2 1 
ATOM   1093 N N   . GLU   A 1 78  ? -2.455  2.023   -8.023  1.00 37.33  ?  87  GLU   A N   1 
ATOM   1094 C CA  . GLU   A 1 78  ? -0.982  2.026   -7.996  1.00 38.59  ?  87  GLU   A CA  1 
ATOM   1095 C C   . GLU   A 1 78  ? -0.486  2.780   -6.759  1.00 35.77  ?  87  GLU   A C   1 
ATOM   1096 O O   . GLU   A 1 78  ? -1.275  3.525   -6.124  1.00 32.32  ?  87  GLU   A O   1 
ATOM   1097 C CB  . GLU   A 1 78  ? -0.437  2.609   -9.293  1.00 42.10  ?  87  GLU   A CB  1 
ATOM   1098 C CG  . GLU   A 1 78  ? -0.958  3.977   -9.644  1.00 48.28  ?  87  GLU   A CG  1 
ATOM   1099 C CD  . GLU   A 1 78  ? -0.927  4.214   -11.156 1.00 55.77  ?  87  GLU   A CD  1 
ATOM   1100 O OE1 . GLU   A 1 78  ? -0.184  3.483   -11.857 1.00 58.98  ?  87  GLU   A OE1 1 
ATOM   1101 O OE2 . GLU   A 1 78  ? -1.664  5.096   -11.628 1.00 51.26  ?  87  GLU   A OE2 1 
ATOM   1102 N N   A LEU   A 1 79  ? 0.789   2.571   -6.420  0.35 34.37  ?  88  LEU   A N   1 
ATOM   1103 N N   B LEU   A 1 79  ? 0.789   2.572   -6.421  0.34 34.42  ?  88  LEU   A N   1 
ATOM   1104 N N   C LEU   A 1 79  ? 0.800   2.598   -6.445  0.16 35.52  ?  88  LEU   A N   1 
ATOM   1105 N N   D LEU   A 1 79  ? 0.800   2.598   -6.445  0.15 35.55  ?  88  LEU   A N   1 
ATOM   1106 C CA  A LEU   A 1 79  ? 1.478   3.218   -5.269  0.35 39.19  ?  88  LEU   A CA  1 
ATOM   1107 C CA  B LEU   A 1 79  ? 1.478   3.218   -5.269  0.34 39.16  ?  88  LEU   A CA  1 
ATOM   1108 C CA  C LEU   A 1 79  ? 1.493   3.211   -5.280  0.16 37.90  ?  88  LEU   A CA  1 
ATOM   1109 C CA  D LEU   A 1 79  ? 1.493   3.211   -5.280  0.15 37.86  ?  88  LEU   A CA  1 
ATOM   1110 C C   A LEU   A 1 79  ? 2.071   4.565   -5.688  0.35 38.94  ?  88  LEU   A C   1 
ATOM   1111 C C   B LEU   A 1 79  ? 2.071   4.565   -5.688  0.34 38.91  ?  88  LEU   A C   1 
ATOM   1112 C C   C LEU   A 1 79  ? 2.094   4.561   -5.677  0.16 37.46  ?  88  LEU   A C   1 
ATOM   1113 C C   D LEU   A 1 79  ? 2.094   4.561   -5.677  0.15 37.42  ?  88  LEU   A C   1 
ATOM   1114 O O   A LEU   A 1 79  ? 2.717   4.628   -6.762  0.35 39.27  ?  88  LEU   A O   1 
ATOM   1115 O O   B LEU   A 1 79  ? 2.717   4.628   -6.762  0.34 39.23  ?  88  LEU   A O   1 
ATOM   1116 O O   C LEU   A 1 79  ? 2.770   4.624   -6.729  0.16 37.09  ?  88  LEU   A O   1 
ATOM   1117 O O   D LEU   A 1 79  ? 2.770   4.624   -6.729  0.15 37.06  ?  88  LEU   A O   1 
ATOM   1118 C CB  A LEU   A 1 79  ? 2.583   2.294   -4.749  0.35 37.91  ?  88  LEU   A CB  1 
ATOM   1119 C CB  B LEU   A 1 79  ? 2.583   2.294   -4.749  0.34 37.93  ?  88  LEU   A CB  1 
ATOM   1120 C CB  C LEU   A 1 79  ? 2.589   2.258   -4.792  0.16 37.70  ?  88  LEU   A CB  1 
ATOM   1121 C CB  D LEU   A 1 79  ? 2.589   2.258   -4.792  0.15 37.71  ?  88  LEU   A CB  1 
ATOM   1122 C CG  A LEU   A 1 79  ? 2.117   0.906   -4.317  0.35 40.63  ?  88  LEU   A CG  1 
ATOM   1123 C CG  B LEU   A 1 79  ? 2.117   0.906   -4.317  0.34 40.62  ?  88  LEU   A CG  1 
ATOM   1124 C CG  C LEU   A 1 79  ? 2.097   0.894   -4.317  0.16 39.27  ?  88  LEU   A CG  1 
ATOM   1125 C CG  D LEU   A 1 79  ? 2.097   0.894   -4.317  0.15 39.24  ?  88  LEU   A CG  1 
ATOM   1126 C CD1 A LEU   A 1 79  ? 3.267   0.107   -3.741  0.35 40.16  ?  88  LEU   A CD1 1 
ATOM   1127 C CD1 B LEU   A 1 79  ? 3.268   0.107   -3.742  0.34 40.16  ?  88  LEU   A CD1 1 
ATOM   1128 C CD1 C LEU   A 1 79  ? 3.259   -0.060  -4.103  0.16 38.88  ?  88  LEU   A CD1 1 
ATOM   1129 C CD1 D LEU   A 1 79  ? 3.260   -0.060  -4.103  0.15 38.87  ?  88  LEU   A CD1 1 
ATOM   1130 C CD2 A LEU   A 1 79  ? 0.975   0.993   -3.323  0.35 41.70  ?  88  LEU   A CD2 1 
ATOM   1131 C CD2 B LEU   A 1 79  ? 0.977   0.993   -3.322  0.34 41.69  ?  88  LEU   A CD2 1 
ATOM   1132 C CD2 C LEU   A 1 79  ? 1.272   1.024   -3.050  0.16 40.16  ?  88  LEU   A CD2 1 
ATOM   1133 C CD2 D LEU   A 1 79  ? 1.271   1.024   -3.052  0.15 40.10  ?  88  LEU   A CD2 1 
ATOM   1134 N N   . VAL   A 1 80  ? 1.854   5.589   -4.857  1.00 35.31  ?  89  VAL   A N   1 
ATOM   1135 C CA  . VAL   A 1 80  ? 2.492   6.925   -4.988  1.00 35.36  ?  89  VAL   A CA  1 
ATOM   1136 C C   . VAL   A 1 80  ? 2.975   7.308   -3.583  1.00 34.68  ?  89  VAL   A C   1 
ATOM   1137 O O   . VAL   A 1 80  ? 2.155   7.292   -2.625  1.00 36.89  ?  89  VAL   A O   1 
ATOM   1138 C CB  . VAL   A 1 80  ? 1.477   7.963   -5.487  1.00 37.58  ?  89  VAL   A CB  1 
ATOM   1139 C CG1 . VAL   A 1 80  ? 2.033   9.371   -5.374  1.00 39.20  ?  89  VAL   A CG1 1 
ATOM   1140 C CG2 . VAL   A 1 80  ? 1.016   7.632   -6.900  1.00 41.36  ?  89  VAL   A CG2 1 
ATOM   1141 N N   A ALA   A 1 81  ? 4.254   7.651   -3.449  0.35 33.70  ?  90  ALA   A N   1 
ATOM   1142 N N   B ALA   A 1 81  ? 4.254   7.651   -3.449  0.34 33.71  ?  90  ALA   A N   1 
ATOM   1143 N N   C ALA   A 1 81  ? 4.256   7.649   -3.446  0.16 33.99  ?  90  ALA   A N   1 
ATOM   1144 N N   D ALA   A 1 81  ? 4.256   7.649   -3.446  0.15 34.01  ?  90  ALA   A N   1 
ATOM   1145 C CA  A ALA   A 1 81  ? 4.857   8.089   -2.169  0.35 34.47  ?  90  ALA   A CA  1 
ATOM   1146 C CA  B ALA   A 1 81  ? 4.857   8.089   -2.169  0.34 34.47  ?  90  ALA   A CA  1 
ATOM   1147 C CA  C ALA   A 1 81  ? 4.857   8.086   -2.165  0.16 34.40  ?  90  ALA   A CA  1 
ATOM   1148 C CA  D ALA   A 1 81  ? 4.857   8.086   -2.165  0.15 34.40  ?  90  ALA   A CA  1 
ATOM   1149 C C   A ALA   A 1 81  ? 4.831   9.615   -2.081  0.35 35.84  ?  90  ALA   A C   1 
ATOM   1150 C C   B ALA   A 1 81  ? 4.831   9.615   -2.081  0.34 35.81  ?  90  ALA   A C   1 
ATOM   1151 C C   C ALA   A 1 81  ? 4.828   9.613   -2.080  0.16 35.26  ?  90  ALA   A C   1 
ATOM   1152 C C   D ALA   A 1 81  ? 4.828   9.613   -2.080  0.15 35.24  ?  90  ALA   A C   1 
ATOM   1153 O O   A ALA   A 1 81  ? 4.812   10.282  -3.149  0.35 33.88  ?  90  ALA   A O   1 
ATOM   1154 O O   B ALA   A 1 81  ? 4.812   10.282  -3.149  0.34 33.86  ?  90  ALA   A O   1 
ATOM   1155 O O   C ALA   A 1 81  ? 4.793   10.275  -3.146  0.16 33.58  ?  90  ALA   A O   1 
ATOM   1156 O O   D ALA   A 1 81  ? 4.792   10.275  -3.145  0.15 33.58  ?  90  ALA   A O   1 
ATOM   1157 C CB  A ALA   A 1 81  ? 6.256   7.557   -2.018  0.35 33.77  ?  90  ALA   A CB  1 
ATOM   1158 C CB  B ALA   A 1 81  ? 6.256   7.557   -2.018  0.34 33.78  ?  90  ALA   A CB  1 
ATOM   1159 C CB  C ALA   A 1 81  ? 6.258   7.552   -2.019  0.16 33.94  ?  90  ALA   A CB  1 
ATOM   1160 C CB  D ALA   A 1 81  ? 6.258   7.552   -2.019  0.15 33.95  ?  90  ALA   A CB  1 
ATOM   1161 N N   . GLU   A 1 82  ? 4.847   10.144  -0.855  1.00 34.79  ?  91  GLU   A N   1 
ATOM   1162 C CA  . GLU   A 1 82  ? 4.864   11.604  -0.625  1.00 34.16  ?  91  GLU   A CA  1 
ATOM   1163 C C   . GLU   A 1 82  ? 5.804   11.941  0.536   1.00 41.84  ?  91  GLU   A C   1 
ATOM   1164 O O   . GLU   A 1 82  ? 5.766   11.240  1.586   1.00 39.90  ?  91  GLU   A O   1 
ATOM   1165 C CB  . GLU   A 1 82  ? 3.461   12.122  -0.400  1.00 33.71  ?  91  GLU   A CB  1 
ATOM   1166 C CG  . GLU   A 1 82  ? 3.429   13.638  -0.267  1.00 33.22  ?  91  GLU   A CG  1 
ATOM   1167 C CD  . GLU   A 1 82  ? 2.070   14.172  0.142   1.00 34.39  ?  91  GLU   A CD  1 
ATOM   1168 O OE1 . GLU   A 1 82  ? 1.118   13.864  -0.548  1.00 36.59  ?  91  GLU   A OE1 1 
ATOM   1169 O OE2 . GLU   A 1 82  ? 1.967   14.832  1.210   1.00 38.44  ?  91  GLU   A OE2 1 
ATOM   1170 N N   . LEU   A 1 83  ? 6.625   12.974  0.352   1.00 37.09  ?  92  LEU   A N   1 
ATOM   1171 C CA  . LEU   A 1 83  ? 7.551   13.504  1.377   1.00 36.64  ?  92  LEU   A CA  1 
ATOM   1172 C C   . LEU   A 1 83  ? 7.646   15.024  1.197   1.00 42.45  ?  92  LEU   A C   1 
ATOM   1173 O O   . LEU   A 1 83  ? 7.993   15.500  0.048   1.00 39.13  ?  92  LEU   A O   1 
ATOM   1174 C CB  . LEU   A 1 83  ? 8.922   12.842  1.230   1.00 38.39  ?  92  LEU   A CB  1 
ATOM   1175 C CG  . LEU   A 1 83  ? 9.975   13.314  2.241   1.00 42.66  ?  92  LEU   A CG  1 
ATOM   1176 C CD1 . LEU   A 1 83  ? 9.508   13.085  3.672   1.00 37.60  ?  92  LEU   A CD1 1 
ATOM   1177 C CD2 . LEU   A 1 83  ? 11.320  12.669  2.020   1.00 38.92  ?  92  LEU   A CD2 1 
ATOM   1178 N N   . GLU   A 1 84  ? 7.357   15.747  2.279   1.00 38.61  ?  93  GLU   A N   1 
ATOM   1179 C CA  . GLU   A 1 84  ? 7.337   17.235  2.330   1.00 48.87  ?  93  GLU   A CA  1 
ATOM   1180 C C   . GLU   A 1 84  ? 6.655   17.782  1.069   1.00 50.88  ?  93  GLU   A C   1 
ATOM   1181 O O   . GLU   A 1 84  ? 7.227   18.705  0.432   1.00 43.33  ?  93  GLU   A O   1 
ATOM   1182 C CB  . GLU   A 1 84  ? 8.756   17.756  2.528   1.00 51.41  ?  93  GLU   A CB  1 
ATOM   1183 C CG  . GLU   A 1 84  ? 9.341   17.345  3.871   1.00 59.22  ?  93  GLU   A CG  1 
ATOM   1184 C CD  . GLU   A 1 84  ? 10.847  17.449  3.933   1.00 63.22  ?  93  GLU   A CD  1 
ATOM   1185 O OE1 . GLU   A 1 84  ? 11.473  17.540  2.848   1.00 68.91  ?  93  GLU   A OE1 1 
ATOM   1186 O OE2 . GLU   A 1 84  ? 11.388  17.445  5.060   1.00 64.83  ?  93  GLU   A OE2 1 
ATOM   1187 N N   . GLY   A 1 85  ? 5.477   17.239  0.742   1.00 39.43  ?  94  GLY   A N   1 
ATOM   1188 C CA  . GLY   A 1 85  ? 4.582   17.802  -0.281  1.00 45.11  ?  94  GLY   A CA  1 
ATOM   1189 C C   . GLY   A 1 85  ? 4.996   17.468  -1.710  1.00 40.89  ?  94  GLY   A C   1 
ATOM   1190 O O   . GLY   A 1 85  ? 4.269   17.896  -2.650  1.00 43.63  ?  94  GLY   A O   1 
ATOM   1191 N N   . ILE   A 1 86  ? 6.067   16.698  -1.891  1.00 37.67  ?  95  ILE   A N   1 
ATOM   1192 C CA  . ILE   A 1 86  ? 6.445   16.155  -3.230  1.00 36.17  ?  95  ILE   A CA  1 
ATOM   1193 C C   . ILE   A 1 86  ? 6.026   14.682  -3.326  1.00 39.74  ?  95  ILE   A C   1 
ATOM   1194 O O   . ILE   A 1 86  ? 6.377   13.869  -2.428  1.00 39.14  ?  95  ILE   A O   1 
ATOM   1195 C CB  . ILE   A 1 86  ? 7.940   16.353  -3.523  1.00 41.01  ?  95  ILE   A CB  1 
ATOM   1196 C CG1 . ILE   A 1 86  ? 8.332   17.836  -3.453  1.00 39.99  ?  95  ILE   A CG1 1 
ATOM   1197 C CG2 . ILE   A 1 86  ? 8.290   15.728  -4.873  1.00 40.08  ?  95  ILE   A CG2 1 
ATOM   1198 C CD1 . ILE   A 1 86  ? 9.822   18.073  -3.566  1.00 43.22  ?  95  ILE   A CD1 1 
ATOM   1199 N N   . GLN   A 1 87  ? 5.394   14.333  -4.448  1.00 38.44  ?  96  GLN   A N   1 
ATOM   1200 C CA  . GLN   A 1 87  ? 4.888   12.976  -4.738  1.00 36.32  ?  96  GLN   A CA  1 
ATOM   1201 C C   . GLN   A 1 87  ? 5.781   12.336  -5.787  1.00 38.99  ?  96  GLN   A C   1 
ATOM   1202 O O   . GLN   A 1 87  ? 6.364   13.048  -6.638  1.00 42.77  ?  96  GLN   A O   1 
ATOM   1203 C CB  . GLN   A 1 87  ? 3.428   13.006  -5.152  1.00 36.26  ?  96  GLN   A CB  1 
ATOM   1204 C CG  . GLN   A 1 87  ? 2.549   13.479  -4.009  1.00 36.96  ?  96  GLN   A CG  1 
ATOM   1205 C CD  . GLN   A 1 87  ? 1.117   13.090  -4.204  1.00 39.06  ?  96  GLN   A CD  1 
ATOM   1206 O OE1 . GLN   A 1 87  ? 0.659   12.862  -5.323  1.00 40.15  ?  96  GLN   A OE1 1 
ATOM   1207 N NE2 . GLN   A 1 87  ? 0.397   13.010  -3.096  1.00 40.62  ?  96  GLN   A NE2 1 
ATOM   1208 N N   . TYR   A 1 88  ? 5.904   11.035  -5.686  1.00 34.55  ?  97  TYR   A N   1 
ATOM   1209 C CA  . TYR   A 1 88  ? 6.798   10.173  -6.487  1.00 37.29  ?  97  TYR   A CA  1 
ATOM   1210 C C   . TYR   A 1 88  ? 5.853   9.173   -7.118  1.00 42.80  ?  97  TYR   A C   1 
ATOM   1211 O O   . TYR   A 1 88  ? 5.375   8.232   -6.417  1.00 45.34  ?  97  TYR   A O   1 
ATOM   1212 C CB  . TYR   A 1 88  ? 7.900   9.584   -5.605  1.00 38.20  ?  97  TYR   A CB  1 
ATOM   1213 C CG  . TYR   A 1 88  ? 8.755   10.665  -5.007  1.00 41.42  ?  97  TYR   A CG  1 
ATOM   1214 C CD1 . TYR   A 1 88  ? 8.406   11.263  -3.813  1.00 42.15  ?  97  TYR   A CD1 1 
ATOM   1215 C CD2 . TYR   A 1 88  ? 9.843   11.186  -5.703  1.00 46.19  ?  97  TYR   A CD2 1 
ATOM   1216 C CE1 . TYR   A 1 88  ? 9.138   12.320  -3.289  1.00 41.58  ?  97  TYR   A CE1 1 
ATOM   1217 C CE2 . TYR   A 1 88  ? 10.584  12.238  -5.187  1.00 48.28  ?  97  TYR   A CE2 1 
ATOM   1218 C CZ  . TYR   A 1 88  ? 10.247  12.790  -3.961  1.00 45.01  ?  97  TYR   A CZ  1 
ATOM   1219 O OH  . TYR   A 1 88  ? 10.974  13.817  -3.426  1.00 55.71  ?  97  TYR   A OH  1 
ATOM   1220 N N   . GLY   A 1 89  ? 5.475   9.507   -8.344  1.00 38.36  ?  98  GLY   A N   1 
ATOM   1221 C CA  . GLY   A 1 89  ? 4.403   8.867   -9.094  1.00 40.56  ?  98  GLY   A CA  1 
ATOM   1222 C C   . GLY   A 1 89  ? 3.295   9.853   -9.385  1.00 39.59  ?  98  GLY   A C   1 
ATOM   1223 O O   . GLY   A 1 89  ? 3.171   10.905  -8.721  1.00 41.07  ?  98  GLY   A O   1 
ATOM   1224 N N   . ARG   A 1 90  ? 2.451   9.431   -10.300 1.00 43.60  ?  99  ARG   A N   1 
ATOM   1225 C CA  . ARG   A 1 90  ? 1.330   10.209  -10.845 1.00 47.39  ?  99  ARG   A CA  1 
ATOM   1226 C C   . ARG   A 1 90  ? 0.191   9.214   -11.016 1.00 39.49  ?  99  ARG   A C   1 
ATOM   1227 O O   . ARG   A 1 90  ? 0.395   8.219   -11.703 1.00 40.06  ?  99  ARG   A O   1 
ATOM   1228 C CB  . ARG   A 1 90  ? 1.886   10.788  -12.146 1.00 48.65  ?  99  ARG   A CB  1 
ATOM   1229 C CG  . ARG   A 1 90  ? 0.867   11.302  -13.126 1.00 47.87  ?  99  ARG   A CG  1 
ATOM   1230 C CD  . ARG   A 1 90  ? 1.559   12.104  -14.218 1.00 40.29  ?  99  ARG   A CD  1 
ATOM   1231 N NE  . ARG   A 1 90  ? 0.635   13.205  -14.377 1.00 41.68  ?  99  ARG   A NE  1 
ATOM   1232 C CZ  . ARG   A 1 90  ? -0.499  13.178  -15.049 1.00 42.95  ?  99  ARG   A CZ  1 
ATOM   1233 N NH1 . ARG   A 1 90  ? -0.874  12.090  -15.694 1.00 41.21  ?  99  ARG   A NH1 1 
ATOM   1234 N NH2 . ARG   A 1 90  ? -1.245  14.271  -15.094 1.00 44.24  ?  99  ARG   A NH2 1 
ATOM   1235 N N   . SER   A 1 91  ? -0.963  9.451   -10.420 1.00 42.20  ?  100 SER   A N   1 
ATOM   1236 C CA  . SER   A 1 91  ? -2.088  8.488   -10.479 1.00 42.36  ?  100 SER   A CA  1 
ATOM   1237 C C   . SER   A 1 91  ? -3.392  9.205   -10.149 1.00 41.54  ?  100 SER   A C   1 
ATOM   1238 O O   . SER   A 1 91  ? -3.354  10.447  -9.956  1.00 42.19  ?  100 SER   A O   1 
ATOM   1239 C CB  . SER   A 1 91  ? -1.810  7.307   -9.554  1.00 43.85  ?  100 SER   A CB  1 
ATOM   1240 O OG  . SER   A 1 91  ? -2.700  6.227   -9.843  1.00 43.90  ?  100 SER   A OG  1 
ATOM   1241 N N   . GLY   A 1 92  ? -4.487  8.455   -9.991  1.00 45.44  ?  101 GLY   A N   1 
ATOM   1242 C CA  . GLY   A 1 92  ? -5.827  9.043   -9.753  1.00 44.39  ?  101 GLY   A CA  1 
ATOM   1243 C C   . GLY   A 1 92  ? -6.061  9.333   -8.283  1.00 44.94  ?  101 GLY   A C   1 
ATOM   1244 O O   . GLY   A 1 92  ? -5.082  9.529   -7.562  1.00 46.62  ?  101 GLY   A O   1 
ATOM   1245 N N   . GLU   A 1 93  ? -7.323  9.230   -7.864  1.00 40.24  ?  102 GLU   A N   1 
ATOM   1246 C CA  . GLU   A 1 93  ? -7.860  9.597   -6.536  1.00 47.06  ?  102 GLU   A CA  1 
ATOM   1247 C C   . GLU   A 1 93  ? -7.312  8.643   -5.461  1.00 41.47  ?  102 GLU   A C   1 
ATOM   1248 O O   . GLU   A 1 93  ? -7.209  7.412   -5.718  1.00 38.22  ?  102 GLU   A O   1 
ATOM   1249 C CB  . GLU   A 1 93  ? -9.383  9.568   -6.615  1.00 50.28  ?  102 GLU   A CB  1 
ATOM   1250 C CG  . GLU   A 1 93  ? -10.085 10.048  -5.364  1.00 63.08  ?  102 GLU   A CG  1 
ATOM   1251 C CD  . GLU   A 1 93  ? -11.580 9.797   -5.392  1.00 68.11  ?  102 GLU   A CD  1 
ATOM   1252 O OE1 . GLU   A 1 93  ? -12.052 9.120   -6.329  1.00 75.51  ?  102 GLU   A OE1 1 
ATOM   1253 O OE2 . GLU   A 1 93  ? -12.268 10.286  -4.481  1.00 87.58  ?  102 GLU   A OE2 1 
ATOM   1254 N N   . THR   A 1 94  ? -7.019  9.194   -4.289  1.00 43.85  ?  103 THR   A N   1 
ATOM   1255 C CA  . THR   A 1 94  ? -6.502  8.449   -3.116  1.00 42.61  ?  103 THR   A CA  1 
ATOM   1256 C C   . THR   A 1 94  ? -7.603  7.549   -2.559  1.00 38.67  ?  103 THR   A C   1 
ATOM   1257 O O   . THR   A 1 94  ? -8.701  8.050   -2.284  1.00 40.31  ?  103 THR   A O   1 
ATOM   1258 C CB  . THR   A 1 94  ? -5.940  9.408   -2.068  1.00 44.49  ?  103 THR   A CB  1 
ATOM   1259 O OG1 . THR   A 1 94  ? -4.874  10.087  -2.721  1.00 39.12  ?  103 THR   A OG1 1 
ATOM   1260 C CG2 . THR   A 1 94  ? -5.449  8.706   -0.824  1.00 39.63  ?  103 THR   A CG2 1 
ATOM   1261 N N   . LEU   A 1 95  ? -7.335  6.259   -2.437  1.00 38.34  ?  104 LEU   A N   1 
ATOM   1262 C CA  . LEU   A 1 95  ? -8.226  5.313   -1.717  1.00 39.99  ?  104 LEU   A CA  1 
ATOM   1263 C C   . LEU   A 1 95  ? -7.854  5.292   -0.227  1.00 41.01  ?  104 LEU   A C   1 
ATOM   1264 O O   . LEU   A 1 95  ? -8.759  4.999   0.591   1.00 40.62  ?  104 LEU   A O   1 
ATOM   1265 C CB  . LEU   A 1 95  ? -8.125  3.924   -2.342  1.00 46.83  ?  104 LEU   A CB  1 
ATOM   1266 C CG  . LEU   A 1 95  ? -9.088  3.671   -3.504  1.00 47.54  ?  104 LEU   A CG  1 
ATOM   1267 C CD1 . LEU   A 1 95  ? -8.579  4.305   -4.763  1.00 49.89  ?  104 LEU   A CD1 1 
ATOM   1268 C CD2 . LEU   A 1 95  ? -9.308  2.186   -3.716  1.00 57.91  ?  104 LEU   A CD2 1 
ATOM   1269 N N   . GLY   A 1 96  ? -6.608  5.651   0.096   1.00 36.61  ?  105 GLY   A N   1 
ATOM   1270 C CA  . GLY   A 1 96  ? -6.084  5.774   1.474   1.00 36.24  ?  105 GLY   A CA  1 
ATOM   1271 C C   . GLY   A 1 96  ? -4.566  5.708   1.526   1.00 36.49  ?  105 GLY   A C   1 
ATOM   1272 O O   . GLY   A 1 96  ? -3.859  5.689   0.467   1.00 35.13  ?  105 GLY   A O   1 
ATOM   1273 N N   . VAL   A 1 97  ? -4.042  5.625   2.735   1.00 30.97  ?  106 VAL   A N   1 
ATOM   1274 C CA  . VAL   A 1 97  ? -2.593  5.570   3.025   1.00 28.51  ?  106 VAL   A CA  1 
ATOM   1275 C C   . VAL   A 1 97  ? -2.318  4.181   3.584   1.00 31.29  ?  106 VAL   A C   1 
ATOM   1276 O O   . VAL   A 1 97  ? -3.090  3.721   4.451   1.00 31.52  ?  106 VAL   A O   1 
ATOM   1277 C CB  . VAL   A 1 97  ? -2.135  6.713   3.959   1.00 35.38  ?  106 VAL   A CB  1 
ATOM   1278 C CG1 . VAL   A 1 97  ? -2.995  6.856   5.186   1.00 42.13  ?  106 VAL   A CG1 1 
ATOM   1279 C CG2 . VAL   A 1 97  ? -0.664  6.618   4.359   1.00 34.77  ?  106 VAL   A CG2 1 
ATOM   1280 N N   . LEU   A 1 98  ? -1.245  3.565   3.121   1.00 25.41  ?  107 LEU   A N   1 
ATOM   1281 C CA  . LEU   A 1 98  ? -0.842  2.222   3.555   1.00 28.88  ?  107 LEU   A CA  1 
ATOM   1282 C C   . LEU   A 1 98  ? -0.006  2.328   4.829   1.00 31.09  ?  107 LEU   A C   1 
ATOM   1283 O O   . LEU   A 1 98  ? 0.825   3.223   4.948   1.00 30.15  ?  107 LEU   A O   1 
ATOM   1284 C CB  . LEU   A 1 98  ? -0.054  1.529   2.447   1.00 30.43  ?  107 LEU   A CB  1 
ATOM   1285 C CG  . LEU   A 1 98  ? -0.817  1.315   1.141   1.00 32.76  ?  107 LEU   A CG  1 
ATOM   1286 C CD1 . LEU   A 1 98  ? 0.039   0.507   0.194   1.00 34.46  ?  107 LEU   A CD1 1 
ATOM   1287 C CD2 . LEU   A 1 98  ? -2.151  0.632   1.382   1.00 35.03  ?  107 LEU   A CD2 1 
ATOM   1288 N N   . VAL   A 1 99  ? -0.171  1.339   5.707   1.00 27.79  ?  108 VAL   A N   1 
ATOM   1289 C CA  . VAL   A 1 99  ? 0.662   1.165   6.919   1.00 27.05  ?  108 VAL   A CA  1 
ATOM   1290 C C   . VAL   A 1 99  ? 0.881   -0.322  7.150   1.00 25.20  ?  108 VAL   A C   1 
ATOM   1291 O O   . VAL   A 1 99  ? 0.119   -1.152  6.696   1.00 27.00  ?  108 VAL   A O   1 
ATOM   1292 C CB  . VAL   A 1 99  ? -0.044  1.831   8.119   1.00 27.27  ?  108 VAL   A CB  1 
ATOM   1293 C CG1 . VAL   A 1 99  ? -0.184  3.337   7.965   1.00 27.35  ?  108 VAL   A CG1 1 
ATOM   1294 C CG2 . VAL   A 1 99  ? -1.403  1.216   8.367   1.00 26.10  ?  108 VAL   A CG2 1 
ATOM   1295 N N   . PRO   A 1 100 ? 1.907   -0.692  7.907   1.00 26.31  ?  109 PRO   A N   1 
ATOM   1296 C CA  . PRO   A 1 100 ? 2.082   -2.052  8.393   1.00 27.61  ?  109 PRO   A CA  1 
ATOM   1297 C C   . PRO   A 1 100 ? 0.809   -2.444  9.143   1.00 32.77  ?  109 PRO   A C   1 
ATOM   1298 O O   . PRO   A 1 100 ? 0.206   -1.567  9.781   1.00 27.79  ?  109 PRO   A O   1 
ATOM   1299 C CB  . PRO   A 1 100 ? 3.270   -1.960  9.340   1.00 28.49  ?  109 PRO   A CB  1 
ATOM   1300 C CG  . PRO   A 1 100 ? 4.042   -0.764  8.835   1.00 27.22  ?  109 PRO   A CG  1 
ATOM   1301 C CD  . PRO   A 1 100 ? 2.986   0.195   8.341   1.00 30.45  ?  109 PRO   A CD  1 
ATOM   1302 N N   . HIS   A 1 101 ? 0.432   -3.715  8.991   1.00 28.91  ?  110 HIS   A N   1 
ATOM   1303 C CA  . HIS   A 1 101 ? -0.660  -4.336  9.779   1.00 30.49  ?  110 HIS   A CA  1 
ATOM   1304 C C   . HIS   A 1 101 ? 0.014   -5.326  10.722  1.00 30.99  ?  110 HIS   A C   1 
ATOM   1305 O O   . HIS   A 1 101 ? 0.637   -6.291  10.229  1.00 27.84  ?  110 HIS   A O   1 
ATOM   1306 C CB  . HIS   A 1 101 ? -1.714  -4.938  8.838   1.00 31.67  ?  110 HIS   A CB  1 
ATOM   1307 C CG  . HIS   A 1 101 ? -2.880  -5.492  9.580   1.00 35.19  ?  110 HIS   A CG  1 
ATOM   1308 N ND1 . HIS   A 1 101 ? -3.457  -6.698  9.253   1.00 36.85  ?  110 HIS   A ND1 1 
ATOM   1309 C CD2 . HIS   A 1 101 ? -3.575  -5.013  10.622  1.00 31.63  ?  110 HIS   A CD2 1 
ATOM   1310 C CE1 . HIS   A 1 101 ? -4.494  -6.908  10.060  1.00 35.73  ?  110 HIS   A CE1 1 
ATOM   1311 N NE2 . HIS   A 1 101 ? -4.566  -5.900  10.922  1.00 27.89  ?  110 HIS   A NE2 1 
ATOM   1312 N N   . VAL   A 1 102 ? -0.123  -5.101  12.020  1.00 31.52  ?  111 VAL   A N   1 
ATOM   1313 C CA  . VAL   A 1 102 ? 0.508   -5.974  13.038  1.00 32.08  ?  111 VAL   A CA  1 
ATOM   1314 C C   . VAL   A 1 102 ? -0.572  -6.579  13.947  1.00 35.17  ?  111 VAL   A C   1 
ATOM   1315 O O   . VAL   A 1 102 ? -0.235  -6.901  15.072  1.00 35.85  ?  111 VAL   A O   1 
ATOM   1316 C CB  . VAL   A 1 102 ? 1.590   -5.199  13.811  1.00 31.57  ?  111 VAL   A CB  1 
ATOM   1317 C CG1 . VAL   A 1 102 ? 2.702   -4.740  12.902  1.00 34.39  ?  111 VAL   A CG1 1 
ATOM   1318 C CG2 . VAL   A 1 102 ? 1.061   -4.034  14.607  1.00 36.33  ?  111 VAL   A CG2 1 
ATOM   1319 N N   . GLY   A 1 103 ? -1.804  -6.777  13.462  1.00 35.74  ?  112 GLY   A N   1 
ATOM   1320 C CA  . GLY   A 1 103 ? -2.880  -7.421  14.256  1.00 35.42  ?  112 GLY   A CA  1 
ATOM   1321 C C   . GLY   A 1 103 ? -3.966  -6.478  14.717  1.00 32.18  ?  112 GLY   A C   1 
ATOM   1322 O O   . GLY   A 1 103 ? -4.911  -6.953  15.355  1.00 35.28  ?  112 GLY   A O   1 
ATOM   1323 N N   . GLU   A 1 104 ? -3.935  -5.208  14.340  1.00 29.60  ?  113 GLU   A N   1 
ATOM   1324 C CA  . GLU   A 1 104 ? -5.065  -4.295  14.620  1.00 31.35  ?  113 GLU   A CA  1 
ATOM   1325 C C   . GLU   A 1 104 ? -6.364  -4.880  14.047  1.00 35.69  ?  113 GLU   A C   1 
ATOM   1326 O O   . GLU   A 1 104 ? -6.345  -5.486  12.967  1.00 30.57  ?  113 GLU   A O   1 
ATOM   1327 C CB  . GLU   A 1 104 ? -4.806  -2.885  14.086  1.00 31.08  ?  113 GLU   A CB  1 
ATOM   1328 C CG  . GLU   A 1 104 ? -3.571  -2.281  14.707  1.00 29.08  ?  113 GLU   A CG  1 
ATOM   1329 C CD  . GLU   A 1 104 ? -2.305  -2.489  13.902  1.00 30.56  ?  113 GLU   A CD  1 
ATOM   1330 O OE1 . GLU   A 1 104 ? -2.234  -3.511  13.158  1.00 31.49  ?  113 GLU   A OE1 1 
ATOM   1331 O OE2 . GLU   A 1 104 ? -1.463  -1.579  13.962  1.00 29.89  ?  113 GLU   A OE2 1 
ATOM   1332 N N   . ILE   A 1 105 ? -7.498  -4.681  14.733  1.00 29.32  ?  114 ILE   A N   1 
ATOM   1333 C CA  . ILE   A 1 105 ? -8.814  -5.147  14.239  1.00 29.72  ?  114 ILE   A CA  1 
ATOM   1334 C C   . ILE   A 1 105 ? -9.314  -4.149  13.212  1.00 29.58  ?  114 ILE   A C   1 
ATOM   1335 O O   . ILE   A 1 105 ? -9.480  -2.946  13.499  1.00 31.42  ?  114 ILE   A O   1 
ATOM   1336 C CB  . ILE   A 1 105 ? -9.803  -5.386  15.418  1.00 34.94  ?  114 ILE   A CB  1 
ATOM   1337 C CG1 . ILE   A 1 105 ? -9.245  -6.369  16.455  1.00 36.24  ?  114 ILE   A CG1 1 
ATOM   1338 C CG2 . ILE   A 1 105 ? -11.143 -5.876  14.898  1.00 35.08  ?  114 ILE   A CG2 1 
ATOM   1339 C CD1 . ILE   A 1 105 ? -8.946  -7.756  15.919  1.00 36.09  ?  114 ILE   A CD1 1 
ATOM   1340 N N   . PRO   A 1 106 ? -9.606  -4.594  11.955  1.00 29.19  ?  115 PRO   A N   1 
ATOM   1341 C CA  . PRO   A 1 106 ? -10.115 -3.689  10.961  1.00 27.92  ?  115 PRO   A CA  1 
ATOM   1342 C C   . PRO   A 1 106 ? -11.591 -3.317  11.156  1.00 30.04  ?  115 PRO   A C   1 
ATOM   1343 O O   . PRO   A 1 106 ? -12.307 -3.978  11.908  1.00 31.32  ?  115 PRO   A O   1 
ATOM   1344 C CB  . PRO   A 1 106 ? -9.912  -4.421  9.620   1.00 31.99  ?  115 PRO   A CB  1 
ATOM   1345 C CG  . PRO   A 1 106 ? -9.825  -5.866  9.964   1.00 29.12  ?  115 PRO   A CG  1 
ATOM   1346 C CD  . PRO   A 1 106 ? -9.381  -5.943  11.406  1.00 27.34  ?  115 PRO   A CD  1 
ATOM   1347 N N   . VAL   A 1 107 ? -12.004 -2.254  10.493  1.00 28.90  ?  116 VAL   A N   1 
ATOM   1348 C CA  . VAL   A 1 107 ? -13.431 -1.810  10.431  1.00 31.36  ?  116 VAL   A CA  1 
ATOM   1349 C C   . VAL   A 1 107 ? -14.067 -2.291  9.133   1.00 30.03  ?  116 VAL   A C   1 
ATOM   1350 O O   . VAL   A 1 107 ? -15.306 -2.304  9.041   1.00 33.40  ?  116 VAL   A O   1 
ATOM   1351 C CB  . VAL   A 1 107 ? -13.531 -0.295  10.659  1.00 33.03  ?  116 VAL   A CB  1 
ATOM   1352 C CG1 . VAL   A 1 107 ? -13.052 0.055   12.052  1.00 35.47  ?  116 VAL   A CG1 1 
ATOM   1353 C CG2 . VAL   A 1 107 ? -12.748 0.497   9.651   1.00 33.00  ?  116 VAL   A CG2 1 
ATOM   1354 N N   . ALA   A 1 108 ? -13.256 -2.667  8.149   1.00 32.09  ?  117 ALA   A N   1 
ATOM   1355 C CA  . ALA   A 1 108 ? -13.744 -3.054  6.810   1.00 31.83  ?  117 ALA   A CA  1 
ATOM   1356 C C   . ALA   A 1 108 ? -12.595 -3.573  5.964   1.00 35.21  ?  117 ALA   A C   1 
ATOM   1357 O O   . ALA   A 1 108 ? -11.450 -3.547  6.458   1.00 31.44  ?  117 ALA   A O   1 
ATOM   1358 C CB  . ALA   A 1 108 ? -14.383 -1.884  6.147   1.00 33.35  ?  117 ALA   A CB  1 
ATOM   1359 N N   . TYR   A 1 109 ? -12.907 -3.976  4.721   1.00 34.93  ?  118 TYR   A N   1 
ATOM   1360 C CA  . TYR   A 1 109 ? -11.908 -4.498  3.752   1.00 36.36  ?  118 TYR   A CA  1 
ATOM   1361 C C   . TYR   A 1 109 ? -12.066 -3.741  2.447   1.00 39.37  ?  118 TYR   A C   1 
ATOM   1362 O O   . TYR   A 1 109 ? -13.203 -3.466  2.111   1.00 40.72  ?  118 TYR   A O   1 
ATOM   1363 C CB  . TYR   A 1 109 ? -12.085 -6.002  3.592   1.00 34.14  ?  118 TYR   A CB  1 
ATOM   1364 C CG  . TYR   A 1 109 ? -11.574 -6.784  4.761   1.00 30.08  ?  118 TYR   A CG  1 
ATOM   1365 C CD1 . TYR   A 1 109 ? -10.241 -7.137  4.860   1.00 30.22  ?  118 TYR   A CD1 1 
ATOM   1366 C CD2 . TYR   A 1 109 ? -12.430 -7.191  5.775   1.00 33.42  ?  118 TYR   A CD2 1 
ATOM   1367 C CE1 . TYR   A 1 109 ? -9.740  -7.835  5.946   1.00 33.21  ?  118 TYR   A CE1 1 
ATOM   1368 C CE2 . TYR   A 1 109 ? -11.940 -7.886  6.862   1.00 31.29  ?  118 TYR   A CE2 1 
ATOM   1369 C CZ  . TYR   A 1 109 ? -10.609 -8.207  6.952   1.00 30.90  ?  118 TYR   A CZ  1 
ATOM   1370 O OH  . TYR   A 1 109 ? -10.149 -8.876  8.036   1.00 35.19  ?  118 TYR   A OH  1 
ATOM   1371 N N   . ARG   A 1 110 ? -10.954 -3.343  1.820   1.00 37.46  ?  119 ARG   A N   1 
ATOM   1372 C CA  . ARG   A 1 110 ? -10.935 -2.655  0.512   1.00 39.34  ?  119 ARG   A CA  1 
ATOM   1373 C C   . ARG   A 1 110 ? -10.291 -3.607  -0.481  1.00 39.78  ?  119 ARG   A C   1 
ATOM   1374 O O   . ARG   A 1 110 ? -9.090  -3.905  -0.326  1.00 34.82  ?  119 ARG   A O   1 
ATOM   1375 C CB  . ARG   A 1 110 ? -10.190 -1.319  0.583   1.00 44.39  ?  119 ARG   A CB  1 
ATOM   1376 C CG  . ARG   A 1 110 ? -10.494 -0.361  -0.562  1.00 50.90  ?  119 ARG   A CG  1 
ATOM   1377 C CD  . ARG   A 1 110 ? -11.889 0.207   -0.399  1.00 56.28  ?  119 ARG   A CD  1 
ATOM   1378 N NE  . ARG   A 1 110 ? -12.448 0.563   -1.677  1.00 60.68  ?  119 ARG   A NE  1 
ATOM   1379 C CZ  . ARG   A 1 110 ? -12.531 1.793   -2.161  1.00 62.57  ?  119 ARG   A CZ  1 
ATOM   1380 N NH1 . ARG   A 1 110 ? -12.118 2.831   -1.460  1.00 54.11  ?  119 ARG   A NH1 1 
ATOM   1381 N NH2 . ARG   A 1 110 ? -13.031 1.976   -3.368  1.00 72.21  ?  119 ARG   A NH2 1 
ATOM   1382 N N   . LYS   A 1 111 ? -11.101 -4.104  -1.416  1.00 42.27  ?  120 LYS   A N   1 
ATOM   1383 C CA  . LYS   A 1 111 ? -10.661 -4.966  -2.543  1.00 44.79  ?  120 LYS   A CA  1 
ATOM   1384 C C   . LYS   A 1 111 ? -10.000 -4.045  -3.563  1.00 37.68  ?  120 LYS   A C   1 
ATOM   1385 O O   . LYS   A 1 111 ? -10.632 -3.063  -4.017  1.00 41.76  ?  120 LYS   A O   1 
ATOM   1386 C CB  . LYS   A 1 111 ? -11.859 -5.739  -3.104  1.00 46.20  ?  120 LYS   A CB  1 
ATOM   1387 C CG  . LYS   A 1 111 ? -12.504 -6.707  -2.124  1.00 52.78  ?  120 LYS   A CG  1 
ATOM   1388 C CD  . LYS   A 1 111 ? -13.587 -7.590  -2.732  1.00 59.22  ?  120 LYS   A CD  1 
ATOM   1389 C CE  . LYS   A 1 111 ? -14.817 -6.812  -3.152  1.00 65.06  ?  120 LYS   A CE  1 
ATOM   1390 N NZ  . LYS   A 1 111 ? -15.809 -7.662  -3.860  1.00 63.54  ?  120 LYS   A NZ  1 
ATOM   1391 N N   A VAL   A 1 112 ? -8.744  -4.354  -3.893  0.35 36.87  ?  121 VAL   A N   1 
ATOM   1392 N N   B VAL   A 1 112 ? -8.744  -4.354  -3.893  0.34 36.89  ?  121 VAL   A N   1 
ATOM   1393 N N   C VAL   A 1 112 ? -8.735  -4.314  -3.891  0.16 38.70  ?  121 VAL   A N   1 
ATOM   1394 N N   D VAL   A 1 112 ? -8.735  -4.314  -3.891  0.15 38.73  ?  121 VAL   A N   1 
ATOM   1395 C CA  A VAL   A 1 112 ? -7.912  -3.602  -4.870  0.35 38.14  ?  121 VAL   A CA  1 
ATOM   1396 C CA  B VAL   A 1 112 ? -7.912  -3.601  -4.870  0.34 38.12  ?  121 VAL   A CA  1 
ATOM   1397 C CA  C VAL   A 1 112 ? -7.950  -3.520  -4.880  0.16 39.64  ?  121 VAL   A CA  1 
ATOM   1398 C CA  D VAL   A 1 112 ? -7.950  -3.520  -4.880  0.15 39.64  ?  121 VAL   A CA  1 
ATOM   1399 C C   A VAL   A 1 112 ? -7.224  -4.617  -5.788  0.35 38.31  ?  121 VAL   A C   1 
ATOM   1400 C C   B VAL   A 1 112 ? -7.224  -4.617  -5.788  0.34 38.30  ?  121 VAL   A C   1 
ATOM   1401 C C   C VAL   A 1 112 ? -7.280  -4.492  -5.855  0.16 40.43  ?  121 VAL   A C   1 
ATOM   1402 C C   D VAL   A 1 112 ? -7.281  -4.493  -5.854  0.15 40.44  ?  121 VAL   A C   1 
ATOM   1403 O O   A VAL   A 1 112 ? -6.983  -5.767  -5.348  0.35 37.14  ?  121 VAL   A O   1 
ATOM   1404 O O   B VAL   A 1 112 ? -6.982  -5.766  -5.349  0.34 37.15  ?  121 VAL   A O   1 
ATOM   1405 O O   C VAL   A 1 112 ? -6.994  -5.639  -5.448  0.16 39.61  ?  121 VAL   A O   1 
ATOM   1406 O O   D VAL   A 1 112 ? -6.994  -5.639  -5.448  0.15 39.64  ?  121 VAL   A O   1 
ATOM   1407 C CB  A VAL   A 1 112 ? -6.892  -2.684  -4.165  0.35 35.20  ?  121 VAL   A CB  1 
ATOM   1408 C CB  B VAL   A 1 112 ? -6.892  -2.684  -4.165  0.34 35.23  ?  121 VAL   A CB  1 
ATOM   1409 C CB  C VAL   A 1 112 ? -6.912  -2.606  -4.195  0.16 38.06  ?  121 VAL   A CB  1 
ATOM   1410 C CB  D VAL   A 1 112 ? -6.912  -2.606  -4.196  0.15 38.10  ?  121 VAL   A CB  1 
ATOM   1411 C CG1 A VAL   A 1 112 ? -7.565  -1.732  -3.191  0.35 35.97  ?  121 VAL   A CG1 1 
ATOM   1412 C CG1 B VAL   A 1 112 ? -7.564  -1.731  -3.192  0.34 35.97  ?  121 VAL   A CG1 1 
ATOM   1413 C CG1 C VAL   A 1 112 ? -7.559  -1.654  -3.201  0.16 38.37  ?  121 VAL   A CG1 1 
ATOM   1414 C CG1 D VAL   A 1 112 ? -7.559  -1.654  -3.202  0.15 38.38  ?  121 VAL   A CG1 1 
ATOM   1415 C CG2 A VAL   A 1 112 ? -5.802  -3.469  -3.453  0.35 35.53  ?  121 VAL   A CG2 1 
ATOM   1416 C CG2 B VAL   A 1 112 ? -5.803  -3.470  -3.452  0.34 35.54  ?  121 VAL   A CG2 1 
ATOM   1417 C CG2 C VAL   A 1 112 ? -5.803  -3.398  -3.522  0.16 38.14  ?  121 VAL   A CG2 1 
ATOM   1418 C CG2 D VAL   A 1 112 ? -5.803  -3.398  -3.522  0.15 38.16  ?  121 VAL   A CG2 1 
ATOM   1419 N N   A LEU   A 1 113 ? -6.940  -4.199  -7.017  0.35 40.19  ?  122 LEU   A N   1 
ATOM   1420 N N   B LEU   A 1 113 ? -6.940  -4.199  -7.017  0.34 40.17  ?  122 LEU   A N   1 
ATOM   1421 N N   C LEU   A 1 113 ? -7.059  -4.047  -7.092  0.16 42.32  ?  122 LEU   A N   1 
ATOM   1422 N N   D LEU   A 1 113 ? -7.060  -4.048  -7.091  0.15 42.33  ?  122 LEU   A N   1 
ATOM   1423 C CA  A LEU   A 1 113 ? -6.078  -4.933  -7.980  0.35 39.13  ?  122 LEU   A CA  1 
ATOM   1424 C CA  B LEU   A 1 113 ? -6.078  -4.933  -7.981  0.34 39.15  ?  122 LEU   A CA  1 
ATOM   1425 C CA  C LEU   A 1 113 ? -6.214  -4.751  -8.091  0.16 43.75  ?  122 LEU   A CA  1 
ATOM   1426 C CA  D LEU   A 1 113 ? -6.215  -4.752  -8.091  0.15 43.75  ?  122 LEU   A CA  1 
ATOM   1427 C C   A LEU   A 1 113 ? -4.801  -4.103  -8.144  0.35 38.20  ?  122 LEU   A C   1 
ATOM   1428 C C   B LEU   A 1 113 ? -4.802  -4.103  -8.145  0.34 38.22  ?  122 LEU   A C   1 
ATOM   1429 C C   C LEU   A 1 113 ? -4.912  -3.959  -8.241  0.16 43.00  ?  122 LEU   A C   1 
ATOM   1430 C C   D LEU   A 1 113 ? -4.912  -3.958  -8.239  0.15 43.03  ?  122 LEU   A C   1 
ATOM   1431 O O   A LEU   A 1 113 ? -4.882  -3.005  -8.707  0.35 31.66  ?  122 LEU   A O   1 
ATOM   1432 O O   B LEU   A 1 113 ? -4.882  -3.006  -8.710  0.34 31.72  ?  122 LEU   A O   1 
ATOM   1433 O O   C LEU   A 1 113 ? -4.934  -2.908  -8.906  0.16 40.60  ?  122 LEU   A O   1 
ATOM   1434 O O   D LEU   A 1 113 ? -4.936  -2.906  -8.903  0.15 40.68  ?  122 LEU   A O   1 
ATOM   1435 C CB  A LEU   A 1 113 ? -6.869  -5.106  -9.286  0.35 42.22  ?  122 LEU   A CB  1 
ATOM   1436 C CB  B LEU   A 1 113 ? -6.869  -5.105  -9.286  0.34 42.22  ?  122 LEU   A CB  1 
ATOM   1437 C CB  C LEU   A 1 113 ? -6.984  -4.864  -9.413  0.16 45.73  ?  122 LEU   A CB  1 
ATOM   1438 C CB  D LEU   A 1 113 ? -6.984  -4.864  -9.413  0.15 45.71  ?  122 LEU   A CB  1 
ATOM   1439 C CG  A LEU   A 1 113 ? -6.269  -6.026  -10.352 0.35 44.97  ?  122 LEU   A CG  1 
ATOM   1440 C CG  B LEU   A 1 113 ? -6.269  -6.026  -10.352 0.34 44.94  ?  122 LEU   A CG  1 
ATOM   1441 C CG  C LEU   A 1 113 ? -6.226  -5.519  -10.568 0.16 47.79  ?  122 LEU   A CG  1 
ATOM   1442 C CG  D LEU   A 1 113 ? -6.226  -5.519  -10.568 0.15 47.73  ?  122 LEU   A CG  1 
ATOM   1443 C CD1 A LEU   A 1 113 ? -5.911  -7.393  -9.788  0.35 44.98  ?  122 LEU   A CD1 1 
ATOM   1444 C CD1 B LEU   A 1 113 ? -5.912  -7.392  -9.788  0.34 44.96  ?  122 LEU   A CD1 1 
ATOM   1445 C CD1 C LEU   A 1 113 ? -5.509  -6.777  -10.104 0.16 47.92  ?  122 LEU   A CD1 1 
ATOM   1446 C CD1 D LEU   A 1 113 ? -5.509  -6.777  -10.103 0.15 47.88  ?  122 LEU   A CD1 1 
ATOM   1447 C CD2 A LEU   A 1 113 ? -7.238  -6.182  -11.518 0.35 47.48  ?  122 LEU   A CD2 1 
ATOM   1448 C CD2 B LEU   A 1 113 ? -7.238  -6.182  -11.519 0.34 47.42  ?  122 LEU   A CD2 1 
ATOM   1449 C CD2 C LEU   A 1 113 ? -7.167  -5.841  -11.721 0.16 49.10  ?  122 LEU   A CD2 1 
ATOM   1450 C CD2 D LEU   A 1 113 ? -7.166  -5.842  -11.721 0.15 49.01  ?  122 LEU   A CD2 1 
ATOM   1451 N N   A LEU   A 1 114 ? -3.689  -4.561  -7.565  0.35 39.74  ?  123 LEU   A N   1 
ATOM   1452 N N   B LEU   A 1 114 ? -3.689  -4.561  -7.566  0.34 39.76  ?  123 LEU   A N   1 
ATOM   1453 N N   C LEU   A 1 114 ? -3.831  -4.415  -7.598  0.16 44.36  ?  123 LEU   A N   1 
ATOM   1454 N N   D LEU   A 1 114 ? -3.831  -4.415  -7.598  0.15 44.37  ?  123 LEU   A N   1 
ATOM   1455 C CA  A LEU   A 1 114 ? -2.432  -3.772  -7.457  0.35 41.97  ?  123 LEU   A CA  1 
ATOM   1456 C CA  B LEU   A 1 114 ? -2.432  -3.772  -7.457  0.34 41.98  ?  123 LEU   A CA  1 
ATOM   1457 C CA  C LEU   A 1 114 ? -2.552  -3.661  -7.535  0.16 45.28  ?  123 LEU   A CA  1 
ATOM   1458 C CA  D LEU   A 1 114 ? -2.551  -3.660  -7.536  0.15 45.30  ?  123 LEU   A CA  1 
ATOM   1459 C C   A LEU   A 1 114 ? -1.549  -4.007  -8.687  0.35 43.14  ?  123 LEU   A C   1 
ATOM   1460 C C   B LEU   A 1 114 ? -1.550  -4.007  -8.687  0.34 43.15  ?  123 LEU   A C   1 
ATOM   1461 C C   C LEU   A 1 114 ? -1.675  -3.994  -8.744  0.16 45.68  ?  123 LEU   A C   1 
ATOM   1462 C C   D LEU   A 1 114 ? -1.675  -3.994  -8.744  0.15 45.71  ?  123 LEU   A C   1 
ATOM   1463 O O   A LEU   A 1 114 ? -1.112  -5.167  -8.874  0.35 43.52  ?  123 LEU   A O   1 
ATOM   1464 O O   B LEU   A 1 114 ? -1.113  -5.166  -8.874  0.34 43.53  ?  123 LEU   A O   1 
ATOM   1465 O O   C LEU   A 1 114 ? -1.387  -5.184  -8.965  0.16 46.56  ?  123 LEU   A O   1 
ATOM   1466 O O   D LEU   A 1 114 ? -1.386  -5.185  -8.964  0.15 46.54  ?  123 LEU   A O   1 
ATOM   1467 C CB  A LEU   A 1 114 ? -1.693  -4.193  -6.177  0.35 42.07  ?  123 LEU   A CB  1 
ATOM   1468 C CB  B LEU   A 1 114 ? -1.693  -4.192  -6.178  0.34 42.09  ?  123 LEU   A CB  1 
ATOM   1469 C CB  C LEU   A 1 114 ? -1.790  -3.982  -6.246  0.16 46.07  ?  123 LEU   A CB  1 
ATOM   1470 C CB  D LEU   A 1 114 ? -1.790  -3.982  -6.246  0.15 46.08  ?  123 LEU   A CB  1 
ATOM   1471 C CG  A LEU   A 1 114 ? -0.267  -3.660  -6.036  0.35 44.22  ?  123 LEU   A CG  1 
ATOM   1472 C CG  B LEU   A 1 114 ? -0.267  -3.660  -6.036  0.34 44.22  ?  123 LEU   A CG  1 
ATOM   1473 C CG  C LEU   A 1 114 ? -0.337  -3.503  -6.255  0.16 47.09  ?  123 LEU   A CG  1 
ATOM   1474 C CG  D LEU   A 1 114 ? -0.338  -3.503  -6.254  0.15 47.07  ?  123 LEU   A CG  1 
ATOM   1475 C CD1 A LEU   A 1 114 ? -0.270  -2.156  -5.804  0.35 44.64  ?  123 LEU   A CD1 1 
ATOM   1476 C CD1 B LEU   A 1 114 ? -0.270  -2.156  -5.804  0.34 44.63  ?  123 LEU   A CD1 1 
ATOM   1477 C CD1 C LEU   A 1 114 ? -0.263  -1.992  -6.088  0.16 46.92  ?  123 LEU   A CD1 1 
ATOM   1478 C CD1 D LEU   A 1 114 ? -0.263  -1.992  -6.088  0.15 46.91  ?  123 LEU   A CD1 1 
ATOM   1479 C CD2 A LEU   A 1 114 ? 0.475   -4.381  -4.921  0.35 46.64  ?  123 LEU   A CD2 1 
ATOM   1480 C CD2 B LEU   A 1 114 ? 0.475   -4.381  -4.922  0.34 46.60  ?  123 LEU   A CD2 1 
ATOM   1481 C CD2 C LEU   A 1 114 ? 0.486   -4.211  -5.195  0.16 47.89  ?  123 LEU   A CD2 1 
ATOM   1482 C CD2 D LEU   A 1 114 ? 0.485   -4.212  -5.195  0.15 47.85  ?  123 LEU   A CD2 1 
ATOM   1483 N N   . ARG   A 1 115 ? -1.235  -2.951  -9.449  1.00 45.38  ?  124 ARG   A N   1 
ATOM   1484 C CA  . ARG   A 1 115 ? -0.152  -3.020  -10.475 1.00 53.57  ?  124 ARG   A CA  1 
ATOM   1485 C C   . ARG   A 1 115 ? 1.151   -3.191  -9.682  1.00 60.67  ?  124 ARG   A C   1 
ATOM   1486 O O   . ARG   A 1 115 ? 1.487   -2.286  -8.880  1.00 60.32  ?  124 ARG   A O   1 
ATOM   1487 C CB  . ARG   A 1 115 ? -0.102  -1.745  -11.313 1.00 61.75  ?  124 ARG   A CB  1 
ATOM   1488 C CG  . ARG   A 1 115 ? 0.814   -1.807  -12.528 1.00 66.91  ?  124 ARG   A CG  1 
ATOM   1489 C CD  . ARG   A 1 115 ? 0.690   -0.538  -13.371 1.00 82.63  ?  124 ARG   A CD  1 
ATOM   1490 N NE  . ARG   A 1 115 ? -0.659  -0.351  -13.917 1.00 93.71  ?  124 ARG   A NE  1 
ATOM   1491 C CZ  . ARG   A 1 115 ? -1.151  0.777   -14.440 1.00 95.71  ?  124 ARG   A CZ  1 
ATOM   1492 N NH1 . ARG   A 1 115 ? -0.412  1.876   -14.492 1.00 96.69  ?  124 ARG   A NH1 1 
ATOM   1493 N NH2 . ARG   A 1 115 ? -2.390  0.793   -14.914 1.00 81.68  ?  124 ARG   A NH2 1 
ATOM   1494 N N   A LYS   A 1 116 ? 1.816   -4.342  -9.832  0.35 60.50  ?  125 LYS   A N   1 
ATOM   1495 N N   B LYS   A 1 116 ? 1.816   -4.342  -9.833  0.34 60.53  ?  125 LYS   A N   1 
ATOM   1496 N N   C LYS   A 1 116 ? 1.865   -4.293  -9.940  0.16 59.84  ?  125 LYS   A N   1 
ATOM   1497 N N   D LYS   A 1 116 ? 1.865   -4.293  -9.940  0.15 59.87  ?  125 LYS   A N   1 
ATOM   1498 C CA  A LYS   A 1 116 ? 2.990   -4.761  -9.029  0.35 64.56  ?  125 LYS   A CA  1 
ATOM   1499 C CA  B LYS   A 1 116 ? 2.990   -4.761  -9.029  0.34 64.55  ?  125 LYS   A CA  1 
ATOM   1500 C CA  C LYS   A 1 116 ? 3.097   -4.724  -9.235  0.16 62.24  ?  125 LYS   A CA  1 
ATOM   1501 C CA  D LYS   A 1 116 ? 3.098   -4.724  -9.236  0.15 62.21  ?  125 LYS   A CA  1 
ATOM   1502 C C   A LYS   A 1 116 ? 4.273   -4.465  -9.815  0.35 68.70  ?  125 LYS   A C   1 
ATOM   1503 C C   B LYS   A 1 116 ? 4.274   -4.466  -9.815  0.34 68.66  ?  125 LYS   A C   1 
ATOM   1504 C C   C LYS   A 1 116 ? 4.329   -4.261  -10.024 0.16 63.64  ?  125 LYS   A C   1 
ATOM   1505 C C   D LYS   A 1 116 ? 4.329   -4.261  -10.024 0.15 63.61  ?  125 LYS   A C   1 
ATOM   1506 O O   A LYS   A 1 116 ? 4.452   -4.987  -10.919 0.35 77.01  ?  125 LYS   A O   1 
ATOM   1507 O O   B LYS   A 1 116 ? 4.453   -4.988  -10.918 0.34 76.90  ?  125 LYS   A O   1 
ATOM   1508 O O   C LYS   A 1 116 ? 4.882   -4.995  -10.849 0.16 68.55  ?  125 LYS   A O   1 
ATOM   1509 O O   D LYS   A 1 116 ? 4.884   -4.997  -10.848 0.15 68.42  ?  125 LYS   A O   1 
ATOM   1510 C CB  A LYS   A 1 116 ? 2.881   -6.228  -8.673  0.35 61.02  ?  125 LYS   A CB  1 
ATOM   1511 C CB  B LYS   A 1 116 ? 2.881   -6.228  -8.673  0.34 61.06  ?  125 LYS   A CB  1 
ATOM   1512 C CB  C LYS   A 1 116 ? 3.082   -6.226  -9.055  0.16 60.49  ?  125 LYS   A CB  1 
ATOM   1513 C CB  D LYS   A 1 116 ? 3.082   -6.226  -9.055  0.15 60.53  ?  125 LYS   A CB  1 
HETATM 1514 C C01 C A1CS5 B 2 .   ? 7.562   -6.472  -6.666  0.16 30.10  ?  201 A1CS5 A C01 1 
HETATM 1515 C C01 D A1CS5 B 2 .   ? 7.564   -6.472  -6.670  0.15 30.10  ?  201 A1CS5 A C01 1 
HETATM 1516 C C02 C A1CS5 B 2 .   ? 6.195   -6.464  -6.025  0.16 30.12  ?  201 A1CS5 A C02 1 
HETATM 1517 C C02 D A1CS5 B 2 .   ? 6.197   -6.463  -6.029  0.15 30.13  ?  201 A1CS5 A C02 1 
HETATM 1518 O O03 C A1CS5 B 2 .   ? 5.579   -5.455  -5.794  0.16 29.85  ?  201 A1CS5 A O03 1 
HETATM 1519 O O03 D A1CS5 B 2 .   ? 5.580   -5.452  -5.800  0.15 29.86  ?  201 A1CS5 A O03 1 
HETATM 1520 N N04 C A1CS5 B 2 .   ? 5.701   -7.749  -5.710  0.16 30.04  ?  201 A1CS5 A N04 1 
HETATM 1521 N N04 D A1CS5 B 2 .   ? 5.703   -7.747  -5.711  0.15 30.06  ?  201 A1CS5 A N04 1 
HETATM 1522 C C05 C A1CS5 B 2 .   ? 4.431   -8.000  -5.128  0.16 31.06  ?  201 A1CS5 A C05 1 
HETATM 1523 C C05 D A1CS5 B 2 .   ? 4.433   -7.998  -5.130  0.15 31.06  ?  201 A1CS5 A C05 1 
HETATM 1524 C C06 C A1CS5 B 2 .   ? 3.734   -6.982  -4.385  0.16 31.92  ?  201 A1CS5 A C06 1 
HETATM 1525 C C06 D A1CS5 B 2 .   ? 3.735   -6.980  -4.387  0.15 31.89  ?  201 A1CS5 A C06 1 
HETATM 1526 C C07 C A1CS5 B 2 .   ? 2.481   -7.319  -3.868  0.16 30.54  ?  201 A1CS5 A C07 1 
HETATM 1527 C C07 D A1CS5 B 2 .   ? 2.482   -7.318  -3.871  0.15 30.57  ?  201 A1CS5 A C07 1 
HETATM 1528 C C08 C A1CS5 B 2 .   ? 1.966   -8.579  -4.080  0.16 31.01  ?  201 A1CS5 A C08 1 
HETATM 1529 C C08 D A1CS5 B 2 .   ? 1.968   -8.579  -4.082  0.15 31.02  ?  201 A1CS5 A C08 1 
HETATM 1530 C C09 C A1CS5 B 2 .   ? 2.762   -9.512  -4.822  0.16 31.48  ?  201 A1CS5 A C09 1 
HETATM 1531 C C09 D A1CS5 B 2 .   ? 2.762   -9.512  -4.824  0.15 31.48  ?  201 A1CS5 A C09 1 
HETATM 1532 N N10 C A1CS5 B 2 .   ? 3.963   -9.230  -5.334  0.16 31.17  ?  201 A1CS5 A N10 1 
HETATM 1533 N N10 D A1CS5 B 2 .   ? 3.964   -9.228  -5.337  0.15 31.18  ?  201 A1CS5 A N10 1 
HETATM 1534 N N11 C A1CS5 B 2 .   ? 2.305   -10.827 -5.070  0.16 31.90  ?  201 A1CS5 A N11 1 
HETATM 1535 N N11 D A1CS5 B 2 .   ? 2.306   -10.827 -5.072  0.15 31.91  ?  201 A1CS5 A N11 1 
HETATM 1536 C C12 C A1CS5 B 2 .   ? 1.271   -11.511 -4.394  0.16 34.27  ?  201 A1CS5 A C12 1 
HETATM 1537 C C12 D A1CS5 B 2 .   ? 1.270   -11.510 -4.398  0.15 34.19  ?  201 A1CS5 A C12 1 
HETATM 1538 O O13 C A1CS5 B 2 .   ? 0.595   -11.037 -3.507  0.16 32.09  ?  201 A1CS5 A O13 1 
HETATM 1539 O O13 D A1CS5 B 2 .   ? 0.594   -11.036 -3.511  0.15 32.10  ?  201 A1CS5 A O13 1 
HETATM 1540 C C14 C A1CS5 B 2 .   ? 1.074   -12.923 -4.926  0.16 33.32  ?  201 A1CS5 A C14 1 
HETATM 1541 C C14 D A1CS5 B 2 .   ? 1.073   -12.922 -4.929  0.15 33.31  ?  201 A1CS5 A C14 1 
HETATM 1542 O O   . HOH   C 3 .   ? -10.424 0.843   -11.396 1.00 63.51  ?  301 HOH   A O   1 
HETATM 1543 O O   . HOH   C 3 .   ? -7.786  -9.278  8.172   0.50 47.94  ?  302 HOH   A O   1 
HETATM 1544 O O   . HOH   C 3 .   ? -2.217  -7.570  0.911   1.00 44.37  ?  303 HOH   A O   1 
HETATM 1545 O O   . HOH   C 3 .   ? -9.514  5.534   -14.974 0.50 93.13  ?  304 HOH   A O   1 
HETATM 1546 O O   . HOH   C 3 .   ? -6.948  -9.365  3.836   1.00 61.94  ?  305 HOH   A O   1 
HETATM 1547 O O   . HOH   C 3 .   ? -9.778  7.081   8.311   1.00 47.80  ?  306 HOH   A O   1 
HETATM 1548 O O   . HOH   C 3 .   ? -10.716 3.092   0.563   1.00 48.15  ?  307 HOH   A O   1 
HETATM 1549 O O   . HOH   C 3 .   ? -2.776  9.581   16.899  1.00 48.46  ?  308 HOH   A O   1 
HETATM 1550 O O   A HOH   C 3 .   ? 4.193   -1.935  -7.208  0.35 50.24  ?  309 HOH   A O   1 
HETATM 1551 O O   B HOH   C 3 .   ? 4.192   -1.937  -7.205  0.34 50.30  ?  309 HOH   A O   1 
HETATM 1552 O O   . HOH   C 3 .   ? 0.059   16.102  2.287   1.00 67.68  ?  310 HOH   A O   1 
HETATM 1553 O O   . HOH   C 3 .   ? 7.732   5.416   9.627   1.00 46.72  ?  311 HOH   A O   1 
HETATM 1554 O O   . HOH   C 3 .   ? 2.591   13.352  9.249   1.00 46.50  ?  312 HOH   A O   1 
HETATM 1555 O O   . HOH   C 3 .   ? 2.776   14.829  12.507  1.00 57.79  ?  313 HOH   A O   1 
HETATM 1556 O O   . HOH   C 3 .   ? 12.246  -0.760  6.987   1.00 51.17  ?  314 HOH   A O   1 
HETATM 1557 O O   . HOH   C 3 .   ? 15.586  4.552   4.083   1.00 41.17  ?  315 HOH   A O   1 
HETATM 1558 O O   . HOH   C 3 .   ? 0.718   -1.049  12.605  1.00 25.45  ?  316 HOH   A O   1 
HETATM 1559 O O   . HOH   C 3 .   ? -5.420  13.904  6.542   1.00 43.06  ?  317 HOH   A O   1 
HETATM 1560 O O   . HOH   C 3 .   ? -9.143  -10.572 -2.225  1.00 59.18  ?  318 HOH   A O   1 
HETATM 1561 O O   . HOH   C 3 .   ? 10.476  14.968  -1.097  1.00 44.80  ?  319 HOH   A O   1 
HETATM 1562 O O   . HOH   C 3 .   ? 2.566   6.757   6.965   1.00 26.51  ?  320 HOH   A O   1 
HETATM 1563 O O   . HOH   C 3 .   ? 10.944  -9.254  -2.238  1.00 62.95  ?  321 HOH   A O   1 
HETATM 1564 O O   . HOH   C 3 .   ? -12.962 -1.774  -3.730  1.00 55.81  ?  322 HOH   A O   1 
HETATM 1565 O O   . HOH   C 3 .   ? 17.468  6.406   -6.134  1.00 62.58  ?  323 HOH   A O   1 
HETATM 1566 O O   . HOH   C 3 .   ? 4.052   15.727  2.653   1.00 43.35  ?  324 HOH   A O   1 
HETATM 1567 O O   . HOH   C 3 .   ? 1.392   13.042  -7.912  1.00 40.32  ?  325 HOH   A O   1 
HETATM 1568 O O   . HOH   C 3 .   ? -1.496  14.236  0.020   1.00 57.06  ?  326 HOH   A O   1 
HETATM 1569 O O   . HOH   C 3 .   ? -8.522  -0.316  13.441  1.00 34.50  ?  327 HOH   A O   1 
HETATM 1570 O O   . HOH   C 3 .   ? -4.945  -9.267  16.780  1.00 59.55  ?  328 HOH   A O   1 
HETATM 1571 O O   . HOH   C 3 .   ? -6.922  11.912  -4.355  1.00 51.51  ?  329 HOH   A O   1 
HETATM 1572 O O   . HOH   C 3 .   ? -12.642 -9.316  1.562   1.00 58.57  ?  330 HOH   A O   1 
HETATM 1573 O O   A HOH   C 3 .   ? 11.621  1.409   -3.810  0.35 40.74  ?  331 HOH   A O   1 
HETATM 1574 O O   B HOH   C 3 .   ? 11.618  1.407   -3.806  0.34 40.67  ?  331 HOH   A O   1 
HETATM 1575 O O   C HOH   C 3 .   ? 11.427  1.339   -3.651  0.16 48.69  ?  331 HOH   A O   1 
HETATM 1576 O O   D HOH   C 3 .   ? 11.490  1.366   -3.771  0.15 48.73  ?  331 HOH   A O   1 
HETATM 1577 O O   . HOH   C 3 .   ? 14.214  -1.419  4.698   1.00 90.27  ?  332 HOH   A O   1 
HETATM 1578 O O   . HOH   C 3 .   ? -2.441  -6.937  3.485   1.00 32.37  ?  333 HOH   A O   1 
HETATM 1579 O O   . HOH   C 3 .   ? -8.995  7.518   1.623   1.00 54.75  ?  334 HOH   A O   1 
HETATM 1580 O O   A HOH   C 3 .   ? -4.200  -11.952 -8.027  0.35 35.72  ?  335 HOH   A O   1 
HETATM 1581 O O   B HOH   C 3 .   ? -4.194  -11.954 -8.026  0.34 35.54  ?  335 HOH   A O   1 
HETATM 1582 O O   C HOH   C 3 .   ? -3.686  -12.059 -7.809  0.16 30.79  ?  335 HOH   A O   1 
HETATM 1583 O O   D HOH   C 3 .   ? -3.696  -12.065 -7.817  0.15 31.02  ?  335 HOH   A O   1 
HETATM 1584 O O   . HOH   C 3 .   ? 2.529   5.361   4.665   1.00 27.12  ?  336 HOH   A O   1 
HETATM 1585 O O   . HOH   C 3 .   ? -3.333  -8.164  6.922   1.00 46.77  ?  337 HOH   A O   1 
HETATM 1586 O O   . HOH   C 3 .   ? 14.519  7.678   -1.340  1.00 51.42  ?  338 HOH   A O   1 
HETATM 1587 O O   . HOH   C 3 .   ? 7.122   6.402   7.302   1.00 35.51  ?  339 HOH   A O   1 
HETATM 1588 O O   . HOH   C 3 .   ? -9.601  4.328   8.137   1.00 31.55  ?  340 HOH   A O   1 
HETATM 1589 O O   . HOH   C 3 .   ? 15.821  4.373   11.330  1.00 50.99  ?  341 HOH   A O   1 
HETATM 1590 O O   . HOH   C 3 .   ? -4.319  -1.084  18.304  1.00 45.41  ?  342 HOH   A O   1 
HETATM 1591 O O   . HOH   C 3 .   ? -3.776  6.226   19.588  1.00 57.93  ?  343 HOH   A O   1 
HETATM 1592 O O   . HOH   C 3 .   ? 3.294   -6.027  9.385   1.00 62.09  ?  344 HOH   A O   1 
HETATM 1593 O O   . HOH   C 3 .   ? -14.159 -3.248  13.881  1.00 45.45  ?  345 HOH   A O   1 
HETATM 1594 O O   . HOH   C 3 .   ? 5.252   4.892   4.981   1.00 30.08  ?  346 HOH   A O   1 
HETATM 1595 O O   . HOH   C 3 .   ? -0.404  8.003   -14.387 1.00 53.50  ?  347 HOH   A O   1 
HETATM 1596 O O   . HOH   C 3 .   ? -9.221  6.705   10.887  1.00 44.12  ?  348 HOH   A O   1 
HETATM 1597 O O   . HOH   C 3 .   ? -12.221 -13.271 -14.654 1.00 77.75  ?  349 HOH   A O   1 
HETATM 1598 O O   . HOH   C 3 .   ? -8.898  4.061   -16.944 1.00 64.55  ?  350 HOH   A O   1 
HETATM 1599 O O   . HOH   C 3 .   ? 6.746   12.129  9.863   1.00 56.24  ?  351 HOH   A O   1 
HETATM 1600 O O   . HOH   C 3 .   ? 2.106   0.623   -8.065  1.00 46.10  ?  352 HOH   A O   1 
HETATM 1601 O O   . HOH   C 3 .   ? -3.642  12.149  -7.477  1.00 51.22  ?  353 HOH   A O   1 
HETATM 1602 O O   . HOH   C 3 .   ? -7.538  -2.807  16.938  1.00 37.25  ?  354 HOH   A O   1 
HETATM 1603 O O   . HOH   C 3 .   ? 13.414  10.092  0.428   1.00 41.34  ?  355 HOH   A O   1 
HETATM 1604 O O   . HOH   C 3 .   ? -3.719  12.317  18.069  1.00 64.10  ?  356 HOH   A O   1 
HETATM 1605 O O   . HOH   C 3 .   ? -1.277  3.664   18.415  1.00 51.15  ?  357 HOH   A O   1 
HETATM 1606 O O   . HOH   C 3 .   ? -15.734 -4.557  4.139   1.00 45.38  ?  358 HOH   A O   1 
HETATM 1607 O O   . HOH   C 3 .   ? -13.937 -3.272  -1.659  1.00 44.83  ?  359 HOH   A O   1 
HETATM 1608 O O   . HOH   C 3 .   ? -3.949  11.812  20.612  1.00 41.50  ?  360 HOH   A O   1 
HETATM 1609 O O   . HOH   C 3 .   ? 9.284   -6.352  5.195   1.00 52.59  ?  361 HOH   A O   1 
HETATM 1610 O O   . HOH   C 3 .   ? -0.034  -13.105 6.481   1.00 69.38  ?  362 HOH   A O   1 
HETATM 1611 O O   . HOH   C 3 .   ? -12.631 4.165   7.614   1.00 48.35  ?  363 HOH   A O   1 
HETATM 1612 O O   . HOH   C 3 .   ? -1.327  12.402  -8.885  1.00 52.84  ?  364 HOH   A O   1 
HETATM 1613 O O   . HOH   C 3 .   ? -9.229  6.642   14.766  1.00 35.53  ?  365 HOH   A O   1 
HETATM 1614 O O   . HOH   C 3 .   ? -7.261  -11.933 -2.597  1.00 52.09  ?  366 HOH   A O   1 
HETATM 1615 O O   . HOH   C 3 .   ? 4.834   4.326   14.729  1.00 42.74  ?  367 HOH   A O   1 
HETATM 1616 O O   . HOH   C 3 .   ? -11.696 -1.827  15.395  1.00 66.60  ?  368 HOH   A O   1 
HETATM 1617 O O   . HOH   C 3 .   ? 6.626   3.759   13.937  1.00 49.70  ?  369 HOH   A O   1 
HETATM 1618 O O   . HOH   C 3 .   ? -4.433  -8.846  3.763   1.00 47.14  ?  370 HOH   A O   1 
HETATM 1619 O O   . HOH   C 3 .   ? 2.560   5.712   -9.743  1.00 63.31  ?  371 HOH   A O   1 
HETATM 1620 O O   A HOH   C 3 .   ? -0.032  16.812  -1.109  0.35 58.07  ?  372 HOH   A O   1 
HETATM 1621 O O   B HOH   C 3 .   ? -0.029  16.815  -1.110  0.34 58.10  ?  372 HOH   A O   1 
HETATM 1622 O O   C HOH   C 3 .   ? 0.060   13.618  1.684   0.16 150.89 ?  372 HOH   A O   1 
HETATM 1623 O O   D HOH   C 3 .   ? 0.057   13.622  1.684   0.15 150.89 ?  372 HOH   A O   1 
HETATM 1624 O O   . HOH   C 3 .   ? 5.045   12.937  -10.390 1.00 64.91  ?  373 HOH   A O   1 
HETATM 1625 O O   A HOH   C 3 .   ? 10.057  20.127  -0.429  0.50 83.77  ?  374 HOH   A O   1 
HETATM 1626 O O   B HOH   C 3 .   ? 10.057  20.127  -0.429  0.50 83.77  ?  374 HOH   A O   1 
HETATM 1627 O O   . HOH   C 3 .   ? 16.866  7.907   -0.268  1.00 63.10  ?  375 HOH   A O   1 
HETATM 1628 O O   A HOH   C 3 .   ? 3.320   -5.876  -4.340  0.35 103.59 ?  376 HOH   A O   1 
HETATM 1629 O O   B HOH   C 3 .   ? 3.311   -5.871  -4.336  0.34 103.61 ?  376 HOH   A O   1 
HETATM 1630 O O   . HOH   C 3 .   ? 13.474  11.959  -1.763  1.00 65.85  ?  377 HOH   A O   1 
HETATM 1631 O O   . HOH   C 3 .   ? -1.488  -9.187  10.888  1.00 42.87  ?  378 HOH   A O   1 
HETATM 1632 O O   . HOH   C 3 .   ? 14.711  11.093  2.651   1.00 66.92  ?  379 HOH   A O   1 
HETATM 1633 O O   . HOH   C 3 .   ? -5.087  17.354  7.230   1.00 60.80  ?  380 HOH   A O   1 
HETATM 1634 O O   . HOH   C 3 .   ? 0.859   4.291   19.274  1.00 67.35  ?  381 HOH   A O   1 
# 
